data_2XCU
#
_entry.id   2XCU
#
_cell.length_a   131.770
_cell.length_b   44.670
_cell.length_c   143.640
_cell.angle_alpha   90.00
_cell.angle_beta   97.15
_cell.angle_gamma   90.00
#
_symmetry.space_group_name_H-M   'P 1 21 1'
#
loop_
_entity.id
_entity.type
_entity.pdbx_description
1 polymer '3-DEOXY-D-MANNO-2-OCTULOSONIC ACID TRANSFERASE'
2 non-polymer "CYTIDINE-5'-MONOPHOSPHATE"
3 non-polymer 'PENTAETHYLENE GLYCOL'
4 non-polymer 'CITRIC ACID'
5 non-polymer BETA-MERCAPTOETHANOL
6 non-polymer 'CHLORIDE ION'
7 water water
#
_entity_poly.entity_id   1
_entity_poly.type   'polypeptide(L)'
_entity_poly.pdbx_seq_one_letter_code
;MGHHHHHHHHHHSSGHIEGRHMQFEVLKRFFPKESLKNCKGALWVHTASIGEFNTFLPILKELKREHRILLTYFSPRARE
YLKTKSDFYDCLHPLPLDNPFSVKRFEELSKPKALIVVEREFWPSLIIFTKVPKILVNAYAKGSLIEKILSKKFDLIIMR
TQEDVEKFKTFGAKRVFSCGNLKFICQKGKGIKLKGEFIVAGSIHTGEVEIILKAFKEIKKTYSSLKLILVPRHIENAKI
FEKKARDFGFKTSFFENLEGDVILVDRFGILKELYPVGKIAIVGGTFVNIGGHNLLEPTCWGIPVIYGPYTHKVNDLKEF
LEKEGAGFEVKNETELVTKLTELLSVKKEIKVEEKSREIKGCYLEKLREFLRGL
;
_entity_poly.pdbx_strand_id   A,B,C,D
#
loop_
_chem_comp.id
_chem_comp.type
_chem_comp.name
_chem_comp.formula
1PE non-polymer 'PENTAETHYLENE GLYCOL' 'C10 H22 O6'
BME non-polymer BETA-MERCAPTOETHANOL 'C2 H6 O S'
C5P non-polymer CYTIDINE-5'-MONOPHOSPHATE 'C9 H14 N3 O8 P'
CIT non-polymer 'CITRIC ACID' 'C6 H8 O7'
CL non-polymer 'CHLORIDE ION' 'Cl -1'
#
# COMPACT_ATOMS: atom_id res chain seq x y z
N HIS A 21 -8.05 -41.96 4.03
CA HIS A 21 -8.70 -40.97 3.09
C HIS A 21 -7.82 -39.80 2.62
N MET A 22 -6.79 -39.46 3.40
CA MET A 22 -5.83 -38.46 2.94
C MET A 22 -4.85 -39.11 1.96
N GLN A 23 -4.31 -38.30 1.05
CA GLN A 23 -3.23 -38.75 0.22
C GLN A 23 -1.90 -38.43 0.88
N PHE A 24 -1.10 -39.45 1.13
CA PHE A 24 0.19 -39.21 1.76
C PHE A 24 1.28 -38.93 0.75
N GLU A 25 1.04 -39.31 -0.50
CA GLU A 25 1.93 -38.96 -1.62
C GLU A 25 3.37 -39.45 -1.39
N VAL A 26 3.48 -40.69 -0.90
CA VAL A 26 4.79 -41.23 -0.50
C VAL A 26 5.69 -41.47 -1.72
N LEU A 27 5.09 -42.00 -2.75
CA LEU A 27 5.80 -42.34 -3.96
C LEU A 27 6.37 -41.07 -4.59
N LYS A 28 5.59 -39.99 -4.65
CA LYS A 28 6.06 -38.68 -5.14
C LYS A 28 7.16 -38.07 -4.27
N ARG A 29 6.99 -38.12 -2.95
CA ARG A 29 8.01 -37.64 -2.06
C ARG A 29 9.34 -38.39 -2.29
N PHE A 30 9.28 -39.72 -2.51
CA PHE A 30 10.44 -40.61 -2.72
C PHE A 30 11.04 -40.47 -4.16
N PHE A 31 10.15 -40.34 -5.13
CA PHE A 31 10.58 -40.22 -6.49
C PHE A 31 9.79 -39.09 -7.09
N PRO A 32 10.23 -37.83 -6.89
CA PRO A 32 9.45 -36.66 -7.38
C PRO A 32 9.06 -36.72 -8.85
N LYS A 33 7.90 -36.16 -9.14
CA LYS A 33 7.27 -36.19 -10.48
C LYS A 33 8.16 -35.67 -11.62
N GLU A 34 8.24 -36.45 -12.70
CA GLU A 34 8.90 -35.98 -13.93
C GLU A 34 8.43 -34.60 -14.42
N SER A 35 7.15 -34.29 -14.21
CA SER A 35 6.60 -33.02 -14.68
C SER A 35 7.11 -31.77 -13.96
N LEU A 36 7.81 -31.93 -12.81
CA LEU A 36 8.55 -30.82 -12.19
C LEU A 36 9.49 -30.16 -13.18
N LYS A 37 9.99 -30.95 -14.11
CA LYS A 37 10.74 -30.50 -15.28
C LYS A 37 10.06 -29.32 -16.02
N ASN A 38 8.73 -29.21 -15.96
CA ASN A 38 8.03 -28.09 -16.64
C ASN A 38 7.97 -26.87 -15.74
N CYS A 39 8.66 -26.97 -14.61
CA CYS A 39 8.68 -25.86 -13.69
C CYS A 39 10.07 -25.25 -13.55
N LYS A 40 10.96 -25.58 -14.47
CA LYS A 40 12.38 -25.17 -14.46
C LYS A 40 12.55 -23.68 -14.14
N GLY A 41 13.44 -23.38 -13.20
CA GLY A 41 13.84 -22.01 -12.94
C GLY A 41 12.90 -21.26 -12.01
N ALA A 42 11.92 -21.96 -11.45
CA ALA A 42 11.00 -21.34 -10.49
C ALA A 42 11.65 -20.95 -9.14
N LEU A 43 11.00 -20.01 -8.45
CA LEU A 43 11.26 -19.74 -7.07
C LEU A 43 10.54 -20.81 -6.26
N TRP A 44 11.29 -21.55 -5.44
CA TRP A 44 10.77 -22.67 -4.64
C TRP A 44 10.47 -22.14 -3.22
N VAL A 45 9.20 -22.21 -2.84
CA VAL A 45 8.73 -21.83 -1.51
C VAL A 45 8.25 -23.08 -0.77
N HIS A 46 8.79 -23.28 0.43
CA HIS A 46 8.36 -24.41 1.22
C HIS A 46 7.55 -23.98 2.42
N THR A 47 6.28 -24.39 2.47
CA THR A 47 5.43 -24.10 3.60
C THR A 47 4.99 -25.44 4.22
N ALA A 48 5.47 -25.78 5.43
CA ALA A 48 5.20 -27.12 5.99
C ALA A 48 3.72 -27.49 5.89
N SER A 49 2.85 -26.56 6.23
CA SER A 49 1.44 -26.85 6.39
C SER A 49 0.66 -25.55 6.24
N ILE A 50 -0.63 -25.60 6.61
CA ILE A 50 -1.54 -24.48 6.47
C ILE A 50 -1.07 -23.21 7.21
N GLY A 51 -0.70 -23.35 8.49
CA GLY A 51 -0.15 -22.26 9.29
C GLY A 51 0.92 -21.47 8.56
N GLU A 52 1.91 -22.19 8.07
CA GLU A 52 3.06 -21.56 7.41
C GLU A 52 2.64 -20.86 6.11
N PHE A 53 1.71 -21.46 5.38
CA PHE A 53 1.30 -20.91 4.11
C PHE A 53 0.62 -19.57 4.34
N ASN A 54 -0.35 -19.56 5.27
CA ASN A 54 -1.07 -18.36 5.66
C ASN A 54 -0.13 -17.27 6.21
N THR A 55 0.77 -17.68 7.09
CA THR A 55 1.80 -16.76 7.54
C THR A 55 2.53 -16.04 6.37
N PHE A 56 2.98 -16.82 5.39
CA PHE A 56 3.79 -16.27 4.34
C PHE A 56 2.96 -15.65 3.19
N LEU A 57 1.65 -15.94 3.14
CA LEU A 57 0.85 -15.52 2.04
C LEU A 57 1.09 -14.04 1.63
N PRO A 58 1.20 -13.10 2.61
CA PRO A 58 1.38 -11.71 2.15
C PRO A 58 2.72 -11.43 1.39
N ILE A 59 3.76 -12.22 1.64
CA ILE A 59 4.99 -12.09 0.83
C ILE A 59 4.79 -12.82 -0.49
N LEU A 60 4.20 -14.00 -0.44
CA LEU A 60 4.00 -14.81 -1.64
C LEU A 60 3.19 -14.03 -2.69
N LYS A 61 2.03 -13.49 -2.30
CA LYS A 61 1.27 -12.51 -3.10
C LYS A 61 2.14 -11.59 -3.95
N GLU A 62 3.16 -10.96 -3.34
CA GLU A 62 4.04 -10.05 -4.05
C GLU A 62 5.12 -10.75 -4.87
N LEU A 63 5.64 -11.84 -4.36
CA LEU A 63 6.71 -12.50 -5.04
C LEU A 63 6.14 -13.17 -6.29
N LYS A 64 4.89 -13.62 -6.19
CA LYS A 64 4.20 -14.23 -7.31
C LYS A 64 4.26 -13.36 -8.59
N ARG A 65 4.34 -12.05 -8.43
CA ARG A 65 4.30 -11.14 -9.55
C ARG A 65 5.62 -11.07 -10.34
N GLU A 66 6.70 -11.50 -9.72
CA GLU A 66 8.03 -11.41 -10.32
C GLU A 66 8.66 -12.77 -10.61
N HIS A 67 7.99 -13.83 -10.20
CA HIS A 67 8.59 -15.14 -10.21
C HIS A 67 7.54 -16.17 -10.45
N ARG A 68 7.88 -17.16 -11.25
CA ARG A 68 7.20 -18.45 -11.18
C ARG A 68 7.43 -19.09 -9.79
N ILE A 69 6.38 -19.72 -9.25
CA ILE A 69 6.40 -20.31 -7.93
C ILE A 69 6.20 -21.83 -7.94
N LEU A 70 7.18 -22.50 -7.38
CA LEU A 70 7.12 -23.92 -7.08
C LEU A 70 6.85 -24.05 -5.58
N LEU A 71 5.62 -24.46 -5.25
CA LEU A 71 5.19 -24.58 -3.86
C LEU A 71 5.20 -26.01 -3.33
N THR A 72 5.98 -26.23 -2.28
CA THR A 72 5.98 -27.53 -1.59
C THR A 72 5.41 -27.40 -0.19
N TYR A 73 5.07 -28.52 0.42
CA TYR A 73 4.41 -28.58 1.74
C TYR A 73 4.80 -29.95 2.33
N PHE A 74 4.73 -30.07 3.64
CA PHE A 74 5.06 -31.33 4.25
C PHE A 74 3.82 -32.07 4.75
N SER A 75 2.88 -31.39 5.38
CA SER A 75 1.70 -32.06 5.90
C SER A 75 0.69 -32.48 4.81
N PRO A 76 0.26 -33.75 4.83
CA PRO A 76 -0.78 -34.23 3.91
C PRO A 76 -2.10 -33.46 4.10
N ARG A 77 -2.35 -32.94 5.30
CA ARG A 77 -3.43 -31.99 5.55
C ARG A 77 -3.37 -30.77 4.65
N ALA A 78 -2.17 -30.31 4.31
CA ALA A 78 -2.08 -29.09 3.51
C ALA A 78 -2.55 -29.22 2.06
N ARG A 79 -2.52 -30.42 1.50
CA ARG A 79 -2.75 -30.57 0.04
C ARG A 79 -4.10 -29.98 -0.39
N GLU A 80 -5.18 -30.43 0.22
CA GLU A 80 -6.51 -29.98 -0.19
C GLU A 80 -6.62 -28.47 -0.11
N TYR A 81 -6.21 -27.91 1.03
CA TYR A 81 -6.27 -26.47 1.22
C TYR A 81 -5.54 -25.75 0.11
N LEU A 82 -4.28 -26.13 -0.12
CA LEU A 82 -3.42 -25.46 -1.11
C LEU A 82 -3.91 -25.63 -2.55
N LYS A 83 -4.71 -26.66 -2.82
CA LYS A 83 -5.30 -26.83 -4.15
C LYS A 83 -6.26 -25.66 -4.47
N THR A 84 -6.85 -25.11 -3.42
CA THR A 84 -7.72 -23.94 -3.57
C THR A 84 -6.96 -22.62 -3.64
N LYS A 85 -5.63 -22.69 -3.71
CA LYS A 85 -4.83 -21.47 -3.66
C LYS A 85 -3.92 -21.36 -4.87
N SER A 86 -4.31 -22.07 -5.92
CA SER A 86 -3.61 -22.07 -7.23
C SER A 86 -3.38 -20.69 -7.86
N ASP A 87 -3.98 -19.64 -7.30
CA ASP A 87 -3.66 -18.29 -7.75
C ASP A 87 -2.29 -17.86 -7.26
N PHE A 88 -1.84 -18.47 -6.19
CA PHE A 88 -0.62 -18.05 -5.57
C PHE A 88 0.63 -18.85 -5.96
N TYR A 89 0.47 -19.86 -6.80
CA TYR A 89 1.61 -20.67 -7.26
C TYR A 89 1.44 -21.20 -8.70
N ASP A 90 2.54 -21.68 -9.26
CA ASP A 90 2.54 -22.25 -10.60
C ASP A 90 2.61 -23.77 -10.56
N CYS A 91 3.37 -24.31 -9.61
CA CYS A 91 3.48 -25.77 -9.43
C CYS A 91 3.33 -26.10 -7.96
N LEU A 92 2.75 -27.26 -7.73
CA LEU A 92 2.44 -27.73 -6.43
C LEU A 92 3.00 -29.14 -6.28
N HIS A 93 3.83 -29.37 -5.25
CA HIS A 93 4.41 -30.71 -5.08
C HIS A 93 4.75 -30.93 -3.64
N PRO A 94 4.55 -32.16 -3.12
CA PRO A 94 5.03 -32.44 -1.73
C PRO A 94 6.53 -32.38 -1.68
N LEU A 95 7.05 -31.93 -0.53
CA LEU A 95 8.45 -31.90 -0.22
C LEU A 95 8.96 -33.30 -0.43
N PRO A 96 10.09 -33.44 -1.10
CA PRO A 96 10.78 -34.73 -1.23
C PRO A 96 11.10 -35.35 0.13
N LEU A 97 11.10 -36.69 0.16
CA LEU A 97 11.51 -37.44 1.32
C LEU A 97 12.95 -37.05 1.75
N ASP A 98 13.29 -37.19 3.02
CA ASP A 98 14.62 -36.63 3.43
C ASP A 98 15.76 -37.66 3.25
N ASN A 99 16.05 -37.97 1.99
CA ASN A 99 17.16 -38.80 1.58
C ASN A 99 17.79 -38.12 0.39
N PRO A 100 19.11 -38.22 0.27
CA PRO A 100 19.88 -37.45 -0.70
C PRO A 100 19.39 -37.64 -2.13
N PHE A 101 19.00 -38.84 -2.49
CA PHE A 101 18.50 -39.10 -3.83
C PHE A 101 17.17 -38.45 -4.16
N SER A 102 16.22 -38.47 -3.23
CA SER A 102 14.92 -37.90 -3.42
C SER A 102 15.03 -36.37 -3.51
N VAL A 103 15.86 -35.81 -2.64
CA VAL A 103 16.12 -34.37 -2.58
C VAL A 103 16.78 -33.85 -3.90
N LYS A 104 17.79 -34.57 -4.34
CA LYS A 104 18.48 -34.24 -5.56
C LYS A 104 17.64 -34.50 -6.84
N ARG A 105 16.84 -35.56 -6.93
CA ARG A 105 15.99 -35.75 -8.12
C ARG A 105 15.03 -34.54 -8.25
N PHE A 106 14.45 -34.12 -7.10
CA PHE A 106 13.59 -32.93 -7.02
C PHE A 106 14.30 -31.70 -7.57
N GLU A 107 15.50 -31.47 -7.08
CA GLU A 107 16.32 -30.32 -7.49
C GLU A 107 16.70 -30.34 -8.99
N GLU A 108 17.11 -31.51 -9.44
CA GLU A 108 17.59 -31.72 -10.78
C GLU A 108 16.46 -31.43 -11.80
N LEU A 109 15.25 -31.85 -11.48
CA LEU A 109 14.12 -31.79 -12.39
C LEU A 109 13.64 -30.35 -12.51
N SER A 110 13.57 -29.68 -11.36
CA SER A 110 12.95 -28.35 -11.25
C SER A 110 13.90 -27.16 -11.37
N LYS A 111 15.20 -27.40 -11.19
CA LYS A 111 16.22 -26.35 -11.40
C LYS A 111 15.81 -25.01 -10.78
N PRO A 112 15.48 -25.01 -9.48
CA PRO A 112 15.01 -23.78 -8.84
C PRO A 112 16.10 -22.73 -8.70
N LYS A 113 15.73 -21.45 -8.64
CA LYS A 113 16.69 -20.38 -8.54
C LYS A 113 17.02 -20.07 -7.07
N ALA A 114 16.11 -20.41 -6.19
CA ALA A 114 16.21 -20.21 -4.74
C ALA A 114 15.11 -21.00 -4.06
N LEU A 115 15.34 -21.30 -2.80
CA LEU A 115 14.38 -21.98 -1.96
C LEU A 115 14.18 -21.12 -0.71
N ILE A 116 12.93 -20.76 -0.43
CA ILE A 116 12.61 -20.01 0.75
C ILE A 116 11.87 -20.98 1.65
N VAL A 117 12.46 -21.25 2.81
CA VAL A 117 11.87 -22.11 3.83
C VAL A 117 11.19 -21.22 4.86
N VAL A 118 9.87 -21.37 4.97
CA VAL A 118 9.11 -20.66 5.96
C VAL A 118 9.23 -21.28 7.37
N GLU A 119 9.82 -20.50 8.29
CA GLU A 119 9.77 -20.81 9.73
C GLU A 119 10.95 -21.67 10.28
N ARG A 120 11.09 -22.89 9.82
CA ARG A 120 12.12 -23.79 10.39
C ARG A 120 12.39 -25.01 9.50
N GLU A 121 11.51 -26.00 9.50
CA GLU A 121 11.72 -27.09 8.55
C GLU A 121 13.23 -27.41 8.42
N PHE A 122 13.89 -27.65 9.57
CA PHE A 122 15.25 -28.13 9.55
C PHE A 122 15.31 -29.58 9.08
N TRP A 123 15.02 -29.82 7.80
CA TRP A 123 15.25 -31.10 7.14
C TRP A 123 16.70 -31.26 6.70
N PRO A 124 17.47 -32.12 7.38
CA PRO A 124 18.91 -32.13 7.02
C PRO A 124 19.32 -32.62 5.63
N SER A 125 18.78 -33.74 5.12
CA SER A 125 19.16 -34.09 3.72
C SER A 125 18.73 -32.98 2.74
N LEU A 126 17.57 -32.39 2.94
CA LEU A 126 17.17 -31.20 2.20
C LEU A 126 18.23 -30.10 2.28
N ILE A 127 18.62 -29.75 3.48
CA ILE A 127 19.56 -28.63 3.63
C ILE A 127 20.94 -28.96 3.12
N ILE A 128 21.43 -30.15 3.44
CA ILE A 128 22.80 -30.57 3.10
C ILE A 128 23.01 -30.90 1.62
N PHE A 129 22.02 -31.53 0.98
CA PHE A 129 22.27 -32.09 -0.36
C PHE A 129 21.84 -31.24 -1.57
N THR A 130 20.99 -30.23 -1.37
CA THR A 130 20.65 -29.36 -2.44
C THR A 130 21.67 -28.25 -2.62
N LYS A 131 21.90 -27.83 -3.87
CA LYS A 131 22.82 -26.74 -4.21
C LYS A 131 22.11 -25.42 -4.25
N VAL A 132 20.80 -25.44 -4.46
CA VAL A 132 20.00 -24.24 -4.54
C VAL A 132 20.29 -23.28 -3.36
N PRO A 133 20.49 -21.97 -3.68
CA PRO A 133 20.59 -20.97 -2.61
C PRO A 133 19.34 -21.04 -1.73
N LYS A 134 19.54 -21.02 -0.41
CA LYS A 134 18.47 -21.32 0.56
C LYS A 134 18.24 -20.10 1.39
N ILE A 135 16.97 -19.76 1.62
CA ILE A 135 16.60 -18.64 2.44
C ILE A 135 15.67 -19.12 3.51
N LEU A 136 15.95 -18.71 4.76
CA LEU A 136 15.11 -19.07 5.91
C LEU A 136 14.38 -17.80 6.42
N VAL A 137 13.04 -17.90 6.59
CA VAL A 137 12.26 -16.71 7.00
C VAL A 137 11.43 -16.92 8.23
N ASN A 138 11.32 -15.86 9.05
CA ASN A 138 10.58 -15.89 10.34
C ASN A 138 11.20 -16.81 11.37
N ALA A 139 12.49 -17.05 11.28
CA ALA A 139 13.08 -18.05 12.18
C ALA A 139 13.27 -17.47 13.60
N TYR A 140 13.40 -18.35 14.58
CA TYR A 140 13.83 -17.92 15.93
C TYR A 140 14.95 -18.87 16.35
N ALA A 141 15.69 -18.53 17.39
CA ALA A 141 16.76 -19.39 17.83
C ALA A 141 16.31 -20.22 18.99
N LYS A 142 16.59 -21.51 18.91
CA LYS A 142 16.35 -22.38 20.03
C LYS A 142 17.62 -22.79 20.75
N GLY A 143 18.78 -22.54 20.12
CA GLY A 143 20.09 -22.70 20.76
C GLY A 143 20.62 -24.12 20.69
N SER A 144 20.00 -24.94 19.84
CA SER A 144 20.29 -26.37 19.83
C SER A 144 21.38 -26.76 18.81
N LEU A 145 21.91 -27.96 18.96
CA LEU A 145 23.01 -28.39 18.12
C LEU A 145 22.66 -28.46 16.60
N ILE A 146 21.52 -29.02 16.25
CA ILE A 146 21.12 -29.07 14.87
C ILE A 146 21.10 -27.68 14.28
N GLU A 147 20.72 -26.69 15.07
CA GLU A 147 20.79 -25.30 14.64
C GLU A 147 22.22 -24.83 14.36
N LYS A 148 23.18 -25.19 15.22
CA LYS A 148 24.57 -24.77 14.99
C LYS A 148 24.99 -25.32 13.63
N ILE A 149 24.62 -26.57 13.35
CA ILE A 149 25.08 -27.24 12.15
C ILE A 149 24.42 -26.70 10.88
N LEU A 150 23.11 -26.56 10.89
CA LEU A 150 22.40 -26.34 9.65
C LEU A 150 22.26 -24.86 9.33
N SER A 151 22.25 -24.02 10.34
CA SER A 151 21.91 -22.64 10.10
C SER A 151 22.83 -21.97 9.08
N LYS A 152 24.12 -22.27 9.13
CA LYS A 152 25.12 -21.73 8.19
C LYS A 152 24.99 -22.19 6.75
N LYS A 153 24.14 -23.19 6.52
CA LYS A 153 23.98 -23.65 5.17
C LYS A 153 22.94 -22.81 4.43
N PHE A 154 22.30 -21.89 5.14
CA PHE A 154 21.40 -20.91 4.56
C PHE A 154 22.19 -19.69 4.07
N ASP A 155 21.88 -19.21 2.88
CA ASP A 155 22.54 -18.04 2.32
C ASP A 155 21.99 -16.73 2.87
N LEU A 156 20.73 -16.76 3.28
CA LEU A 156 20.11 -15.63 3.94
C LEU A 156 19.12 -16.17 5.00
N ILE A 157 19.25 -15.65 6.22
CA ILE A 157 18.32 -15.90 7.30
C ILE A 157 17.63 -14.61 7.84
N ILE A 158 16.30 -14.64 7.92
CA ILE A 158 15.53 -13.51 8.41
C ILE A 158 14.71 -13.98 9.59
N MET A 159 15.02 -13.40 10.75
CA MET A 159 14.54 -13.88 12.04
C MET A 159 13.53 -12.94 12.64
N ARG A 160 12.88 -13.39 13.71
CA ARG A 160 11.85 -12.63 14.43
C ARG A 160 12.39 -11.46 15.24
N THR A 161 13.40 -11.73 16.06
CA THR A 161 13.98 -10.72 16.95
C THR A 161 15.48 -10.57 16.73
N GLN A 162 16.02 -9.43 17.17
CA GLN A 162 17.47 -9.16 17.15
C GLN A 162 18.21 -10.10 18.13
N GLU A 163 17.53 -10.51 19.20
CA GLU A 163 18.05 -11.55 20.07
C GLU A 163 18.36 -12.85 19.29
N ASP A 164 17.38 -13.31 18.50
CA ASP A 164 17.55 -14.50 17.66
C ASP A 164 18.70 -14.30 16.65
N VAL A 165 18.75 -13.11 16.03
CA VAL A 165 19.84 -12.78 15.09
C VAL A 165 21.19 -12.95 15.80
N GLU A 166 21.28 -12.44 17.01
CA GLU A 166 22.47 -12.57 17.83
C GLU A 166 22.94 -13.99 17.88
N LYS A 167 22.08 -14.89 18.38
CA LYS A 167 22.43 -16.30 18.56
C LYS A 167 22.98 -16.97 17.31
N PHE A 168 22.29 -16.78 16.18
CA PHE A 168 22.74 -17.32 14.90
C PHE A 168 24.04 -16.74 14.40
N LYS A 169 24.31 -15.48 14.75
CA LYS A 169 25.58 -14.81 14.39
C LYS A 169 26.74 -15.60 14.98
N THR A 170 26.62 -15.93 16.28
CA THR A 170 27.60 -16.74 17.00
C THR A 170 27.63 -18.19 16.46
N PHE A 171 26.68 -18.56 15.61
CA PHE A 171 26.75 -19.84 14.89
C PHE A 171 27.47 -19.71 13.53
N GLY A 172 28.01 -18.52 13.25
CA GLY A 172 28.72 -18.25 12.02
C GLY A 172 27.81 -18.23 10.81
N ALA A 173 26.55 -17.88 11.03
CA ALA A 173 25.69 -17.53 9.90
C ALA A 173 26.08 -16.14 9.43
N LYS A 174 26.29 -16.02 8.13
CA LYS A 174 26.48 -14.73 7.48
C LYS A 174 25.11 -14.42 6.90
N ARG A 175 24.82 -13.14 6.67
CA ARG A 175 23.50 -12.76 6.19
C ARG A 175 22.34 -13.25 7.12
N VAL A 176 22.28 -12.65 8.29
CA VAL A 176 21.22 -12.81 9.29
C VAL A 176 20.68 -11.43 9.72
N PHE A 177 19.41 -11.17 9.41
CA PHE A 177 18.74 -9.94 9.83
C PHE A 177 17.46 -10.27 10.59
N SER A 178 16.92 -9.24 11.24
CA SER A 178 15.67 -9.32 11.95
C SER A 178 14.64 -8.43 11.27
N CYS A 179 13.51 -9.00 10.86
CA CYS A 179 12.43 -8.19 10.30
C CYS A 179 11.16 -8.15 11.17
N GLY A 180 11.17 -8.91 12.25
CA GLY A 180 9.99 -9.05 13.07
C GLY A 180 9.30 -10.34 12.76
N ASN A 181 8.13 -10.54 13.38
CA ASN A 181 7.36 -11.73 13.21
C ASN A 181 6.32 -11.55 12.10
N LEU A 182 6.45 -12.35 11.03
CA LEU A 182 5.50 -12.37 9.89
C LEU A 182 4.06 -12.62 10.33
N LYS A 183 3.89 -13.37 11.43
CA LYS A 183 2.53 -13.63 11.96
C LYS A 183 1.79 -12.37 12.41
N PHE A 184 2.50 -11.25 12.54
CA PHE A 184 1.83 -10.00 12.89
C PHE A 184 1.50 -9.13 11.69
N ILE A 185 1.47 -9.73 10.51
CA ILE A 185 1.06 -8.97 9.34
C ILE A 185 -0.44 -9.02 9.27
N CYS A 186 -1.04 -7.84 9.15
CA CYS A 186 -2.48 -7.66 8.98
C CYS A 186 -2.99 -8.09 7.61
N GLN A 187 -4.09 -8.82 7.58
CA GLN A 187 -4.77 -9.13 6.32
C GLN A 187 -6.24 -8.84 6.55
N LYS A 188 -6.62 -7.57 6.37
CA LYS A 188 -7.86 -7.02 6.93
C LYS A 188 -9.11 -7.34 6.12
N GLY A 189 -9.00 -7.33 4.80
CA GLY A 189 -10.19 -7.45 3.98
C GLY A 189 -10.91 -6.13 3.85
N LYS A 190 -12.24 -6.18 3.82
CA LYS A 190 -13.00 -5.00 3.40
C LYS A 190 -13.46 -4.06 4.51
N GLY A 191 -14.09 -4.60 5.54
CA GLY A 191 -14.52 -3.78 6.66
C GLY A 191 -15.95 -3.32 6.50
N ILE A 192 -16.83 -3.82 7.36
CA ILE A 192 -18.24 -3.44 7.39
C ILE A 192 -18.44 -2.06 8.05
N LYS A 193 -19.56 -1.42 7.73
CA LYS A 193 -19.93 -0.15 8.34
C LYS A 193 -21.37 -0.12 8.81
N LEU A 194 -21.56 0.30 10.06
CA LEU A 194 -22.87 0.34 10.67
C LEU A 194 -23.07 1.67 11.40
N LYS A 195 -24.29 2.20 11.34
CA LYS A 195 -24.66 3.36 12.15
C LYS A 195 -24.78 2.86 13.59
N GLY A 196 -24.04 3.47 14.51
CA GLY A 196 -24.19 3.14 15.93
C GLY A 196 -22.88 3.17 16.68
N GLU A 197 -22.97 2.91 17.98
CA GLU A 197 -21.84 2.85 18.88
C GLU A 197 -21.76 1.40 19.38
N PHE A 198 -20.62 0.74 19.16
CA PHE A 198 -20.48 -0.70 19.41
C PHE A 198 -19.21 -1.12 20.15
N ILE A 199 -19.36 -2.19 20.92
CA ILE A 199 -18.27 -3.03 21.38
C ILE A 199 -18.47 -4.30 20.55
N VAL A 200 -17.39 -4.97 20.14
CA VAL A 200 -17.49 -6.28 19.47
C VAL A 200 -16.81 -7.38 20.27
N ALA A 201 -17.59 -8.39 20.63
CA ALA A 201 -17.10 -9.55 21.37
C ALA A 201 -17.06 -10.75 20.40
N GLY A 202 -15.85 -11.25 20.16
CA GLY A 202 -15.59 -12.25 19.11
C GLY A 202 -15.02 -13.55 19.60
N SER A 203 -15.51 -14.63 18.98
CA SER A 203 -15.14 -16.00 19.28
C SER A 203 -15.36 -16.27 20.76
N ILE A 204 -16.54 -15.91 21.23
CA ILE A 204 -16.90 -16.07 22.61
C ILE A 204 -17.40 -17.49 22.79
N HIS A 205 -16.93 -18.13 23.85
CA HIS A 205 -17.40 -19.44 24.21
C HIS A 205 -18.52 -19.34 25.24
N THR A 206 -19.26 -20.44 25.36
CA THR A 206 -20.37 -20.61 26.28
C THR A 206 -19.97 -20.24 27.69
N GLY A 207 -18.80 -20.71 28.13
CA GLY A 207 -18.33 -20.45 29.48
C GLY A 207 -17.81 -19.04 29.71
N GLU A 208 -17.87 -18.20 28.68
CA GLU A 208 -17.42 -16.82 28.76
C GLU A 208 -18.57 -15.84 28.63
N VAL A 209 -19.72 -16.28 28.13
CA VAL A 209 -20.80 -15.35 27.81
C VAL A 209 -21.28 -14.62 29.03
N GLU A 210 -21.32 -15.29 30.17
CA GLU A 210 -21.88 -14.63 31.34
C GLU A 210 -21.04 -13.42 31.78
N ILE A 211 -19.73 -13.61 31.95
CA ILE A 211 -18.89 -12.51 32.37
C ILE A 211 -18.90 -11.32 31.38
N ILE A 212 -19.03 -11.60 30.08
CA ILE A 212 -19.14 -10.52 29.10
C ILE A 212 -20.48 -9.78 29.25
N LEU A 213 -21.58 -10.52 29.36
CA LEU A 213 -22.89 -9.87 29.57
C LEU A 213 -22.97 -9.11 30.90
N LYS A 214 -22.47 -9.67 31.99
CA LYS A 214 -22.38 -8.97 33.27
C LYS A 214 -21.58 -7.67 33.18
N ALA A 215 -20.43 -7.71 32.54
CA ALA A 215 -19.65 -6.52 32.38
C ALA A 215 -20.34 -5.48 31.49
N PHE A 216 -20.93 -5.92 30.38
CA PHE A 216 -21.61 -5.02 29.45
C PHE A 216 -22.79 -4.35 30.11
N LYS A 217 -23.47 -5.10 31.00
CA LYS A 217 -24.62 -4.58 31.77
C LYS A 217 -24.23 -3.45 32.72
N GLU A 218 -23.20 -3.71 33.52
CA GLU A 218 -22.57 -2.70 34.35
C GLU A 218 -22.10 -1.47 33.55
N ILE A 219 -21.59 -1.69 32.33
CA ILE A 219 -21.14 -0.62 31.42
C ILE A 219 -22.32 0.23 30.87
N LYS A 220 -23.43 -0.42 30.54
CA LYS A 220 -24.58 0.24 29.95
C LYS A 220 -25.31 1.25 30.83
N LYS A 221 -25.05 1.20 32.14
CA LYS A 221 -25.56 2.16 33.10
C LYS A 221 -25.05 3.57 32.78
N THR A 222 -23.80 3.63 32.35
CA THR A 222 -23.13 4.87 31.97
C THR A 222 -23.22 5.15 30.46
N TYR A 223 -23.08 4.12 29.64
CA TYR A 223 -23.14 4.31 28.20
C TYR A 223 -24.40 3.63 27.67
N SER A 224 -25.48 4.40 27.58
CA SER A 224 -26.77 3.79 27.29
C SER A 224 -27.00 3.58 25.80
N SER A 225 -26.19 4.23 24.95
CA SER A 225 -26.27 4.01 23.49
C SER A 225 -25.47 2.82 22.95
N LEU A 226 -24.47 2.38 23.70
CA LEU A 226 -23.63 1.25 23.33
C LEU A 226 -24.41 0.00 23.05
N LYS A 227 -24.08 -0.62 21.93
CA LYS A 227 -24.60 -1.91 21.58
C LYS A 227 -23.46 -2.91 21.56
N LEU A 228 -23.74 -4.11 22.05
CA LEU A 228 -22.78 -5.22 22.03
C LEU A 228 -23.12 -6.20 20.90
N ILE A 229 -22.15 -6.41 20.03
CA ILE A 229 -22.24 -7.40 18.98
C ILE A 229 -21.53 -8.65 19.49
N LEU A 230 -22.29 -9.73 19.66
CA LEU A 230 -21.80 -10.96 20.27
C LEU A 230 -21.65 -12.04 19.22
N VAL A 231 -20.41 -12.47 19.00
CA VAL A 231 -20.14 -13.47 17.98
C VAL A 231 -19.59 -14.75 18.64
N PRO A 232 -20.45 -15.76 18.81
CA PRO A 232 -19.99 -17.03 19.39
C PRO A 232 -18.85 -17.69 18.59
N ARG A 233 -17.89 -18.33 19.27
CA ARG A 233 -16.95 -19.23 18.58
C ARG A 233 -17.73 -20.13 17.60
N HIS A 234 -18.85 -20.69 18.06
CA HIS A 234 -19.68 -21.53 17.23
C HIS A 234 -21.10 -21.02 17.02
N ILE A 235 -21.35 -20.61 15.78
CA ILE A 235 -22.66 -20.41 15.17
C ILE A 235 -23.89 -21.02 15.88
N GLU A 236 -23.85 -22.33 16.11
CA GLU A 236 -24.99 -23.11 16.66
C GLU A 236 -25.35 -22.68 18.08
N ASN A 237 -24.47 -21.89 18.70
CA ASN A 237 -24.71 -21.37 20.03
C ASN A 237 -25.44 -20.04 20.07
N ALA A 238 -25.71 -19.46 18.90
CA ALA A 238 -26.32 -18.13 18.85
C ALA A 238 -27.65 -18.04 19.62
N LYS A 239 -28.51 -19.05 19.48
CA LYS A 239 -29.81 -19.04 20.13
C LYS A 239 -29.74 -19.12 21.65
N ILE A 240 -28.86 -19.99 22.14
CA ILE A 240 -28.56 -20.03 23.57
C ILE A 240 -27.92 -18.74 24.07
N PHE A 241 -27.09 -18.09 23.24
CA PHE A 241 -26.47 -16.81 23.63
C PHE A 241 -27.54 -15.71 23.70
N GLU A 242 -28.45 -15.69 22.73
CA GLU A 242 -29.54 -14.72 22.67
C GLU A 242 -30.44 -14.83 23.90
N LYS A 243 -30.86 -16.03 24.23
CA LYS A 243 -31.67 -16.28 25.41
C LYS A 243 -30.93 -15.85 26.66
N LYS A 244 -29.66 -16.22 26.77
CA LYS A 244 -28.85 -15.76 27.87
C LYS A 244 -28.87 -14.22 27.99
N ALA A 245 -28.79 -13.51 26.86
CA ALA A 245 -28.78 -12.05 26.91
C ALA A 245 -30.11 -11.51 27.42
N ARG A 246 -31.23 -12.11 26.98
CA ARG A 246 -32.57 -11.80 27.50
C ARG A 246 -32.71 -12.03 29.01
N ASP A 247 -32.12 -13.12 29.52
CA ASP A 247 -32.14 -13.42 30.95
C ASP A 247 -31.42 -12.33 31.73
N PHE A 248 -30.57 -11.58 31.05
CA PHE A 248 -29.85 -10.50 31.67
C PHE A 248 -30.56 -9.14 31.55
N GLY A 249 -31.65 -9.10 30.79
CA GLY A 249 -32.49 -7.93 30.66
C GLY A 249 -32.29 -7.07 29.43
N PHE A 250 -31.52 -7.56 28.46
CA PHE A 250 -31.24 -6.84 27.21
C PHE A 250 -32.28 -7.09 26.13
N LYS A 251 -32.67 -6.04 25.40
CA LYS A 251 -33.24 -6.23 24.07
C LYS A 251 -32.17 -6.96 23.24
N THR A 252 -32.62 -7.85 22.35
CA THR A 252 -31.73 -8.63 21.52
C THR A 252 -32.22 -8.66 20.09
N SER A 253 -31.31 -8.85 19.14
CA SER A 253 -31.68 -9.04 17.75
C SER A 253 -30.59 -9.84 17.08
N PHE A 254 -30.88 -10.34 15.88
CA PHE A 254 -29.89 -11.08 15.13
C PHE A 254 -29.39 -10.20 14.00
N PHE A 255 -28.06 -10.23 13.79
CA PHE A 255 -27.35 -9.35 12.85
C PHE A 255 -27.95 -9.19 11.43
N GLU A 256 -27.64 -8.02 10.86
CA GLU A 256 -28.40 -7.28 9.89
C GLU A 256 -29.22 -6.30 10.74
N ASN A 257 -30.10 -6.87 11.56
CA ASN A 257 -30.97 -6.15 12.47
C ASN A 257 -30.17 -5.70 13.70
N LEU A 258 -30.02 -4.40 13.84
CA LEU A 258 -29.17 -3.78 14.85
C LEU A 258 -29.97 -3.23 16.05
N GLU A 259 -31.22 -3.66 16.16
CA GLU A 259 -32.16 -3.08 17.14
C GLU A 259 -31.87 -3.46 18.59
N GLY A 260 -31.35 -4.67 18.82
CA GLY A 260 -31.02 -5.07 20.19
C GLY A 260 -29.94 -4.25 20.88
N ASP A 261 -29.89 -4.34 22.20
CA ASP A 261 -28.73 -3.87 22.96
C ASP A 261 -27.57 -4.87 22.81
N VAL A 262 -27.92 -6.13 22.61
CA VAL A 262 -26.99 -7.19 22.30
C VAL A 262 -27.43 -7.77 20.97
N ILE A 263 -26.49 -7.86 20.04
CA ILE A 263 -26.79 -8.21 18.67
C ILE A 263 -26.02 -9.48 18.34
N LEU A 264 -26.74 -10.56 18.05
CA LEU A 264 -26.09 -11.83 17.80
C LEU A 264 -25.71 -12.00 16.35
N VAL A 265 -24.60 -12.72 16.14
CA VAL A 265 -24.14 -13.07 14.83
C VAL A 265 -24.17 -14.59 14.74
N ASP A 266 -25.06 -15.08 13.86
CA ASP A 266 -25.24 -16.51 13.68
C ASP A 266 -24.81 -17.00 12.31
N ARG A 267 -23.97 -16.20 11.62
CA ARG A 267 -23.27 -16.68 10.43
C ARG A 267 -21.75 -16.60 10.60
N PHE A 268 -21.06 -17.61 10.11
CA PHE A 268 -19.60 -17.67 10.09
C PHE A 268 -19.05 -16.77 8.99
N GLY A 269 -17.82 -16.29 9.19
CA GLY A 269 -17.10 -15.59 8.14
C GLY A 269 -17.17 -14.09 8.12
N ILE A 270 -17.81 -13.48 9.12
CA ILE A 270 -17.86 -12.02 9.11
C ILE A 270 -17.24 -11.30 10.29
N LEU A 271 -16.88 -12.04 11.32
CA LEU A 271 -16.24 -11.46 12.50
C LEU A 271 -15.10 -10.49 12.13
N LYS A 272 -14.24 -10.89 11.21
CA LYS A 272 -13.09 -10.06 10.87
C LYS A 272 -13.49 -8.77 10.15
N GLU A 273 -14.55 -8.84 9.35
CA GLU A 273 -15.13 -7.65 8.71
C GLU A 273 -15.88 -6.73 9.70
N LEU A 274 -16.28 -7.29 10.83
CA LEU A 274 -17.15 -6.60 11.75
C LEU A 274 -16.39 -5.68 12.73
N TYR A 275 -15.19 -6.09 13.10
CA TYR A 275 -14.39 -5.37 14.11
C TYR A 275 -14.32 -3.84 14.00
N PRO A 276 -14.02 -3.29 12.78
CA PRO A 276 -13.91 -1.83 12.61
C PRO A 276 -15.15 -1.05 13.03
N VAL A 277 -16.27 -1.76 13.14
CA VAL A 277 -17.51 -1.14 13.53
C VAL A 277 -17.50 -0.77 15.01
N GLY A 278 -16.67 -1.44 15.80
CA GLY A 278 -16.58 -1.16 17.24
C GLY A 278 -15.46 -0.22 17.68
N LYS A 279 -15.61 0.31 18.90
CA LYS A 279 -14.60 1.16 19.53
C LYS A 279 -13.65 0.25 20.30
N ILE A 280 -14.17 -0.89 20.74
CA ILE A 280 -13.37 -1.88 21.47
C ILE A 280 -13.74 -3.31 21.05
N ALA A 281 -12.76 -4.18 20.98
CA ALA A 281 -13.04 -5.59 20.80
C ALA A 281 -12.72 -6.39 22.06
N ILE A 282 -13.55 -7.42 22.29
CA ILE A 282 -13.22 -8.46 23.26
C ILE A 282 -13.12 -9.74 22.48
N VAL A 283 -12.02 -10.47 22.68
CA VAL A 283 -11.80 -11.73 22.00
C VAL A 283 -11.74 -12.89 23.00
N GLY A 284 -12.61 -13.87 22.78
CA GLY A 284 -12.73 -15.02 23.65
C GLY A 284 -11.76 -16.18 23.44
N GLY A 285 -12.16 -17.32 23.97
CA GLY A 285 -11.25 -18.44 24.18
C GLY A 285 -10.24 -18.07 25.23
N THR A 286 -10.50 -17.02 25.99
CA THR A 286 -9.48 -16.46 26.86
C THR A 286 -9.92 -16.38 28.30
N PHE A 287 -11.23 -16.44 28.52
CA PHE A 287 -11.80 -16.44 29.87
C PHE A 287 -12.03 -17.85 30.40
N VAL A 288 -12.17 -18.80 29.47
CA VAL A 288 -12.14 -20.22 29.80
C VAL A 288 -10.80 -20.73 29.36
N ASN A 289 -10.41 -21.90 29.84
CA ASN A 289 -9.10 -22.47 29.57
C ASN A 289 -8.95 -23.04 28.17
N ILE A 290 -9.11 -22.20 27.14
CA ILE A 290 -8.96 -22.64 25.75
C ILE A 290 -7.58 -22.21 25.20
N GLY A 291 -7.10 -21.08 25.67
CA GLY A 291 -5.80 -20.57 25.25
C GLY A 291 -5.87 -19.55 24.14
N GLY A 292 -7.06 -19.10 23.80
CA GLY A 292 -7.16 -17.85 23.04
C GLY A 292 -7.30 -17.98 21.56
N HIS A 293 -8.04 -17.05 20.97
CA HIS A 293 -8.26 -17.03 19.54
C HIS A 293 -7.58 -15.79 18.97
N ASN A 294 -7.95 -15.41 17.75
CA ASN A 294 -7.19 -14.41 17.03
C ASN A 294 -7.35 -12.97 17.59
N LEU A 295 -6.50 -12.63 18.55
CA LEU A 295 -6.36 -11.28 19.10
C LEU A 295 -5.96 -10.22 18.05
N LEU A 296 -5.24 -10.60 17.02
CA LEU A 296 -4.70 -9.59 16.12
C LEU A 296 -5.77 -8.81 15.36
N GLU A 297 -6.82 -9.50 14.92
CA GLU A 297 -7.74 -9.00 13.90
C GLU A 297 -8.32 -7.62 14.20
N PRO A 298 -8.85 -7.39 15.43
CA PRO A 298 -9.38 -6.05 15.66
C PRO A 298 -8.31 -4.95 15.64
N THR A 299 -7.14 -5.24 16.22
CA THR A 299 -6.07 -4.22 16.33
C THR A 299 -5.63 -3.70 14.96
N CYS A 300 -5.78 -4.50 13.92
CA CYS A 300 -5.49 -4.10 12.53
C CYS A 300 -6.42 -2.99 12.04
N TRP A 301 -7.54 -2.82 12.73
CA TRP A 301 -8.39 -1.68 12.47
C TRP A 301 -8.10 -0.46 13.35
N GLY A 302 -7.06 -0.56 14.20
CA GLY A 302 -6.71 0.52 15.13
C GLY A 302 -7.58 0.54 16.38
N ILE A 303 -8.12 -0.62 16.74
CA ILE A 303 -9.11 -0.78 17.78
C ILE A 303 -8.45 -1.65 18.86
N PRO A 304 -8.50 -1.20 20.13
CA PRO A 304 -7.93 -2.00 21.23
C PRO A 304 -8.73 -3.28 21.51
N VAL A 305 -8.03 -4.33 21.97
CA VAL A 305 -8.64 -5.64 22.22
C VAL A 305 -8.40 -6.05 23.68
N ILE A 306 -9.47 -6.52 24.31
CA ILE A 306 -9.42 -7.04 25.67
C ILE A 306 -9.57 -8.58 25.60
N TYR A 307 -8.94 -9.27 26.55
CA TYR A 307 -9.00 -10.71 26.60
C TYR A 307 -8.78 -11.11 28.03
N GLY A 308 -9.25 -12.33 28.35
CA GLY A 308 -9.04 -12.94 29.65
C GLY A 308 -7.64 -13.48 29.77
N PRO A 309 -7.34 -14.20 30.89
CA PRO A 309 -5.98 -14.60 31.22
C PRO A 309 -5.47 -15.88 30.55
N TYR A 310 -6.34 -16.62 29.88
CA TYR A 310 -5.86 -17.82 29.20
C TYR A 310 -5.46 -17.54 27.76
N THR A 311 -4.23 -17.06 27.59
CA THR A 311 -3.71 -16.81 26.26
C THR A 311 -2.50 -17.69 25.88
N HIS A 312 -2.28 -18.79 26.61
CA HIS A 312 -1.09 -19.64 26.42
C HIS A 312 -0.87 -20.24 25.01
N LYS A 313 -1.91 -20.35 24.18
CA LYS A 313 -1.76 -20.77 22.77
C LYS A 313 -1.48 -19.59 21.79
N VAL A 314 -1.48 -18.38 22.32
CA VAL A 314 -1.42 -17.21 21.46
C VAL A 314 -0.51 -16.17 22.13
N ASN A 315 0.48 -16.72 22.86
CA ASN A 315 1.37 -15.97 23.75
C ASN A 315 2.33 -14.98 23.13
N ASP A 316 2.97 -15.32 22.01
CA ASP A 316 3.78 -14.35 21.30
C ASP A 316 2.89 -13.19 20.83
N LEU A 317 1.71 -13.51 20.33
CA LEU A 317 0.83 -12.49 19.81
C LEU A 317 0.40 -11.59 20.95
N LYS A 318 0.11 -12.23 22.07
CA LYS A 318 -0.32 -11.52 23.29
C LYS A 318 0.75 -10.50 23.72
N GLU A 319 1.97 -10.97 23.88
CA GLU A 319 3.10 -10.13 24.26
C GLU A 319 3.36 -8.98 23.29
N PHE A 320 3.26 -9.28 21.99
CA PHE A 320 3.35 -8.27 20.96
C PHE A 320 2.35 -7.12 21.19
N LEU A 321 1.08 -7.49 21.39
CA LEU A 321 0.00 -6.53 21.50
C LEU A 321 0.09 -5.70 22.78
N GLU A 322 0.60 -6.32 23.83
CA GLU A 322 0.86 -5.61 25.05
C GLU A 322 1.95 -4.56 24.85
N LYS A 323 3.07 -4.99 24.31
CA LYS A 323 4.15 -4.10 23.92
C LYS A 323 3.61 -2.91 23.11
N GLU A 324 2.72 -3.19 22.15
CA GLU A 324 2.14 -2.18 21.27
C GLU A 324 1.09 -1.26 21.92
N GLY A 325 0.80 -1.49 23.20
CA GLY A 325 -0.31 -0.81 23.86
C GLY A 325 -1.69 -1.12 23.28
N ALA A 326 -1.82 -2.21 22.54
CA ALA A 326 -3.08 -2.54 21.86
C ALA A 326 -3.89 -3.67 22.51
N GLY A 327 -3.27 -4.39 23.45
CA GLY A 327 -3.92 -5.54 24.08
C GLY A 327 -3.89 -5.52 25.59
N PHE A 328 -5.04 -5.77 26.21
CA PHE A 328 -5.18 -5.65 27.67
C PHE A 328 -5.79 -6.89 28.30
N GLU A 329 -5.04 -7.50 29.21
CA GLU A 329 -5.53 -8.67 29.92
C GLU A 329 -6.38 -8.26 31.10
N VAL A 330 -7.51 -8.94 31.29
CA VAL A 330 -8.37 -8.73 32.46
C VAL A 330 -8.72 -10.07 33.10
N LYS A 331 -8.65 -10.12 34.43
CA LYS A 331 -8.77 -11.36 35.22
C LYS A 331 -10.22 -11.79 35.47
N ASN A 332 -11.10 -10.81 35.55
CA ASN A 332 -12.49 -11.07 35.92
C ASN A 332 -13.43 -9.97 35.45
N GLU A 333 -14.68 -10.10 35.84
CA GLU A 333 -15.76 -9.19 35.46
C GLU A 333 -15.46 -7.76 35.92
N THR A 334 -14.95 -7.61 37.14
CA THR A 334 -14.67 -6.29 37.69
C THR A 334 -13.63 -5.57 36.84
N GLU A 335 -12.49 -6.24 36.61
CA GLU A 335 -11.44 -5.72 35.73
C GLU A 335 -11.89 -5.48 34.28
N LEU A 336 -12.85 -6.25 33.78
CA LEU A 336 -13.34 -6.04 32.41
C LEU A 336 -14.13 -4.73 32.35
N VAL A 337 -14.94 -4.50 33.36
CA VAL A 337 -15.65 -3.24 33.50
C VAL A 337 -14.67 -2.06 33.57
N THR A 338 -13.73 -2.11 34.51
CA THR A 338 -12.74 -1.06 34.67
C THR A 338 -12.06 -0.77 33.31
N LYS A 339 -11.61 -1.82 32.62
CA LYS A 339 -10.90 -1.68 31.35
C LYS A 339 -11.75 -1.15 30.21
N LEU A 340 -12.98 -1.65 30.09
CA LEU A 340 -13.90 -1.07 29.12
C LEU A 340 -14.12 0.42 29.38
N THR A 341 -14.24 0.80 30.65
CA THR A 341 -14.52 2.19 31.01
C THR A 341 -13.37 3.08 30.59
N GLU A 342 -12.16 2.67 30.96
CA GLU A 342 -10.95 3.38 30.58
C GLU A 342 -10.90 3.66 29.08
N LEU A 343 -11.17 2.65 28.30
CA LEU A 343 -11.03 2.73 26.85
C LEU A 343 -12.18 3.42 26.17
N LEU A 344 -13.33 3.47 26.85
CA LEU A 344 -14.49 4.20 26.36
C LEU A 344 -14.37 5.69 26.62
N SER A 345 -13.62 6.04 27.66
CA SER A 345 -13.58 7.42 28.07
C SER A 345 -12.41 8.14 27.40
N VAL A 346 -11.33 7.39 27.17
CA VAL A 346 -10.12 7.96 26.55
C VAL A 346 -9.73 7.04 25.40
N LYS A 347 -9.76 7.55 24.18
CA LYS A 347 -9.51 6.72 23.01
C LYS A 347 -8.02 6.36 22.88
N LYS A 348 -7.77 5.06 22.75
CA LYS A 348 -6.38 4.55 22.63
C LYS A 348 -5.92 4.45 21.19
N GLU A 349 -4.80 5.11 20.93
CA GLU A 349 -4.13 5.01 19.65
C GLU A 349 -3.43 3.66 19.56
N ILE A 350 -3.64 3.02 18.43
CA ILE A 350 -3.09 1.71 18.11
C ILE A 350 -2.32 1.87 16.80
N LYS A 351 -1.08 1.36 16.77
CA LYS A 351 -0.19 1.44 15.60
C LYS A 351 0.26 0.06 15.06
N VAL A 352 -0.55 -0.96 15.31
CA VAL A 352 -0.28 -2.35 14.86
C VAL A 352 -0.21 -2.42 13.34
N GLU A 353 -1.17 -1.77 12.68
CA GLU A 353 -1.24 -1.72 11.23
C GLU A 353 0.03 -1.19 10.60
N GLU A 354 0.60 -0.17 11.26
CA GLU A 354 1.77 0.54 10.79
C GLU A 354 2.99 -0.34 11.00
N LYS A 355 3.03 -0.98 12.16
CA LYS A 355 4.00 -2.03 12.43
C LYS A 355 3.93 -3.19 11.41
N SER A 356 2.72 -3.65 11.12
CA SER A 356 2.48 -4.64 10.10
C SER A 356 3.12 -4.26 8.74
N ARG A 357 2.94 -3.02 8.27
CA ARG A 357 3.48 -2.57 6.98
C ARG A 357 5.01 -2.56 6.99
N GLU A 358 5.55 -2.34 8.18
CA GLU A 358 6.98 -2.31 8.42
C GLU A 358 7.59 -3.72 8.38
N ILE A 359 6.93 -4.70 9.03
CA ILE A 359 7.33 -6.10 8.95
C ILE A 359 7.27 -6.64 7.53
N LYS A 360 6.16 -6.39 6.84
CA LYS A 360 5.97 -6.87 5.46
C LYS A 360 6.99 -6.26 4.51
N GLY A 361 7.30 -4.97 4.70
CA GLY A 361 8.24 -4.26 3.85
C GLY A 361 9.68 -4.70 4.06
N CYS A 362 10.04 -4.91 5.32
CA CYS A 362 11.37 -5.41 5.68
C CYS A 362 11.65 -6.78 5.04
N TYR A 363 10.70 -7.70 5.13
CA TYR A 363 10.81 -9.04 4.52
C TYR A 363 10.83 -8.96 3.00
N LEU A 364 9.87 -8.26 2.44
CA LEU A 364 9.76 -8.18 1.00
C LEU A 364 11.04 -7.65 0.37
N GLU A 365 11.55 -6.53 0.88
CA GLU A 365 12.73 -5.92 0.30
C GLU A 365 14.00 -6.75 0.44
N LYS A 366 14.25 -7.32 1.62
CA LYS A 366 15.36 -8.25 1.77
C LYS A 366 15.30 -9.38 0.73
N LEU A 367 14.10 -9.94 0.54
CA LEU A 367 13.92 -11.08 -0.36
C LEU A 367 14.13 -10.69 -1.83
N ARG A 368 13.56 -9.57 -2.22
CA ARG A 368 13.71 -9.06 -3.58
C ARG A 368 15.16 -8.72 -3.86
N GLU A 369 15.83 -8.17 -2.85
CA GLU A 369 17.23 -7.84 -2.94
C GLU A 369 18.06 -9.09 -3.23
N PHE A 370 17.89 -10.09 -2.38
CA PHE A 370 18.65 -11.31 -2.54
C PHE A 370 18.32 -11.99 -3.87
N LEU A 371 17.06 -11.98 -4.29
CA LEU A 371 16.65 -12.60 -5.57
C LEU A 371 17.09 -11.85 -6.84
N ARG A 372 17.36 -10.56 -6.69
CA ARG A 372 17.81 -9.73 -7.80
C ARG A 372 19.16 -10.29 -8.26
N GLY A 373 20.01 -10.63 -7.30
CA GLY A 373 21.26 -11.32 -7.57
C GLY A 373 22.00 -11.65 -6.29
N MET B 22 4.82 24.94 -30.64
CA MET B 22 5.93 25.87 -30.31
C MET B 22 7.29 25.44 -30.92
N GLN B 23 8.05 26.39 -31.46
CA GLN B 23 9.27 26.04 -32.21
C GLN B 23 10.51 25.98 -31.32
N PHE B 24 11.17 24.82 -31.31
CA PHE B 24 12.45 24.70 -30.62
C PHE B 24 13.67 25.09 -31.45
N GLU B 25 13.54 25.01 -32.78
CA GLU B 25 14.57 25.43 -33.75
C GLU B 25 15.88 24.69 -33.54
N VAL B 26 15.78 23.47 -33.02
CA VAL B 26 16.91 22.58 -32.83
C VAL B 26 17.90 22.50 -34.03
N LEU B 27 17.35 22.30 -35.22
CA LEU B 27 18.15 22.15 -36.40
C LEU B 27 19.00 23.38 -36.66
N LYS B 28 18.38 24.52 -36.49
CA LYS B 28 18.96 25.80 -36.75
C LYS B 28 20.04 26.16 -35.65
N ARG B 29 19.76 25.82 -34.38
CA ARG B 29 20.76 26.02 -33.36
C ARG B 29 21.95 25.09 -33.66
N PHE B 30 21.68 23.91 -34.26
CA PHE B 30 22.73 22.89 -34.48
C PHE B 30 23.58 23.30 -35.69
N PHE B 31 22.88 23.85 -36.67
CA PHE B 31 23.51 24.17 -37.94
C PHE B 31 22.90 25.51 -38.36
N PRO B 32 23.47 26.60 -37.84
CA PRO B 32 23.00 27.97 -38.06
C PRO B 32 22.73 28.25 -39.54
N LYS B 33 21.74 29.08 -39.80
CA LYS B 33 21.29 29.30 -41.18
C LYS B 33 22.29 30.01 -42.07
N GLU B 34 22.39 29.52 -43.31
CA GLU B 34 23.33 30.10 -44.29
C GLU B 34 23.15 31.62 -44.41
N SER B 35 21.92 32.07 -44.22
CA SER B 35 21.59 33.47 -44.42
C SER B 35 22.22 34.44 -43.42
N LEU B 36 22.66 33.95 -42.25
CA LEU B 36 23.46 34.76 -41.33
C LEU B 36 24.61 35.50 -42.05
N LYS B 37 25.13 34.90 -43.12
CA LYS B 37 26.04 35.55 -44.09
C LYS B 37 25.60 36.92 -44.59
N ASN B 38 24.31 37.26 -44.49
CA ASN B 38 23.84 38.60 -44.87
C ASN B 38 23.84 39.60 -43.71
N CYS B 39 24.44 39.21 -42.59
CA CYS B 39 24.48 40.06 -41.42
C CYS B 39 25.91 40.35 -41.01
N LYS B 40 26.84 40.17 -41.94
CA LYS B 40 28.27 40.32 -41.64
C LYS B 40 28.58 41.62 -40.91
N GLY B 41 29.41 41.56 -39.88
CA GLY B 41 29.87 42.78 -39.21
C GLY B 41 28.96 43.38 -38.14
N ALA B 42 27.81 42.75 -37.88
CA ALA B 42 26.80 43.28 -36.95
C ALA B 42 27.28 43.19 -35.53
N LEU B 43 26.67 43.99 -34.67
CA LEU B 43 26.79 43.81 -33.22
C LEU B 43 25.86 42.65 -32.81
N TRP B 44 26.47 41.60 -32.28
CA TRP B 44 25.74 40.44 -31.83
C TRP B 44 25.33 40.73 -30.39
N VAL B 45 24.03 40.65 -30.13
CA VAL B 45 23.46 40.81 -28.79
C VAL B 45 22.68 39.55 -28.44
N HIS B 46 22.94 39.04 -27.25
CA HIS B 46 22.25 37.83 -26.84
C HIS B 46 21.42 38.09 -25.62
N THR B 47 20.12 37.79 -25.78
CA THR B 47 19.15 37.97 -24.69
C THR B 47 18.49 36.65 -24.41
N ALA B 48 18.81 35.98 -23.29
CA ALA B 48 18.31 34.62 -23.07
C ALA B 48 16.82 34.50 -23.41
N SER B 49 16.02 35.38 -22.81
CA SER B 49 14.57 35.34 -22.93
C SER B 49 14.00 36.74 -22.81
N ILE B 50 12.70 36.81 -22.65
CA ILE B 50 11.95 38.04 -22.72
C ILE B 50 12.48 39.04 -21.68
N GLY B 51 12.63 38.57 -20.44
CA GLY B 51 13.17 39.42 -19.37
C GLY B 51 14.49 40.08 -19.70
N GLU B 52 15.48 39.33 -20.17
CA GLU B 52 16.76 39.94 -20.51
C GLU B 52 16.63 40.94 -21.65
N PHE B 53 15.76 40.65 -22.63
CA PHE B 53 15.52 41.61 -23.68
C PHE B 53 14.92 42.92 -23.17
N ASN B 54 13.82 42.84 -22.42
CA ASN B 54 13.26 44.08 -21.82
C ASN B 54 14.28 44.80 -20.94
N THR B 55 15.08 44.05 -20.18
CA THR B 55 16.10 44.68 -19.36
C THR B 55 17.06 45.56 -20.15
N PHE B 56 17.46 45.09 -21.33
CA PHE B 56 18.55 45.68 -22.11
C PHE B 56 18.03 46.62 -23.20
N LEU B 57 16.75 46.50 -23.55
CA LEU B 57 16.07 47.37 -24.56
C LEU B 57 16.37 48.89 -24.47
N PRO B 58 16.47 49.46 -23.27
CA PRO B 58 16.82 50.88 -23.28
C PRO B 58 18.22 51.13 -23.84
N ILE B 59 19.13 50.16 -23.70
CA ILE B 59 20.46 50.27 -24.29
C ILE B 59 20.43 49.94 -25.79
N LEU B 60 19.72 48.87 -26.13
CA LEU B 60 19.66 48.36 -27.49
C LEU B 60 19.17 49.45 -28.45
N LYS B 61 18.04 50.04 -28.13
CA LYS B 61 17.51 51.24 -28.81
C LYS B 61 18.55 52.25 -29.26
N GLU B 62 19.47 52.59 -28.38
CA GLU B 62 20.55 53.52 -28.71
C GLU B 62 21.55 52.85 -29.63
N LEU B 63 21.99 51.64 -29.25
CA LEU B 63 22.97 50.92 -30.04
C LEU B 63 22.45 50.55 -31.44
N LYS B 64 21.15 50.35 -31.58
CA LYS B 64 20.53 50.00 -32.88
C LYS B 64 20.66 51.12 -33.95
N ARG B 65 21.10 52.28 -33.48
CA ARG B 65 21.19 53.48 -34.29
C ARG B 65 22.61 53.75 -34.77
N GLU B 66 23.58 53.06 -34.15
CA GLU B 66 24.98 53.11 -34.62
C GLU B 66 25.50 51.79 -35.15
N HIS B 67 24.65 50.77 -35.25
CA HIS B 67 25.11 49.38 -35.52
C HIS B 67 24.03 48.55 -36.19
N ARG B 68 24.43 47.60 -37.01
CA ARG B 68 23.47 46.57 -37.33
C ARG B 68 23.48 45.58 -36.16
N ILE B 69 22.32 45.02 -35.86
CA ILE B 69 22.14 44.19 -34.69
C ILE B 69 21.79 42.80 -35.14
N LEU B 70 22.58 41.84 -34.72
CA LEU B 70 22.20 40.45 -34.81
C LEU B 70 21.77 40.07 -33.38
N LEU B 71 20.49 39.74 -33.24
CA LEU B 71 19.92 39.36 -31.96
C LEU B 71 19.61 37.87 -31.87
N THR B 72 20.12 37.27 -30.79
CA THR B 72 19.84 35.87 -30.46
C THR B 72 19.19 35.74 -29.08
N TYR B 73 18.77 34.51 -28.79
CA TYR B 73 17.97 34.21 -27.61
C TYR B 73 18.08 32.75 -27.36
N PHE B 74 17.76 32.33 -26.14
CA PHE B 74 17.90 30.94 -25.79
C PHE B 74 16.57 30.24 -25.66
N SER B 75 15.61 30.89 -25.03
CA SER B 75 14.32 30.26 -24.74
C SER B 75 13.40 30.29 -25.96
N PRO B 76 12.83 29.13 -26.31
CA PRO B 76 11.90 29.04 -27.44
C PRO B 76 10.74 30.00 -27.27
N ARG B 77 10.41 30.31 -26.00
CA ARG B 77 9.29 31.21 -25.65
C ARG B 77 9.48 32.62 -26.13
N ALA B 78 10.73 33.00 -26.37
CA ALA B 78 11.05 34.38 -26.70
C ALA B 78 10.86 34.66 -28.15
N ARG B 79 10.83 33.60 -28.97
CA ARG B 79 10.80 33.79 -30.41
C ARG B 79 9.63 34.69 -30.77
N GLU B 80 8.43 34.28 -30.38
CA GLU B 80 7.20 34.97 -30.83
C GLU B 80 7.16 36.43 -30.40
N TYR B 81 7.56 36.66 -29.16
CA TYR B 81 7.69 37.99 -28.63
C TYR B 81 8.70 38.84 -29.40
N LEU B 82 9.94 38.36 -29.50
CA LEU B 82 10.98 39.07 -30.24
C LEU B 82 10.62 39.39 -31.69
N LYS B 83 9.89 38.52 -32.38
CA LYS B 83 9.44 38.86 -33.75
C LYS B 83 8.66 40.19 -33.83
N THR B 84 7.83 40.45 -32.82
CA THR B 84 7.12 41.73 -32.70
C THR B 84 8.04 42.92 -32.30
N LYS B 85 9.35 42.68 -32.24
CA LYS B 85 10.32 43.71 -31.89
C LYS B 85 11.35 43.93 -32.99
N SER B 86 10.97 43.61 -34.23
CA SER B 86 11.87 43.71 -35.39
C SER B 86 12.40 45.13 -35.64
N ASP B 87 11.84 46.10 -34.94
CA ASP B 87 12.33 47.47 -35.05
C ASP B 87 13.66 47.63 -34.35
N PHE B 88 13.92 46.75 -33.38
CA PHE B 88 15.12 46.84 -32.57
C PHE B 88 16.26 45.94 -32.99
N TYR B 89 16.08 45.17 -34.06
CA TYR B 89 17.17 44.38 -34.58
C TYR B 89 17.09 44.25 -36.10
N ASP B 90 18.21 43.83 -36.68
CA ASP B 90 18.30 43.57 -38.09
C ASP B 90 18.09 42.08 -38.36
N CYS B 91 18.75 41.24 -37.56
CA CYS B 91 18.73 39.79 -37.72
C CYS B 91 18.34 39.12 -36.40
N LEU B 92 17.65 38.00 -36.54
CA LEU B 92 17.17 37.24 -35.44
C LEU B 92 17.41 35.74 -35.67
N HIS B 93 18.01 35.10 -34.69
CA HIS B 93 18.41 33.69 -34.83
C HIS B 93 18.52 33.14 -33.41
N PRO B 94 18.19 31.86 -33.21
CA PRO B 94 18.45 31.25 -31.89
C PRO B 94 19.95 31.11 -31.61
N LEU B 95 20.33 31.09 -30.31
CA LEU B 95 21.70 30.93 -29.90
C LEU B 95 22.07 29.55 -30.40
N PRO B 96 23.27 29.41 -31.04
CA PRO B 96 23.70 28.08 -31.50
C PRO B 96 23.80 27.08 -30.34
N LEU B 97 23.64 25.78 -30.63
CA LEU B 97 23.88 24.82 -29.58
C LEU B 97 25.31 24.97 -29.03
N ASP B 98 25.51 24.52 -27.81
CA ASP B 98 26.79 24.77 -27.15
C ASP B 98 27.72 23.61 -27.48
N ASN B 99 28.05 23.52 -28.77
CA ASN B 99 29.12 22.65 -29.22
C ASN B 99 30.10 23.41 -30.09
N PRO B 100 31.39 23.06 -30.02
CA PRO B 100 32.32 23.97 -30.68
C PRO B 100 31.97 24.19 -32.19
N PHE B 101 31.40 23.21 -32.85
CA PHE B 101 31.10 23.40 -34.30
C PHE B 101 29.92 24.24 -34.61
N SER B 102 28.84 24.10 -33.85
CA SER B 102 27.68 24.93 -34.12
C SER B 102 28.02 26.40 -33.80
N VAL B 103 28.76 26.59 -32.73
CA VAL B 103 29.14 27.93 -32.27
C VAL B 103 30.03 28.63 -33.30
N LYS B 104 31.02 27.91 -33.79
CA LYS B 104 31.93 28.42 -34.80
C LYS B 104 31.25 28.65 -36.17
N ARG B 105 30.40 27.72 -36.60
CA ARG B 105 29.67 27.95 -37.85
C ARG B 105 28.92 29.28 -37.72
N PHE B 106 28.20 29.45 -36.62
CA PHE B 106 27.51 30.71 -36.36
C PHE B 106 28.39 31.97 -36.57
N GLU B 107 29.55 31.97 -35.92
CA GLU B 107 30.49 33.10 -35.96
C GLU B 107 31.13 33.25 -37.31
N GLU B 108 31.41 32.14 -37.97
CA GLU B 108 32.01 32.13 -39.30
C GLU B 108 31.05 32.78 -40.34
N LEU B 109 29.74 32.55 -40.22
CA LEU B 109 28.79 33.10 -41.21
C LEU B 109 28.57 34.59 -41.01
N SER B 110 28.38 35.00 -39.77
CA SER B 110 28.00 36.36 -39.42
C SER B 110 29.16 37.29 -39.05
N LYS B 111 30.37 36.76 -38.84
CA LYS B 111 31.52 37.62 -38.55
C LYS B 111 31.11 38.86 -37.72
N PRO B 112 30.69 38.65 -36.49
CA PRO B 112 30.26 39.84 -35.76
C PRO B 112 31.44 40.64 -35.30
N LYS B 113 31.24 41.93 -35.05
CA LYS B 113 32.30 42.77 -34.54
C LYS B 113 32.41 42.59 -33.03
N ALA B 114 31.32 42.19 -32.38
CA ALA B 114 31.34 41.95 -30.93
C ALA B 114 30.09 41.27 -30.48
N LEU B 115 30.16 40.70 -29.29
CA LEU B 115 29.02 40.06 -28.68
C LEU B 115 28.78 40.60 -27.28
N ILE B 116 27.58 41.15 -27.09
CA ILE B 116 27.11 41.57 -25.77
C ILE B 116 26.23 40.46 -25.21
N VAL B 117 26.66 39.89 -24.10
CA VAL B 117 25.84 38.91 -23.40
C VAL B 117 25.12 39.61 -22.27
N VAL B 118 23.82 39.45 -22.25
CA VAL B 118 23.02 40.14 -21.27
C VAL B 118 22.82 39.26 -20.05
N GLU B 119 23.33 39.76 -18.92
CA GLU B 119 23.09 39.24 -17.58
C GLU B 119 24.14 38.19 -17.17
N ARG B 120 24.21 37.08 -17.88
CA ARG B 120 25.03 35.96 -17.40
C ARG B 120 25.28 34.99 -18.53
N GLU B 121 24.38 34.03 -18.72
CA GLU B 121 24.47 33.16 -19.87
C GLU B 121 25.92 32.65 -20.06
N PHE B 122 26.54 32.10 -18.99
CA PHE B 122 27.78 31.37 -19.15
C PHE B 122 27.62 30.05 -19.95
N TRP B 123 27.48 30.17 -21.26
CA TRP B 123 27.62 29.02 -22.16
C TRP B 123 29.09 28.76 -22.50
N PRO B 124 29.67 27.65 -21.98
CA PRO B 124 31.14 27.45 -22.11
C PRO B 124 31.67 27.28 -23.55
N SER B 125 30.96 26.58 -24.44
CA SER B 125 31.49 26.38 -25.79
C SER B 125 31.37 27.70 -26.53
N LEU B 126 30.23 28.37 -26.37
CA LEU B 126 30.04 29.71 -26.93
C LEU B 126 31.18 30.62 -26.51
N ILE B 127 31.52 30.63 -25.21
CA ILE B 127 32.49 31.62 -24.74
C ILE B 127 33.91 31.19 -25.07
N ILE B 128 34.22 29.90 -24.89
CA ILE B 128 35.54 29.39 -25.17
C ILE B 128 35.85 29.35 -26.69
N PHE B 129 34.86 29.00 -27.48
CA PHE B 129 35.16 28.73 -28.90
C PHE B 129 35.00 29.86 -29.89
N THR B 130 34.45 31.00 -29.47
CA THR B 130 34.38 32.15 -30.37
C THR B 130 35.56 33.11 -30.19
N LYS B 131 36.02 33.70 -31.30
CA LYS B 131 37.11 34.67 -31.31
C LYS B 131 36.54 36.08 -31.09
N VAL B 132 35.27 36.27 -31.40
CA VAL B 132 34.62 37.58 -31.32
C VAL B 132 34.82 38.28 -29.93
N PRO B 133 35.18 39.58 -29.93
CA PRO B 133 35.27 40.26 -28.60
C PRO B 133 33.94 40.14 -27.87
N LYS B 134 34.00 39.85 -26.57
CA LYS B 134 32.79 39.51 -25.83
C LYS B 134 32.67 40.48 -24.70
N ILE B 135 31.43 40.89 -24.46
CA ILE B 135 31.09 41.88 -23.44
C ILE B 135 29.97 41.30 -22.61
N LEU B 136 30.08 41.43 -21.29
CA LEU B 136 29.03 40.99 -20.37
C LEU B 136 28.46 42.21 -19.67
N VAL B 137 27.13 42.32 -19.62
CA VAL B 137 26.44 43.47 -19.07
C VAL B 137 25.47 43.06 -17.98
N ASN B 138 25.36 43.88 -16.94
CA ASN B 138 24.45 43.64 -15.80
C ASN B 138 24.73 42.39 -15.02
N ALA B 139 26.00 42.03 -14.90
CA ALA B 139 26.35 40.78 -14.23
C ALA B 139 26.58 40.99 -12.74
N TYR B 140 26.52 39.88 -12.00
CA TYR B 140 26.75 39.89 -10.55
C TYR B 140 27.69 38.74 -10.26
N ALA B 141 28.33 38.75 -9.09
CA ALA B 141 29.18 37.64 -8.67
C ALA B 141 28.38 36.64 -7.87
N LYS B 142 28.56 35.35 -8.18
CA LYS B 142 27.98 34.28 -7.38
C LYS B 142 29.12 33.53 -6.70
N GLY B 143 30.33 33.73 -7.21
CA GLY B 143 31.55 33.12 -6.66
C GLY B 143 31.68 31.63 -6.93
N SER B 144 31.22 31.17 -8.09
CA SER B 144 31.36 29.76 -8.48
C SER B 144 32.55 29.51 -9.42
N LEU B 145 33.05 28.28 -9.43
CA LEU B 145 34.23 27.94 -10.23
C LEU B 145 34.02 28.29 -11.72
N ILE B 146 32.82 28.05 -12.25
CA ILE B 146 32.60 28.43 -13.64
C ILE B 146 32.78 29.93 -13.91
N GLU B 147 32.30 30.77 -13.00
CA GLU B 147 32.60 32.21 -13.07
C GLU B 147 34.09 32.44 -13.13
N LYS B 148 34.84 31.85 -12.19
CA LYS B 148 36.30 32.02 -12.11
C LYS B 148 36.94 31.63 -13.45
N ILE B 149 36.38 30.59 -14.10
CA ILE B 149 36.93 30.13 -15.37
C ILE B 149 36.54 31.01 -16.57
N LEU B 150 35.26 31.31 -16.74
CA LEU B 150 34.81 31.95 -17.98
C LEU B 150 34.86 33.49 -17.99
N SER B 151 34.80 34.14 -16.82
CA SER B 151 34.77 35.60 -16.77
C SER B 151 36.00 36.28 -17.42
N LYS B 152 37.19 35.73 -17.20
CA LYS B 152 38.40 36.23 -17.86
C LYS B 152 38.38 36.21 -19.41
N LYS B 153 37.38 35.56 -20.01
CA LYS B 153 37.30 35.52 -21.47
C LYS B 153 36.46 36.62 -22.02
N PHE B 154 35.87 37.39 -21.13
CA PHE B 154 35.15 38.56 -21.58
C PHE B 154 36.15 39.70 -21.70
N ASP B 155 36.11 40.40 -22.82
CA ASP B 155 36.99 41.54 -22.99
C ASP B 155 36.53 42.78 -22.21
N LEU B 156 35.24 42.86 -21.89
CA LEU B 156 34.71 43.90 -21.01
C LEU B 156 33.50 43.36 -20.24
N ILE B 157 33.48 43.64 -18.93
CA ILE B 157 32.39 43.26 -18.05
C ILE B 157 31.84 44.46 -17.27
N ILE B 158 30.55 44.72 -17.44
CA ILE B 158 29.84 45.75 -16.67
C ILE B 158 28.85 45.08 -15.71
N MET B 159 29.02 45.36 -14.42
CA MET B 159 28.30 44.74 -13.31
C MET B 159 27.41 45.72 -12.55
N ARG B 160 26.63 45.15 -11.62
CA ARG B 160 25.58 45.85 -10.90
C ARG B 160 26.10 46.72 -9.76
N THR B 161 27.15 46.27 -9.10
CA THR B 161 27.69 47.00 -7.96
C THR B 161 29.20 46.97 -8.00
N GLN B 162 29.81 47.75 -7.12
CA GLN B 162 31.24 47.70 -6.89
C GLN B 162 31.69 46.44 -6.14
N GLU B 163 30.88 45.98 -5.20
CA GLU B 163 31.19 44.76 -4.47
C GLU B 163 31.43 43.58 -5.44
N ASP B 164 30.55 43.40 -6.44
CA ASP B 164 30.71 42.40 -7.53
C ASP B 164 31.98 42.59 -8.36
N VAL B 165 32.25 43.82 -8.77
CA VAL B 165 33.44 44.16 -9.54
C VAL B 165 34.72 43.72 -8.83
N GLU B 166 34.79 43.96 -7.52
CA GLU B 166 35.95 43.54 -6.72
C GLU B 166 36.13 42.05 -6.85
N LYS B 167 35.07 41.29 -6.57
CA LYS B 167 35.09 39.84 -6.77
C LYS B 167 35.60 39.45 -8.16
N PHE B 168 35.21 40.16 -9.22
CA PHE B 168 35.64 39.78 -10.59
C PHE B 168 37.09 40.22 -10.95
N LYS B 169 37.73 41.01 -10.10
CA LYS B 169 39.14 41.36 -10.28
C LYS B 169 40.02 40.23 -9.74
N THR B 170 39.67 39.75 -8.54
CA THR B 170 40.27 38.60 -7.88
C THR B 170 40.03 37.26 -8.64
N PHE B 171 39.49 37.34 -9.86
CA PHE B 171 39.38 36.20 -10.78
C PHE B 171 40.20 36.58 -11.98
N GLY B 172 40.92 37.69 -11.84
CA GLY B 172 41.76 38.20 -12.91
C GLY B 172 40.97 38.39 -14.19
N ALA B 173 39.81 39.04 -14.07
CA ALA B 173 39.21 39.67 -15.24
C ALA B 173 39.79 41.08 -15.21
N LYS B 174 40.10 41.58 -16.40
CA LYS B 174 40.61 42.92 -16.58
C LYS B 174 39.49 43.57 -17.37
N ARG B 175 39.41 44.90 -17.36
CA ARG B 175 38.25 45.61 -17.92
C ARG B 175 36.90 45.24 -17.26
N VAL B 176 36.81 45.48 -15.95
CA VAL B 176 35.58 45.33 -15.19
C VAL B 176 35.19 46.58 -14.40
N PHE B 177 34.03 47.13 -14.75
CA PHE B 177 33.45 48.33 -14.18
C PHE B 177 32.06 48.05 -13.60
N SER B 178 31.61 48.91 -12.67
CA SER B 178 30.24 48.90 -12.16
C SER B 178 29.46 50.08 -12.71
N CYS B 179 28.32 49.80 -13.38
CA CYS B 179 27.40 50.84 -13.89
C CYS B 179 26.00 50.81 -13.26
N GLY B 180 25.82 49.94 -12.27
CA GLY B 180 24.54 49.78 -11.61
C GLY B 180 23.67 48.77 -12.32
N ASN B 181 22.51 48.49 -11.71
CA ASN B 181 21.59 47.51 -12.20
C ASN B 181 20.70 48.06 -13.33
N LEU B 182 20.77 47.41 -14.50
CA LEU B 182 19.96 47.79 -15.68
C LEU B 182 18.49 47.72 -15.43
N LYS B 183 18.06 46.88 -14.49
CA LYS B 183 16.62 46.72 -14.18
C LYS B 183 15.95 47.94 -13.52
N PHE B 184 16.74 48.98 -13.24
CA PHE B 184 16.25 50.16 -12.60
C PHE B 184 16.24 51.31 -13.57
N ILE B 185 16.39 51.02 -14.85
CA ILE B 185 16.20 52.06 -15.83
C ILE B 185 14.71 52.23 -16.05
N CYS B 186 14.29 53.48 -16.02
CA CYS B 186 12.90 53.89 -16.28
C CYS B 186 12.55 53.91 -17.75
N GLN B 187 11.36 53.40 -18.05
CA GLN B 187 10.83 53.36 -19.40
C GLN B 187 9.43 53.95 -19.34
N LYS B 188 9.33 55.17 -18.80
CA LYS B 188 8.07 55.83 -18.43
C LYS B 188 6.98 55.95 -19.52
N GLY B 189 7.39 56.12 -20.78
CA GLY B 189 6.44 56.41 -21.87
C GLY B 189 5.79 57.77 -21.66
N LYS B 190 4.66 58.01 -22.34
CA LYS B 190 3.99 59.32 -22.36
C LYS B 190 3.63 59.89 -20.98
N GLY B 191 2.53 59.43 -20.42
CA GLY B 191 2.04 59.99 -19.15
C GLY B 191 0.79 60.83 -19.31
N ILE B 192 -0.24 60.47 -18.54
CA ILE B 192 -1.57 61.08 -18.67
C ILE B 192 -1.70 62.19 -17.62
N LYS B 193 -2.52 63.20 -17.94
CA LYS B 193 -2.89 64.25 -16.97
C LYS B 193 -4.38 64.28 -16.74
N LEU B 194 -4.76 64.59 -15.51
CA LEU B 194 -6.17 64.65 -15.11
C LEU B 194 -6.39 65.73 -14.05
N LYS B 195 -7.57 66.34 -14.12
CA LYS B 195 -8.05 67.24 -13.08
C LYS B 195 -8.37 66.38 -11.85
N GLY B 196 -7.85 66.76 -10.70
CA GLY B 196 -8.17 66.04 -9.47
C GLY B 196 -6.95 65.63 -8.66
N GLU B 197 -7.17 65.26 -7.41
CA GLU B 197 -6.11 64.66 -6.62
C GLU B 197 -6.40 63.15 -6.40
N PHE B 198 -5.40 62.32 -6.68
CA PHE B 198 -5.56 60.88 -6.79
C PHE B 198 -4.48 60.08 -6.07
N ILE B 199 -4.89 58.91 -5.59
CA ILE B 199 -4.02 57.78 -5.28
C ILE B 199 -4.24 56.75 -6.42
N VAL B 200 -3.14 56.20 -6.94
CA VAL B 200 -3.23 55.13 -7.93
C VAL B 200 -2.83 53.76 -7.37
N ALA B 201 -3.80 52.85 -7.30
CA ALA B 201 -3.55 51.45 -6.94
C ALA B 201 -3.54 50.54 -8.18
N GLY B 202 -2.33 50.05 -8.46
CA GLY B 202 -2.07 49.29 -9.68
C GLY B 202 -1.78 47.82 -9.42
N SER B 203 -2.24 46.98 -10.35
CA SER B 203 -2.02 45.54 -10.28
C SER B 203 -2.55 44.95 -8.97
N ILE B 204 -3.77 45.33 -8.62
CA ILE B 204 -4.38 44.85 -7.38
C ILE B 204 -5.09 43.51 -7.62
N HIS B 205 -4.85 42.55 -6.73
CA HIS B 205 -5.55 41.28 -6.81
C HIS B 205 -6.84 41.31 -6.03
N THR B 206 -7.69 40.32 -6.24
CA THR B 206 -8.95 40.21 -5.53
C THR B 206 -8.69 40.14 -4.04
N GLY B 207 -7.67 39.39 -3.63
CA GLY B 207 -7.32 39.23 -2.22
C GLY B 207 -6.71 40.47 -1.56
N GLU B 208 -6.55 41.55 -2.32
CA GLU B 208 -5.99 42.79 -1.77
C GLU B 208 -6.98 43.95 -1.76
N VAL B 209 -8.04 43.85 -2.56
CA VAL B 209 -8.92 44.98 -2.84
C VAL B 209 -9.65 45.50 -1.58
N GLU B 210 -9.93 44.61 -0.63
CA GLU B 210 -10.55 45.02 0.64
C GLU B 210 -9.64 45.90 1.48
N ILE B 211 -8.39 45.49 1.65
CA ILE B 211 -7.51 46.25 2.52
C ILE B 211 -7.28 47.71 1.99
N ILE B 212 -7.22 47.85 0.66
CA ILE B 212 -7.03 49.13 -0.02
C ILE B 212 -8.25 50.05 0.11
N LEU B 213 -9.43 49.49 -0.15
CA LEU B 213 -10.69 50.20 -0.01
C LEU B 213 -11.05 50.58 1.43
N LYS B 214 -10.68 49.77 2.41
CA LYS B 214 -10.88 50.13 3.84
C LYS B 214 -9.94 51.27 4.20
N ALA B 215 -8.69 51.16 3.75
CA ALA B 215 -7.71 52.20 4.00
C ALA B 215 -8.16 53.53 3.40
N PHE B 216 -8.57 53.48 2.13
CA PHE B 216 -8.98 54.64 1.38
C PHE B 216 -10.20 55.28 1.97
N LYS B 217 -11.11 54.45 2.49
CA LYS B 217 -12.32 54.92 3.16
C LYS B 217 -11.94 55.78 4.36
N GLU B 218 -11.13 55.22 5.25
CA GLU B 218 -10.57 55.92 6.40
C GLU B 218 -9.82 57.22 6.01
N ILE B 219 -9.06 57.18 4.92
CA ILE B 219 -8.32 58.34 4.42
C ILE B 219 -9.24 59.45 3.92
N LYS B 220 -10.32 59.06 3.25
CA LYS B 220 -11.31 60.02 2.78
C LYS B 220 -12.04 60.83 3.87
N LYS B 221 -12.02 60.32 5.10
CA LYS B 221 -12.47 61.08 6.26
C LYS B 221 -11.73 62.42 6.41
N THR B 222 -10.42 62.42 6.13
CA THR B 222 -9.62 63.64 6.25
C THR B 222 -9.40 64.31 4.89
N TYR B 223 -9.30 63.52 3.84
CA TYR B 223 -8.99 64.07 2.52
C TYR B 223 -10.13 63.78 1.57
N SER B 224 -11.23 64.50 1.76
CA SER B 224 -12.46 64.21 1.03
C SER B 224 -12.39 64.58 -0.47
N SER B 225 -11.29 65.21 -0.86
CA SER B 225 -11.01 65.50 -2.28
C SER B 225 -10.41 64.32 -3.06
N LEU B 226 -9.71 63.41 -2.37
CA LEU B 226 -9.02 62.30 -3.05
C LEU B 226 -9.96 61.38 -3.78
N LYS B 227 -9.56 61.00 -4.98
CA LYS B 227 -10.18 59.91 -5.69
C LYS B 227 -9.15 58.81 -5.81
N LEU B 228 -9.61 57.55 -5.88
CA LEU B 228 -8.72 56.40 -6.00
C LEU B 228 -8.88 55.78 -7.37
N ILE B 229 -7.78 55.72 -8.10
CA ILE B 229 -7.76 55.06 -9.37
C ILE B 229 -7.29 53.63 -9.14
N LEU B 230 -8.16 52.70 -9.50
CA LEU B 230 -8.03 51.31 -9.09
C LEU B 230 -7.84 50.43 -10.31
N VAL B 231 -6.66 49.81 -10.38
CA VAL B 231 -6.30 49.03 -11.54
C VAL B 231 -6.07 47.57 -11.15
N PRO B 232 -7.03 46.68 -11.47
CA PRO B 232 -6.87 45.28 -11.12
C PRO B 232 -5.79 44.65 -11.97
N ARG B 233 -5.03 43.74 -11.38
CA ARG B 233 -4.14 42.89 -12.15
C ARG B 233 -4.84 42.34 -13.41
N HIS B 234 -6.00 41.73 -13.23
CA HIS B 234 -6.76 41.18 -14.34
C HIS B 234 -8.02 41.97 -14.54
N ILE B 235 -8.15 42.58 -15.72
CA ILE B 235 -9.27 43.47 -16.03
C ILE B 235 -10.68 42.83 -16.01
N GLU B 236 -10.75 41.49 -16.14
CA GLU B 236 -12.06 40.78 -16.01
C GLU B 236 -12.60 40.89 -14.58
N ASN B 237 -11.79 41.46 -13.69
CA ASN B 237 -12.14 41.63 -12.28
C ASN B 237 -12.67 43.01 -11.90
N ALA B 238 -12.72 43.91 -12.89
CA ALA B 238 -13.11 45.31 -12.68
C ALA B 238 -14.53 45.43 -12.17
N LYS B 239 -15.44 44.61 -12.70
CA LYS B 239 -16.84 44.65 -12.28
C LYS B 239 -17.07 44.14 -10.87
N ILE B 240 -16.34 43.12 -10.47
CA ILE B 240 -16.39 42.64 -9.10
C ILE B 240 -15.78 43.69 -8.16
N PHE B 241 -14.72 44.34 -8.61
CA PHE B 241 -14.04 45.39 -7.84
C PHE B 241 -14.97 46.61 -7.69
N GLU B 242 -15.66 46.95 -8.78
CA GLU B 242 -16.60 48.07 -8.79
C GLU B 242 -17.68 47.86 -7.74
N LYS B 243 -18.29 46.69 -7.78
CA LYS B 243 -19.30 46.29 -6.82
C LYS B 243 -18.78 46.32 -5.40
N LYS B 244 -17.55 45.86 -5.20
CA LYS B 244 -16.98 45.89 -3.87
C LYS B 244 -16.80 47.36 -3.41
N ALA B 245 -16.50 48.26 -4.35
CA ALA B 245 -16.38 49.67 -4.00
C ALA B 245 -17.72 50.28 -3.57
N ARG B 246 -18.81 49.92 -4.28
CA ARG B 246 -20.18 50.23 -3.85
C ARG B 246 -20.56 49.71 -2.47
N ASP B 247 -20.26 48.45 -2.17
CA ASP B 247 -20.53 47.86 -0.86
C ASP B 247 -19.86 48.63 0.26
N PHE B 248 -18.83 49.40 -0.07
CA PHE B 248 -18.08 50.18 0.90
C PHE B 248 -18.56 51.63 0.95
N GLY B 249 -19.49 51.95 0.06
CA GLY B 249 -20.18 53.22 0.08
C GLY B 249 -19.59 54.25 -0.85
N PHE B 250 -18.79 53.81 -1.80
CA PHE B 250 -18.17 54.73 -2.74
C PHE B 250 -19.05 54.94 -3.97
N LYS B 251 -19.14 56.19 -4.42
CA LYS B 251 -19.54 56.51 -5.80
C LYS B 251 -18.44 55.90 -6.68
N THR B 252 -18.85 55.27 -7.77
CA THR B 252 -17.91 54.61 -8.64
C THR B 252 -18.06 55.03 -10.09
N SER B 253 -16.96 54.95 -10.83
CA SER B 253 -16.96 55.18 -12.27
C SER B 253 -15.89 54.32 -12.93
N PHE B 254 -16.10 54.05 -14.23
CA PHE B 254 -15.12 53.33 -15.03
C PHE B 254 -14.27 54.29 -15.83
N PHE B 255 -12.95 54.12 -15.72
CA PHE B 255 -11.99 55.09 -16.24
C PHE B 255 -12.28 55.67 -17.62
N GLU B 256 -11.89 56.95 -17.73
CA GLU B 256 -12.39 57.95 -18.64
C GLU B 256 -13.22 58.84 -17.73
N ASN B 257 -14.39 58.33 -17.32
CA ASN B 257 -15.25 58.97 -16.33
C ASN B 257 -14.57 59.07 -14.95
N LEU B 258 -14.42 60.31 -14.46
CA LEU B 258 -13.69 60.58 -13.21
C LEU B 258 -14.59 60.96 -12.05
N GLU B 259 -15.88 60.65 -12.18
CA GLU B 259 -16.88 61.10 -11.21
C GLU B 259 -16.89 60.30 -9.91
N GLY B 260 -16.39 59.07 -9.95
CA GLY B 260 -16.38 58.24 -8.76
C GLY B 260 -15.35 58.65 -7.72
N ASP B 261 -15.59 58.22 -6.49
CA ASP B 261 -14.57 58.32 -5.44
C ASP B 261 -13.49 57.26 -5.72
N VAL B 262 -13.94 56.14 -6.30
CA VAL B 262 -13.10 55.05 -6.73
C VAL B 262 -13.35 54.94 -8.23
N ILE B 263 -12.26 54.98 -8.99
CA ILE B 263 -12.35 55.00 -10.42
C ILE B 263 -11.67 53.76 -10.97
N LEU B 264 -12.47 52.94 -11.63
CA LEU B 264 -11.97 51.66 -12.06
C LEU B 264 -11.38 51.66 -13.45
N VAL B 265 -10.23 51.01 -13.61
CA VAL B 265 -9.61 50.82 -14.92
C VAL B 265 -9.83 49.37 -15.39
N ASP B 266 -10.60 49.22 -16.46
CA ASP B 266 -10.92 47.89 -17.02
C ASP B 266 -10.28 47.71 -18.40
N ARG B 267 -9.35 48.59 -18.71
CA ARG B 267 -8.47 48.45 -19.87
C ARG B 267 -7.08 48.03 -19.38
N PHE B 268 -6.42 47.16 -20.14
CA PHE B 268 -5.04 46.83 -19.87
C PHE B 268 -4.15 47.81 -20.62
N GLY B 269 -2.93 48.03 -20.14
CA GLY B 269 -1.90 48.80 -20.87
C GLY B 269 -1.81 50.29 -20.54
N ILE B 270 -2.71 50.76 -19.68
CA ILE B 270 -2.84 52.17 -19.38
C ILE B 270 -2.03 52.46 -18.12
N LEU B 271 -1.91 51.46 -17.25
CA LEU B 271 -1.49 51.65 -15.85
C LEU B 271 -0.22 52.47 -15.65
N LYS B 272 0.82 52.15 -16.42
CA LYS B 272 2.11 52.83 -16.23
C LYS B 272 2.04 54.32 -16.58
N GLU B 273 1.11 54.66 -17.46
CA GLU B 273 0.82 56.05 -17.85
C GLU B 273 0.08 56.80 -16.74
N LEU B 274 -0.77 56.08 -16.01
CA LEU B 274 -1.65 56.67 -14.98
C LEU B 274 -0.94 57.17 -13.72
N TYR B 275 0.11 56.50 -13.32
CA TYR B 275 0.78 56.82 -12.05
C TYR B 275 1.09 58.30 -11.73
N PRO B 276 1.73 59.06 -12.67
CA PRO B 276 2.09 60.48 -12.43
C PRO B 276 0.91 61.40 -12.06
N VAL B 277 -0.30 60.93 -12.38
CA VAL B 277 -1.55 61.58 -12.00
C VAL B 277 -1.77 61.52 -10.46
N GLY B 278 -1.17 60.54 -9.77
CA GLY B 278 -1.37 60.34 -8.33
C GLY B 278 -0.30 60.95 -7.44
N LYS B 279 -0.62 61.15 -6.17
CA LYS B 279 0.34 61.73 -5.23
C LYS B 279 1.05 60.57 -4.56
N ILE B 280 0.36 59.45 -4.47
CA ILE B 280 0.90 58.21 -3.95
C ILE B 280 0.46 57.09 -4.87
N ALA B 281 1.27 56.04 -4.95
CA ALA B 281 0.87 54.83 -5.63
C ALA B 281 0.88 53.70 -4.62
N ILE B 282 -0.08 52.78 -4.78
CA ILE B 282 0.01 51.49 -4.15
C ILE B 282 0.13 50.38 -5.22
N VAL B 283 1.13 49.51 -5.07
CA VAL B 283 1.33 48.45 -6.06
C VAL B 283 1.01 47.06 -5.49
N GLY B 284 0.08 46.36 -6.17
CA GLY B 284 -0.44 45.07 -5.72
C GLY B 284 0.43 43.86 -6.07
N GLY B 285 -0.14 42.69 -5.87
CA GLY B 285 0.62 41.45 -5.79
C GLY B 285 1.45 41.36 -4.51
N THR B 286 1.18 42.24 -3.55
CA THR B 286 2.05 42.37 -2.37
C THR B 286 1.36 42.19 -1.02
N PHE B 287 0.03 42.30 -1.00
CA PHE B 287 -0.78 42.05 0.21
C PHE B 287 -1.26 40.59 0.31
N VAL B 288 -1.31 39.91 -0.83
CA VAL B 288 -1.47 38.46 -0.89
C VAL B 288 -0.10 37.88 -1.23
N ASN B 289 0.06 36.55 -1.13
CA ASN B 289 1.35 35.92 -1.35
C ASN B 289 1.73 35.71 -2.83
N ILE B 290 1.71 36.79 -3.62
CA ILE B 290 2.05 36.73 -5.05
C ILE B 290 3.54 37.02 -5.30
N GLY B 291 4.14 37.88 -4.48
CA GLY B 291 5.58 38.16 -4.54
C GLY B 291 5.95 39.52 -5.12
N GLY B 292 4.96 40.28 -5.58
CA GLY B 292 5.18 41.66 -5.99
C GLY B 292 5.11 41.92 -7.49
N HIS B 293 4.46 43.02 -7.88
CA HIS B 293 4.48 43.46 -9.26
C HIS B 293 5.42 44.64 -9.38
N ASN B 294 5.35 45.37 -10.49
CA ASN B 294 6.35 46.37 -10.76
C ASN B 294 6.35 47.63 -9.84
N LEU B 295 7.07 47.57 -8.71
CA LEU B 295 7.11 48.68 -7.77
C LEU B 295 7.82 49.87 -8.36
N LEU B 296 8.54 49.64 -9.45
CA LEU B 296 9.41 50.69 -10.00
C LEU B 296 8.61 51.80 -10.68
N GLU B 297 7.68 51.41 -11.55
CA GLU B 297 6.89 52.31 -12.39
C GLU B 297 6.45 53.64 -11.72
N PRO B 298 5.88 53.60 -10.50
CA PRO B 298 5.45 54.91 -10.00
C PRO B 298 6.62 55.80 -9.60
N THR B 299 7.66 55.19 -9.07
CA THR B 299 8.81 55.93 -8.54
C THR B 299 9.55 56.66 -9.67
N CYS B 300 9.38 56.17 -10.89
CA CYS B 300 10.00 56.81 -12.05
C CYS B 300 9.45 58.22 -12.37
N TRP B 301 8.29 58.53 -11.80
CA TRP B 301 7.63 59.83 -11.96
C TRP B 301 7.82 60.68 -10.69
N GLY B 302 8.69 60.22 -9.79
CA GLY B 302 8.92 60.90 -8.51
C GLY B 302 7.83 60.63 -7.48
N ILE B 303 7.02 59.59 -7.69
CA ILE B 303 5.87 59.33 -6.82
C ILE B 303 6.20 58.19 -5.87
N PRO B 304 5.94 58.37 -4.55
CA PRO B 304 6.27 57.25 -3.63
C PRO B 304 5.33 56.07 -3.84
N VAL B 305 5.80 54.88 -3.45
CA VAL B 305 5.07 53.64 -3.58
C VAL B 305 4.90 52.89 -2.24
N ILE B 306 3.68 52.42 -2.00
CA ILE B 306 3.36 51.56 -0.87
C ILE B 306 3.04 50.16 -1.40
N TYR B 307 3.50 49.16 -0.66
CA TYR B 307 3.28 47.78 -1.04
C TYR B 307 3.22 47.01 0.27
N GLY B 308 2.64 45.81 0.24
CA GLY B 308 2.52 44.94 1.42
C GLY B 308 3.76 44.10 1.57
N PRO B 309 3.77 43.13 2.51
CA PRO B 309 5.05 42.45 2.84
C PRO B 309 5.50 41.35 1.87
N TYR B 310 4.64 40.95 0.94
CA TYR B 310 4.96 39.86 -0.02
C TYR B 310 5.67 40.36 -1.28
N THR B 311 6.97 40.63 -1.13
CA THR B 311 7.77 41.20 -2.22
C THR B 311 8.95 40.32 -2.54
N HIS B 312 8.86 39.05 -2.20
CA HIS B 312 9.98 38.13 -2.35
C HIS B 312 10.43 37.90 -3.80
N LYS B 313 9.57 38.19 -4.79
CA LYS B 313 9.93 38.10 -6.21
C LYS B 313 10.45 39.43 -6.83
N VAL B 314 10.41 40.52 -6.05
CA VAL B 314 10.92 41.81 -6.48
C VAL B 314 11.78 42.39 -5.40
N ASN B 315 12.61 41.55 -4.79
CA ASN B 315 13.40 41.94 -3.63
C ASN B 315 14.49 42.98 -3.89
N ASP B 316 15.34 42.75 -4.88
CA ASP B 316 16.40 43.71 -5.22
C ASP B 316 15.78 45.10 -5.35
N LEU B 317 14.69 45.13 -6.12
CA LEU B 317 13.99 46.35 -6.48
C LEU B 317 13.40 47.05 -5.27
N LYS B 318 12.77 46.27 -4.40
CA LYS B 318 12.26 46.75 -3.12
C LYS B 318 13.41 47.38 -2.29
N GLU B 319 14.51 46.65 -2.13
CA GLU B 319 15.61 47.15 -1.30
C GLU B 319 16.19 48.46 -1.86
N PHE B 320 16.23 48.53 -3.18
CA PHE B 320 16.70 49.71 -3.88
C PHE B 320 15.78 50.90 -3.63
N LEU B 321 14.47 50.67 -3.65
CA LEU B 321 13.48 51.74 -3.43
C LEU B 321 13.47 52.22 -1.99
N GLU B 322 13.60 51.29 -1.05
CA GLU B 322 13.74 51.65 0.36
C GLU B 322 14.99 52.48 0.62
N LYS B 323 16.11 52.05 0.08
CA LYS B 323 17.36 52.81 0.23
C LYS B 323 17.18 54.23 -0.31
N GLU B 324 16.40 54.36 -1.39
CA GLU B 324 16.13 55.63 -2.05
C GLU B 324 15.00 56.46 -1.40
N GLY B 325 14.49 56.03 -0.23
CA GLY B 325 13.26 56.60 0.37
C GLY B 325 12.03 56.68 -0.53
N ALA B 326 11.90 55.70 -1.44
CA ALA B 326 10.87 55.71 -2.48
C ALA B 326 9.78 54.67 -2.26
N GLY B 327 10.06 53.68 -1.42
CA GLY B 327 9.19 52.52 -1.27
C GLY B 327 8.92 52.24 0.19
N PHE B 328 7.67 51.95 0.51
CA PHE B 328 7.28 51.76 1.88
C PHE B 328 6.47 50.49 2.11
N GLU B 329 7.01 49.65 2.98
CA GLU B 329 6.35 48.41 3.32
C GLU B 329 5.35 48.65 4.44
N VAL B 330 4.10 48.25 4.22
CA VAL B 330 3.06 48.25 5.26
C VAL B 330 2.50 46.85 5.47
N LYS B 331 2.37 46.46 6.74
CA LYS B 331 2.03 45.08 7.08
C LYS B 331 0.54 44.75 7.03
N ASN B 332 -0.31 45.73 7.32
CA ASN B 332 -1.75 45.54 7.40
C ASN B 332 -2.48 46.83 7.01
N GLU B 333 -3.78 46.87 7.30
CA GLU B 333 -4.65 47.99 6.99
C GLU B 333 -4.39 49.22 7.88
N THR B 334 -3.97 48.97 9.11
CA THR B 334 -3.66 50.01 10.09
C THR B 334 -2.46 50.82 9.62
N GLU B 335 -1.36 50.10 9.37
CA GLU B 335 -0.15 50.73 8.86
C GLU B 335 -0.39 51.42 7.52
N LEU B 336 -1.25 50.84 6.67
CA LEU B 336 -1.53 51.42 5.35
C LEU B 336 -2.13 52.83 5.48
N VAL B 337 -3.18 52.94 6.29
CA VAL B 337 -3.74 54.24 6.66
C VAL B 337 -2.66 55.22 7.16
N THR B 338 -1.86 54.81 8.15
CA THR B 338 -0.78 55.63 8.73
C THR B 338 0.18 56.17 7.65
N LYS B 339 0.73 55.28 6.84
CA LYS B 339 1.65 55.65 5.77
C LYS B 339 0.99 56.49 4.65
N LEU B 340 -0.28 56.23 4.34
CA LEU B 340 -0.99 57.08 3.38
C LEU B 340 -1.09 58.54 3.87
N THR B 341 -1.42 58.70 5.14
CA THR B 341 -1.50 60.01 5.81
C THR B 341 -0.15 60.75 5.81
N GLU B 342 0.92 60.11 6.29
CA GLU B 342 2.28 60.67 6.20
C GLU B 342 2.63 61.15 4.81
N LEU B 343 2.26 60.37 3.80
CA LEU B 343 2.71 60.66 2.44
C LEU B 343 1.92 61.78 1.80
N LEU B 344 0.71 62.03 2.29
CA LEU B 344 -0.08 63.19 1.85
C LEU B 344 0.33 64.51 2.54
N SER B 345 1.02 64.42 3.67
CA SER B 345 1.43 65.61 4.42
C SER B 345 2.92 65.99 4.22
N VAL B 346 3.64 65.14 3.50
CA VAL B 346 5.06 65.30 3.25
C VAL B 346 5.29 65.02 1.76
N LYS B 347 6.06 65.87 1.09
CA LYS B 347 6.44 65.60 -0.29
C LYS B 347 7.87 65.08 -0.33
N LYS B 348 8.00 63.88 -0.89
CA LYS B 348 9.24 63.13 -0.94
C LYS B 348 10.06 63.61 -2.11
N GLU B 349 11.37 63.57 -1.93
CA GLU B 349 12.31 63.84 -3.00
C GLU B 349 12.89 62.53 -3.52
N ILE B 350 12.17 61.91 -4.45
CA ILE B 350 12.51 60.61 -4.99
C ILE B 350 13.47 60.81 -6.15
N LYS B 351 14.63 60.15 -6.04
CA LYS B 351 15.75 60.31 -6.99
C LYS B 351 15.90 59.18 -8.04
N VAL B 352 14.90 58.30 -8.11
CA VAL B 352 14.90 57.15 -9.02
C VAL B 352 15.16 57.50 -10.49
N GLU B 353 14.50 58.53 -11.02
CA GLU B 353 14.65 58.89 -12.43
C GLU B 353 16.06 59.40 -12.75
N GLU B 354 16.67 60.09 -11.79
CA GLU B 354 18.00 60.63 -11.93
C GLU B 354 19.01 59.49 -11.86
N LYS B 355 18.75 58.55 -10.94
CA LYS B 355 19.58 57.37 -10.84
C LYS B 355 19.48 56.52 -12.10
N SER B 356 18.31 56.53 -12.73
CA SER B 356 18.09 55.77 -13.96
C SER B 356 18.92 56.31 -15.13
N ARG B 357 18.88 57.63 -15.37
CA ARG B 357 19.67 58.27 -16.45
C ARG B 357 21.16 58.05 -16.24
N GLU B 358 21.53 57.95 -14.98
CA GLU B 358 22.92 57.79 -14.56
C GLU B 358 23.37 56.34 -14.87
N ILE B 359 22.46 55.39 -14.68
CA ILE B 359 22.73 54.00 -15.05
C ILE B 359 22.80 53.83 -16.58
N LYS B 360 21.81 54.39 -17.27
CA LYS B 360 21.78 54.29 -18.73
C LYS B 360 23.01 54.91 -19.36
N GLY B 361 23.45 56.05 -18.81
CA GLY B 361 24.57 56.81 -19.38
C GLY B 361 25.91 56.12 -19.15
N CYS B 362 26.03 55.42 -18.02
CA CYS B 362 27.23 54.69 -17.69
C CYS B 362 27.36 53.47 -18.60
N TYR B 363 26.27 52.74 -18.79
CA TYR B 363 26.29 51.58 -19.70
C TYR B 363 26.61 52.01 -21.16
N LEU B 364 25.90 52.99 -21.70
CA LEU B 364 26.11 53.42 -23.09
C LEU B 364 27.51 53.95 -23.34
N GLU B 365 27.98 54.74 -22.39
CA GLU B 365 29.29 55.26 -22.41
C GLU B 365 30.41 54.19 -22.46
N LYS B 366 30.39 53.24 -21.53
CA LYS B 366 31.38 52.15 -21.57
C LYS B 366 31.27 51.30 -22.84
N LEU B 367 30.05 51.00 -23.29
CA LEU B 367 29.86 50.19 -24.50
C LEU B 367 30.33 50.90 -25.74
N ARG B 368 30.18 52.22 -25.78
CA ARG B 368 30.49 53.01 -26.96
C ARG B 368 31.98 53.16 -27.16
N GLU B 369 32.68 53.30 -26.04
CA GLU B 369 34.13 53.41 -25.99
C GLU B 369 34.74 52.13 -26.46
N PHE B 370 34.14 51.01 -26.03
CA PHE B 370 34.63 49.68 -26.44
C PHE B 370 34.33 49.44 -27.91
N LEU B 371 33.11 49.70 -28.33
CA LEU B 371 32.77 49.52 -29.74
C LEU B 371 33.47 50.53 -30.69
N ARG B 372 34.00 51.64 -30.14
CA ARG B 372 34.82 52.59 -30.92
C ARG B 372 35.98 51.91 -31.62
N GLY B 373 36.88 51.28 -30.85
CA GLY B 373 38.01 50.54 -31.49
C GLY B 373 38.65 49.44 -30.66
N HIS C 21 8.85 -24.28 20.80
CA HIS C 21 8.69 -24.98 22.13
C HIS C 21 8.72 -26.52 22.11
N MET C 22 8.32 -27.11 21.00
CA MET C 22 8.32 -28.56 20.91
C MET C 22 9.72 -29.08 20.60
N GLN C 23 10.02 -30.29 21.01
CA GLN C 23 11.26 -30.92 20.61
C GLN C 23 11.12 -31.66 19.27
N PHE C 24 11.77 -31.18 18.22
CA PHE C 24 11.67 -31.89 16.95
C PHE C 24 12.58 -33.09 16.82
N GLU C 25 13.65 -33.11 17.62
CA GLU C 25 14.62 -34.22 17.71
C GLU C 25 15.27 -34.61 16.36
N VAL C 26 15.58 -33.57 15.61
CA VAL C 26 16.12 -33.70 14.30
C VAL C 26 17.45 -34.43 14.29
N LEU C 27 18.35 -34.01 15.19
CA LEU C 27 19.67 -34.57 15.26
C LEU C 27 19.59 -36.06 15.55
N LYS C 28 18.70 -36.41 16.46
CA LYS C 28 18.47 -37.80 16.88
C LYS C 28 17.80 -38.64 15.76
N ARG C 29 16.92 -38.02 15.00
CA ARG C 29 16.32 -38.75 13.88
C ARG C 29 17.37 -39.05 12.83
N PHE C 30 18.29 -38.10 12.63
CA PHE C 30 19.30 -38.16 11.60
C PHE C 30 20.47 -39.04 12.00
N PHE C 31 20.81 -38.99 13.30
CA PHE C 31 21.94 -39.74 13.81
C PHE C 31 21.54 -40.30 15.17
N PRO C 32 20.80 -41.43 15.15
CA PRO C 32 20.21 -42.04 16.36
C PRO C 32 21.19 -42.19 17.55
N LYS C 33 20.66 -42.11 18.77
CA LYS C 33 21.47 -42.11 20.02
C LYS C 33 22.32 -43.38 20.16
N GLU C 34 23.59 -43.18 20.39
CA GLU C 34 24.48 -44.28 20.78
C GLU C 34 23.88 -45.17 21.89
N SER C 35 23.08 -44.59 22.79
CA SER C 35 22.47 -45.35 23.85
C SER C 35 21.42 -46.43 23.46
N LEU C 36 20.91 -46.43 22.23
CA LEU C 36 20.06 -47.54 21.75
C LEU C 36 20.74 -48.90 21.84
N LYS C 37 22.07 -48.89 21.77
CA LYS C 37 22.92 -50.05 22.13
C LYS C 37 22.40 -50.83 23.33
N ASN C 38 21.96 -50.13 24.39
CA ASN C 38 21.50 -50.80 25.62
C ASN C 38 20.11 -51.46 25.47
N CYS C 39 19.53 -51.30 24.30
CA CYS C 39 18.20 -51.85 24.04
C CYS C 39 18.25 -53.02 23.06
N LYS C 40 19.44 -53.59 22.89
CA LYS C 40 19.66 -54.69 21.96
C LYS C 40 18.66 -55.82 22.13
N GLY C 41 18.18 -56.34 21.00
CA GLY C 41 17.24 -57.44 20.97
C GLY C 41 15.82 -57.14 21.39
N ALA C 42 15.45 -55.86 21.50
CA ALA C 42 14.07 -55.55 21.85
C ALA C 42 13.11 -55.79 20.67
N LEU C 43 11.83 -55.90 20.99
CA LEU C 43 10.76 -55.80 20.02
C LEU C 43 10.55 -54.30 19.71
N TRP C 44 10.62 -53.93 18.43
CA TRP C 44 10.51 -52.55 18.04
C TRP C 44 9.05 -52.28 17.67
N VAL C 45 8.42 -51.33 18.38
CA VAL C 45 7.06 -50.91 18.03
C VAL C 45 7.08 -49.46 17.59
N HIS C 46 6.54 -49.20 16.40
CA HIS C 46 6.45 -47.84 15.90
C HIS C 46 5.02 -47.36 15.87
N THR C 47 4.76 -46.28 16.60
CA THR C 47 3.44 -45.69 16.65
C THR C 47 3.58 -44.22 16.22
N ALA C 48 3.12 -43.90 15.00
CA ALA C 48 3.26 -42.55 14.46
C ALA C 48 3.07 -41.47 15.54
N SER C 49 1.90 -41.49 16.16
CA SER C 49 1.50 -40.49 17.13
C SER C 49 0.64 -41.07 18.27
N ILE C 50 0.01 -40.17 19.01
CA ILE C 50 -0.81 -40.56 20.14
C ILE C 50 -1.93 -41.53 19.77
N GLY C 51 -2.62 -41.27 18.66
CA GLY C 51 -3.71 -42.10 18.17
C GLY C 51 -3.27 -43.54 17.97
N GLU C 52 -2.12 -43.71 17.33
CA GLU C 52 -1.63 -45.05 17.06
C GLU C 52 -1.21 -45.76 18.34
N PHE C 53 -0.64 -45.03 19.29
CA PHE C 53 -0.21 -45.66 20.51
C PHE C 53 -1.40 -46.17 21.28
N ASN C 54 -2.45 -45.35 21.35
CA ASN C 54 -3.67 -45.70 22.06
C ASN C 54 -4.40 -46.86 21.37
N THR C 55 -4.49 -46.81 20.04
CA THR C 55 -5.05 -47.92 19.28
C THR C 55 -4.35 -49.26 19.65
N PHE C 56 -3.02 -49.23 19.73
CA PHE C 56 -2.24 -50.44 19.91
C PHE C 56 -2.11 -50.87 21.36
N LEU C 57 -2.42 -49.97 22.29
CA LEU C 57 -2.07 -50.17 23.67
C LEU C 57 -2.58 -51.53 24.25
N PRO C 58 -3.82 -51.94 23.90
CA PRO C 58 -4.22 -53.23 24.49
C PRO C 58 -3.34 -54.41 24.05
N ILE C 59 -2.64 -54.27 22.93
CA ILE C 59 -1.69 -55.29 22.48
C ILE C 59 -0.32 -55.12 23.16
N LEU C 60 0.23 -53.91 23.11
CA LEU C 60 1.50 -53.62 23.76
C LEU C 60 1.51 -54.07 25.23
N LYS C 61 0.41 -53.82 25.93
CA LYS C 61 0.26 -54.22 27.33
C LYS C 61 0.63 -55.71 27.49
N GLU C 62 0.15 -56.57 26.60
CA GLU C 62 0.46 -58.02 26.66
C GLU C 62 1.86 -58.39 26.17
N LEU C 63 2.32 -57.78 25.10
CA LEU C 63 3.63 -58.09 24.55
C LEU C 63 4.74 -57.65 25.51
N LYS C 64 4.51 -56.53 26.19
CA LYS C 64 5.41 -55.98 27.19
C LYS C 64 5.76 -57.04 28.26
N ARG C 65 4.92 -58.05 28.39
CA ARG C 65 5.11 -59.11 29.37
C ARG C 65 6.08 -60.17 28.89
N GLU C 66 6.35 -60.17 27.58
CA GLU C 66 7.14 -61.22 26.95
C GLU C 66 8.33 -60.69 26.15
N HIS C 67 8.48 -59.37 26.11
CA HIS C 67 9.52 -58.73 25.31
C HIS C 67 9.95 -57.45 25.92
N ARG C 68 11.22 -57.14 25.74
CA ARG C 68 11.66 -55.78 25.95
C ARG C 68 11.12 -54.97 24.76
N ILE C 69 10.63 -53.78 25.06
CA ILE C 69 10.01 -52.92 24.05
C ILE C 69 10.90 -51.72 23.71
N LEU C 70 11.19 -51.57 22.43
CA LEU C 70 11.78 -50.33 21.91
C LEU C 70 10.66 -49.61 21.17
N LEU C 71 10.23 -48.47 21.71
CA LEU C 71 9.11 -47.68 21.20
C LEU C 71 9.57 -46.44 20.44
N THR C 72 9.12 -46.35 19.19
CA THR C 72 9.39 -45.16 18.36
C THR C 72 8.09 -44.49 17.93
N TYR C 73 8.19 -43.24 17.54
CA TYR C 73 7.05 -42.40 17.19
C TYR C 73 7.56 -41.42 16.14
N PHE C 74 6.64 -40.87 15.36
CA PHE C 74 7.03 -39.91 14.33
C PHE C 74 6.68 -38.48 14.70
N SER C 75 5.50 -38.28 15.29
CA SER C 75 5.03 -36.95 15.56
C SER C 75 5.65 -36.36 16.86
N PRO C 76 6.18 -35.12 16.78
CA PRO C 76 6.83 -34.50 17.95
C PRO C 76 5.83 -34.23 19.08
N ARG C 77 4.55 -34.03 18.72
CA ARG C 77 3.42 -34.03 19.67
C ARG C 77 3.31 -35.24 20.58
N ALA C 78 3.88 -36.36 20.20
CA ALA C 78 3.70 -37.58 20.97
C ALA C 78 4.76 -37.77 22.06
N ARG C 79 5.92 -37.11 21.93
CA ARG C 79 7.00 -37.31 22.92
C ARG C 79 6.55 -37.14 24.38
N GLU C 80 6.02 -35.96 24.68
CA GLU C 80 5.56 -35.69 26.04
C GLU C 80 4.51 -36.68 26.53
N TYR C 81 3.50 -36.95 25.70
CA TYR C 81 2.49 -37.93 26.05
C TYR C 81 3.14 -39.27 26.38
N LEU C 82 4.02 -39.73 25.49
CA LEU C 82 4.66 -41.04 25.61
C LEU C 82 5.59 -41.14 26.79
N LYS C 83 6.14 -40.01 27.24
CA LYS C 83 6.93 -40.04 28.49
C LYS C 83 6.11 -40.50 29.69
N THR C 84 4.83 -40.11 29.73
CA THR C 84 3.92 -40.54 30.79
C THR C 84 3.57 -42.04 30.71
N LYS C 85 4.04 -42.72 29.67
CA LYS C 85 3.64 -44.10 29.42
C LYS C 85 4.79 -45.11 29.51
N SER C 86 5.85 -44.71 30.22
CA SER C 86 7.06 -45.52 30.46
C SER C 86 6.83 -46.88 31.07
N ASP C 87 5.63 -47.13 31.58
CA ASP C 87 5.28 -48.47 32.01
C ASP C 87 5.13 -49.45 30.85
N PHE C 88 4.93 -48.95 29.64
CA PHE C 88 4.61 -49.82 28.51
C PHE C 88 5.78 -50.02 27.54
N TYR C 89 6.96 -49.52 27.91
CA TYR C 89 8.17 -49.68 27.08
C TYR C 89 9.47 -49.57 27.91
N ASP C 90 10.55 -50.09 27.34
CA ASP C 90 11.85 -50.04 27.96
C ASP C 90 12.71 -48.89 27.39
N CYS C 91 12.61 -48.63 26.08
CA CYS C 91 13.30 -47.51 25.41
C CYS C 91 12.37 -46.71 24.53
N LEU C 92 12.71 -45.43 24.44
CA LEU C 92 11.93 -44.45 23.74
C LEU C 92 12.82 -43.64 22.79
N HIS C 93 12.52 -43.68 21.50
CA HIS C 93 13.35 -42.95 20.56
C HIS C 93 12.50 -42.52 19.37
N PRO C 94 12.72 -41.30 18.87
CA PRO C 94 11.98 -40.92 17.62
C PRO C 94 12.40 -41.76 16.43
N LEU C 95 11.45 -42.01 15.51
CA LEU C 95 11.73 -42.69 14.27
C LEU C 95 12.90 -42.00 13.59
N PRO C 96 13.88 -42.76 13.07
CA PRO C 96 14.99 -42.19 12.30
C PRO C 96 14.45 -41.58 10.97
N LEU C 97 15.07 -40.46 10.58
CA LEU C 97 14.86 -39.84 9.31
C LEU C 97 14.91 -40.89 8.22
N ASP C 98 14.17 -40.64 7.15
CA ASP C 98 14.00 -41.67 6.13
C ASP C 98 15.13 -41.57 5.09
N ASN C 99 16.30 -41.97 5.51
CA ASN C 99 17.43 -42.09 4.62
C ASN C 99 18.17 -43.34 5.02
N PRO C 100 18.80 -44.02 4.06
CA PRO C 100 19.32 -45.36 4.35
C PRO C 100 20.31 -45.37 5.51
N PHE C 101 21.07 -44.31 5.66
CA PHE C 101 22.11 -44.33 6.68
C PHE C 101 21.54 -44.12 8.07
N SER C 102 20.59 -43.18 8.20
CA SER C 102 19.88 -42.99 9.45
C SER C 102 19.09 -44.25 9.88
N VAL C 103 18.38 -44.89 8.93
CA VAL C 103 17.59 -46.09 9.22
C VAL C 103 18.52 -47.26 9.67
N LYS C 104 19.61 -47.42 8.92
CA LYS C 104 20.58 -48.45 9.20
C LYS C 104 21.37 -48.25 10.51
N ARG C 105 21.67 -47.00 10.92
CA ARG C 105 22.41 -46.79 12.20
C ARG C 105 21.47 -47.14 13.32
N PHE C 106 20.20 -46.77 13.19
CA PHE C 106 19.20 -47.13 14.19
C PHE C 106 19.17 -48.64 14.42
N GLU C 107 18.99 -49.36 13.32
CA GLU C 107 18.92 -50.81 13.33
C GLU C 107 20.20 -51.48 13.87
N GLU C 108 21.35 -50.96 13.48
CA GLU C 108 22.62 -51.54 13.80
C GLU C 108 22.87 -51.39 15.33
N LEU C 109 22.52 -50.25 15.90
CA LEU C 109 22.63 -50.01 17.35
C LEU C 109 21.72 -50.90 18.17
N SER C 110 20.46 -50.98 17.76
CA SER C 110 19.43 -51.55 18.61
C SER C 110 19.20 -53.04 18.39
N LYS C 111 19.83 -53.62 17.37
CA LYS C 111 19.62 -55.03 17.03
C LYS C 111 18.22 -55.60 17.40
N PRO C 112 17.16 -55.05 16.81
CA PRO C 112 15.80 -55.48 17.18
C PRO C 112 15.41 -56.85 16.60
N LYS C 113 14.49 -57.55 17.24
CA LYS C 113 14.12 -58.90 16.79
C LYS C 113 13.04 -58.83 15.70
N ALA C 114 12.20 -57.80 15.79
CA ALA C 114 11.15 -57.53 14.87
C ALA C 114 10.76 -56.06 15.05
N LEU C 115 10.02 -55.55 14.07
CA LEU C 115 9.44 -54.22 14.10
C LEU C 115 7.96 -54.35 13.77
N ILE C 116 7.10 -53.94 14.69
CA ILE C 116 5.66 -53.86 14.44
C ILE C 116 5.32 -52.43 14.09
N VAL C 117 4.81 -52.22 12.88
CA VAL C 117 4.33 -50.89 12.46
C VAL C 117 2.81 -50.81 12.60
N VAL C 118 2.37 -49.87 13.43
CA VAL C 118 0.96 -49.65 13.64
C VAL C 118 0.34 -48.79 12.54
N GLU C 119 -0.56 -49.44 11.79
CA GLU C 119 -1.53 -48.82 10.85
C GLU C 119 -1.02 -48.66 9.41
N ARG C 120 0.16 -48.10 9.23
CA ARG C 120 0.58 -47.80 7.84
C ARG C 120 2.00 -47.30 7.75
N GLU C 121 2.23 -46.03 8.03
CA GLU C 121 3.60 -45.59 8.12
C GLU C 121 4.44 -46.28 7.05
N PHE C 122 4.01 -46.17 5.78
CA PHE C 122 4.87 -46.53 4.66
C PHE C 122 6.06 -45.59 4.47
N TRP C 123 7.06 -45.66 5.35
CA TRP C 123 8.34 -45.02 5.13
C TRP C 123 9.26 -45.85 4.24
N PRO C 124 9.45 -45.42 2.98
CA PRO C 124 10.23 -46.27 2.06
C PRO C 124 11.65 -46.66 2.55
N SER C 125 12.52 -45.71 2.91
CA SER C 125 13.89 -46.09 3.37
C SER C 125 13.83 -46.97 4.61
N LEU C 126 12.96 -46.64 5.55
CA LEU C 126 12.73 -47.53 6.70
C LEU C 126 12.48 -48.98 6.24
N ILE C 127 11.59 -49.14 5.26
CA ILE C 127 11.08 -50.45 4.93
C ILE C 127 12.07 -51.20 4.08
N ILE C 128 12.66 -50.49 3.12
CA ILE C 128 13.57 -51.06 2.12
C ILE C 128 14.93 -51.42 2.72
N PHE C 129 15.44 -50.54 3.57
CA PHE C 129 16.81 -50.64 4.04
C PHE C 129 17.07 -51.32 5.37
N THR C 130 16.03 -51.73 6.10
CA THR C 130 16.19 -52.49 7.33
C THR C 130 16.09 -53.98 7.05
N LYS C 131 16.78 -54.81 7.83
CA LYS C 131 16.74 -56.27 7.66
C LYS C 131 15.77 -56.90 8.62
N VAL C 132 15.48 -56.15 9.68
CA VAL C 132 14.61 -56.62 10.72
C VAL C 132 13.28 -57.18 10.17
N PRO C 133 12.86 -58.33 10.69
CA PRO C 133 11.53 -58.75 10.22
C PRO C 133 10.48 -57.67 10.56
N LYS C 134 9.52 -57.46 9.67
CA LYS C 134 8.59 -56.37 9.80
C LYS C 134 7.16 -56.86 9.80
N ILE C 135 6.41 -56.32 10.75
CA ILE C 135 5.00 -56.62 10.91
C ILE C 135 4.16 -55.34 10.80
N LEU C 136 3.09 -55.43 10.00
CA LEU C 136 2.10 -54.37 9.78
C LEU C 136 0.75 -54.71 10.45
N VAL C 137 0.24 -53.86 11.34
CA VAL C 137 -1.00 -54.15 12.06
C VAL C 137 -2.06 -53.10 11.80
N ASN C 138 -3.29 -53.58 11.57
CA ASN C 138 -4.48 -52.73 11.41
C ASN C 138 -4.54 -52.02 10.09
N ALA C 139 -3.95 -52.61 9.08
CA ALA C 139 -3.86 -51.93 7.80
C ALA C 139 -5.17 -52.00 6.99
N TYR C 140 -5.35 -51.06 6.08
CA TYR C 140 -6.44 -51.11 5.09
C TYR C 140 -5.78 -50.96 3.73
N ALA C 141 -6.42 -51.42 2.67
CA ALA C 141 -5.84 -51.26 1.38
C ALA C 141 -6.43 -50.03 0.72
N LYS C 142 -5.57 -49.27 0.05
CA LYS C 142 -6.02 -48.12 -0.74
C LYS C 142 -5.85 -48.33 -2.23
N GLY C 143 -5.12 -49.37 -2.63
CA GLY C 143 -4.94 -49.72 -4.06
C GLY C 143 -3.94 -48.84 -4.79
N SER C 144 -3.04 -48.20 -4.03
CA SER C 144 -2.06 -47.28 -4.62
C SER C 144 -0.75 -47.99 -4.94
N LEU C 145 -0.01 -47.45 -5.91
CA LEU C 145 1.26 -48.05 -6.30
C LEU C 145 2.24 -48.33 -5.13
N ILE C 146 2.40 -47.36 -4.22
CA ILE C 146 3.35 -47.48 -3.13
C ILE C 146 3.01 -48.71 -2.26
N GLU C 147 1.73 -49.02 -2.13
CA GLU C 147 1.31 -50.26 -1.49
C GLU C 147 1.72 -51.49 -2.29
N LYS C 148 1.62 -51.42 -3.61
CA LYS C 148 2.02 -52.55 -4.45
C LYS C 148 3.49 -52.81 -4.17
N ILE C 149 4.23 -51.75 -3.88
CA ILE C 149 5.67 -51.89 -3.78
C ILE C 149 6.12 -52.29 -2.35
N LEU C 150 5.56 -51.64 -1.34
CA LEU C 150 6.07 -51.84 -0.04
C LEU C 150 5.38 -53.02 0.68
N SER C 151 4.15 -53.35 0.32
CA SER C 151 3.40 -54.37 1.09
C SER C 151 4.16 -55.67 1.23
N LYS C 152 4.74 -56.11 0.13
CA LYS C 152 5.51 -57.37 0.05
C LYS C 152 6.78 -57.38 0.91
N LYS C 153 7.19 -56.22 1.40
CA LYS C 153 8.38 -56.21 2.22
C LYS C 153 8.11 -56.55 3.68
N PHE C 154 6.83 -56.64 4.06
CA PHE C 154 6.43 -57.11 5.38
C PHE C 154 6.39 -58.62 5.48
N ASP C 155 6.88 -59.18 6.59
CA ASP C 155 6.84 -60.63 6.80
C ASP C 155 5.49 -61.08 7.28
N LEU C 156 4.72 -60.17 7.86
CA LEU C 156 3.38 -60.46 8.34
C LEU C 156 2.58 -59.17 8.26
N ILE C 157 1.37 -59.25 7.69
CA ILE C 157 0.46 -58.13 7.61
C ILE C 157 -0.91 -58.50 8.23
N ILE C 158 -1.37 -57.73 9.20
CA ILE C 158 -2.71 -57.98 9.77
C ILE C 158 -3.64 -56.79 9.48
N MET C 159 -4.71 -57.12 8.75
CA MET C 159 -5.59 -56.12 8.16
C MET C 159 -6.93 -56.02 8.88
N ARG C 160 -7.70 -55.01 8.52
CA ARG C 160 -8.96 -54.73 9.20
C ARG C 160 -10.09 -55.58 8.66
N THR C 161 -10.11 -55.79 7.35
CA THR C 161 -11.20 -56.56 6.71
C THR C 161 -10.68 -57.59 5.74
N GLN C 162 -11.49 -58.61 5.45
CA GLN C 162 -11.14 -59.63 4.46
C GLN C 162 -11.00 -58.99 3.07
N GLU C 163 -11.79 -57.97 2.79
CA GLU C 163 -11.64 -57.22 1.55
C GLU C 163 -10.23 -56.66 1.37
N ASP C 164 -9.70 -55.98 2.40
CA ASP C 164 -8.35 -55.41 2.37
C ASP C 164 -7.32 -56.52 2.15
N VAL C 165 -7.53 -57.65 2.81
CA VAL C 165 -6.70 -58.85 2.64
C VAL C 165 -6.60 -59.32 1.19
N GLU C 166 -7.73 -59.37 0.48
CA GLU C 166 -7.71 -59.78 -0.93
C GLU C 166 -6.80 -58.86 -1.70
N LYS C 167 -6.99 -57.55 -1.54
CA LYS C 167 -6.19 -56.58 -2.30
C LYS C 167 -4.67 -56.77 -2.15
N PHE C 168 -4.20 -56.97 -0.92
CA PHE C 168 -2.78 -57.19 -0.65
C PHE C 168 -2.28 -58.55 -1.17
N LYS C 169 -3.18 -59.53 -1.23
CA LYS C 169 -2.87 -60.83 -1.83
C LYS C 169 -2.48 -60.64 -3.29
N THR C 170 -3.33 -59.93 -4.04
CA THR C 170 -3.04 -59.53 -5.41
C THR C 170 -1.78 -58.62 -5.54
N PHE C 171 -1.20 -58.21 -4.42
CA PHE C 171 0.10 -57.51 -4.40
C PHE C 171 1.27 -58.46 -4.16
N GLY C 172 0.96 -59.75 -3.99
CA GLY C 172 1.97 -60.77 -3.76
C GLY C 172 2.52 -60.72 -2.35
N ALA C 173 1.73 -60.22 -1.42
CA ALA C 173 2.05 -60.35 -0.01
C ALA C 173 1.67 -61.75 0.45
N LYS C 174 2.65 -62.41 1.06
CA LYS C 174 2.48 -63.72 1.65
C LYS C 174 2.25 -63.35 3.09
N ARG C 175 1.58 -64.20 3.85
CA ARG C 175 1.31 -63.89 5.27
C ARG C 175 0.53 -62.57 5.51
N VAL C 176 -0.70 -62.54 5.01
CA VAL C 176 -1.64 -61.47 5.25
C VAL C 176 -2.99 -62.02 5.75
N PHE C 177 -3.37 -61.59 6.95
CA PHE C 177 -4.59 -62.05 7.59
C PHE C 177 -5.46 -60.85 8.00
N SER C 178 -6.69 -61.16 8.36
CA SER C 178 -7.64 -60.18 8.85
C SER C 178 -7.99 -60.43 10.32
N CYS C 179 -7.86 -59.40 11.16
CA CYS C 179 -8.27 -59.57 12.55
C CYS C 179 -9.35 -58.59 13.03
N GLY C 180 -9.85 -57.75 12.11
CA GLY C 180 -10.74 -56.68 12.49
C GLY C 180 -9.96 -55.43 12.85
N ASN C 181 -10.69 -54.40 13.23
CA ASN C 181 -10.11 -53.11 13.53
C ASN C 181 -9.73 -53.01 15.03
N LEU C 182 -8.43 -52.79 15.28
CA LEU C 182 -7.91 -52.53 16.66
C LEU C 182 -8.62 -51.40 17.42
N LYS C 183 -9.14 -50.42 16.69
CA LYS C 183 -9.85 -49.30 17.36
C LYS C 183 -11.18 -49.70 18.02
N PHE C 184 -11.66 -50.91 17.74
CA PHE C 184 -12.91 -51.40 18.38
C PHE C 184 -12.69 -52.22 19.65
N ILE C 185 -11.48 -52.17 20.18
CA ILE C 185 -11.20 -52.90 21.40
C ILE C 185 -11.66 -52.08 22.61
N CYS C 186 -12.43 -52.74 23.46
CA CYS C 186 -12.97 -52.11 24.62
C CYS C 186 -11.90 -51.97 25.69
N GLN C 187 -11.89 -50.82 26.33
CA GLN C 187 -10.99 -50.52 27.43
C GLN C 187 -11.88 -50.01 28.56
N LYS C 188 -12.68 -50.90 29.11
CA LYS C 188 -13.80 -50.50 29.97
C LYS C 188 -13.46 -49.73 31.26
N GLY C 189 -12.36 -50.09 31.91
CA GLY C 189 -12.09 -49.60 33.26
C GLY C 189 -13.13 -50.12 34.27
N LYS C 190 -13.28 -49.40 35.38
CA LYS C 190 -13.95 -49.96 36.56
C LYS C 190 -15.47 -49.93 36.57
N GLY C 191 -16.08 -48.84 36.11
CA GLY C 191 -17.53 -48.73 36.04
C GLY C 191 -18.12 -48.31 37.38
N ILE C 192 -19.19 -47.51 37.33
CA ILE C 192 -19.82 -46.99 38.56
C ILE C 192 -21.20 -47.60 38.72
N LYS C 193 -21.62 -47.82 39.96
CA LYS C 193 -22.97 -48.30 40.24
C LYS C 193 -23.78 -47.26 41.00
N LEU C 194 -25.00 -47.04 40.50
CA LEU C 194 -25.94 -46.12 41.12
C LEU C 194 -27.30 -46.77 41.13
N LYS C 195 -28.00 -46.63 42.27
CA LYS C 195 -29.41 -46.99 42.38
C LYS C 195 -30.18 -45.96 41.55
N GLY C 196 -31.07 -46.43 40.69
CA GLY C 196 -31.93 -45.52 39.91
C GLY C 196 -32.12 -46.04 38.49
N GLU C 197 -32.90 -45.32 37.71
CA GLU C 197 -33.10 -45.64 36.31
C GLU C 197 -32.62 -44.43 35.48
N PHE C 198 -31.64 -44.65 34.60
CA PHE C 198 -30.88 -43.57 33.95
C PHE C 198 -30.73 -43.69 32.44
N ILE C 199 -30.87 -42.58 31.73
CA ILE C 199 -30.19 -42.39 30.43
C ILE C 199 -28.89 -41.65 30.74
N VAL C 200 -27.81 -41.96 30.02
CA VAL C 200 -26.58 -41.15 30.07
C VAL C 200 -26.27 -40.47 28.74
N ALA C 201 -26.29 -39.13 28.75
CA ALA C 201 -25.85 -38.33 27.61
C ALA C 201 -24.45 -37.77 27.90
N GLY C 202 -23.48 -38.20 27.11
CA GLY C 202 -22.08 -37.82 27.27
C GLY C 202 -21.50 -36.98 26.15
N SER C 203 -20.63 -36.07 26.53
CA SER C 203 -19.93 -35.21 25.60
C SER C 203 -20.87 -34.31 24.78
N ILE C 204 -21.87 -33.77 25.47
CA ILE C 204 -22.90 -32.92 24.89
C ILE C 204 -22.43 -31.47 24.71
N HIS C 205 -22.70 -30.92 23.51
CA HIS C 205 -22.35 -29.54 23.21
C HIS C 205 -23.52 -28.61 23.43
N THR C 206 -23.21 -27.34 23.66
CA THR C 206 -24.18 -26.29 23.90
C THR C 206 -25.28 -26.37 22.85
N GLY C 207 -24.93 -26.56 21.59
CA GLY C 207 -25.92 -26.58 20.51
C GLY C 207 -26.78 -27.83 20.50
N GLU C 208 -26.39 -28.81 21.31
CA GLU C 208 -27.09 -30.08 21.35
C GLU C 208 -28.05 -30.16 22.52
N VAL C 209 -27.79 -29.33 23.53
CA VAL C 209 -28.39 -29.52 24.85
C VAL C 209 -29.90 -29.36 24.85
N GLU C 210 -30.41 -28.57 23.90
CA GLU C 210 -31.82 -28.26 23.80
C GLU C 210 -32.58 -29.49 23.29
N ILE C 211 -32.13 -30.01 22.16
CA ILE C 211 -32.76 -31.18 21.57
C ILE C 211 -32.87 -32.38 22.56
N ILE C 212 -31.82 -32.58 23.36
CA ILE C 212 -31.80 -33.68 24.33
C ILE C 212 -32.71 -33.46 25.53
N LEU C 213 -32.87 -32.21 25.95
CA LEU C 213 -33.79 -31.93 27.05
C LEU C 213 -35.24 -31.91 26.59
N LYS C 214 -35.47 -31.49 25.35
CA LYS C 214 -36.82 -31.53 24.78
C LYS C 214 -37.27 -32.96 24.57
N ALA C 215 -36.35 -33.84 24.21
CA ALA C 215 -36.67 -35.26 24.02
C ALA C 215 -36.88 -35.96 25.36
N PHE C 216 -36.02 -35.66 26.33
CA PHE C 216 -36.09 -36.32 27.62
C PHE C 216 -37.39 -35.95 28.29
N LYS C 217 -37.74 -34.67 28.19
CA LYS C 217 -39.03 -34.15 28.68
C LYS C 217 -40.20 -34.91 28.05
N GLU C 218 -40.18 -35.06 26.73
CA GLU C 218 -41.18 -35.84 26.02
C GLU C 218 -41.22 -37.27 26.57
N ILE C 219 -40.06 -37.91 26.71
CA ILE C 219 -39.93 -39.26 27.30
C ILE C 219 -40.54 -39.39 28.73
N LYS C 220 -40.20 -38.46 29.62
CA LYS C 220 -40.60 -38.49 31.02
C LYS C 220 -42.11 -38.49 31.28
N LYS C 221 -42.88 -38.11 30.26
CA LYS C 221 -44.33 -38.21 30.29
C LYS C 221 -44.75 -39.67 30.49
N THR C 222 -43.89 -40.58 30.06
CA THR C 222 -44.15 -42.02 30.11
C THR C 222 -43.34 -42.70 31.20
N TYR C 223 -42.05 -42.39 31.29
CA TYR C 223 -41.17 -43.05 32.26
C TYR C 223 -40.82 -42.07 33.37
N SER C 224 -41.67 -42.04 34.39
CA SER C 224 -41.61 -41.00 35.42
C SER C 224 -40.36 -41.07 36.30
N SER C 225 -39.87 -42.29 36.52
CA SER C 225 -38.76 -42.50 37.44
C SER C 225 -37.37 -42.35 36.78
N LEU C 226 -37.37 -42.08 35.47
CA LEU C 226 -36.16 -42.00 34.67
C LEU C 226 -35.40 -40.69 34.88
N LYS C 227 -34.10 -40.81 35.14
CA LYS C 227 -33.22 -39.66 35.34
C LYS C 227 -32.18 -39.58 34.22
N LEU C 228 -31.94 -38.38 33.74
CA LEU C 228 -30.93 -38.14 32.72
C LEU C 228 -29.64 -37.69 33.36
N ILE C 229 -28.54 -38.38 33.07
CA ILE C 229 -27.23 -37.91 33.47
C ILE C 229 -26.62 -37.16 32.30
N LEU C 230 -26.42 -35.85 32.47
CA LEU C 230 -25.99 -34.98 31.39
C LEU C 230 -24.56 -34.54 31.62
N VAL C 231 -23.69 -34.99 30.71
CA VAL C 231 -22.26 -34.74 30.79
C VAL C 231 -21.76 -33.93 29.58
N PRO C 232 -21.61 -32.60 29.78
CA PRO C 232 -21.12 -31.70 28.73
C PRO C 232 -19.74 -32.08 28.23
N ARG C 233 -19.47 -31.88 26.93
CA ARG C 233 -18.10 -32.03 26.39
C ARG C 233 -17.15 -31.24 27.29
N HIS C 234 -17.47 -29.95 27.48
CA HIS C 234 -16.68 -29.06 28.31
C HIS C 234 -17.41 -28.78 29.61
N ILE C 235 -16.79 -29.21 30.69
CA ILE C 235 -17.37 -29.05 32.02
C ILE C 235 -17.58 -27.59 32.49
N GLU C 236 -16.84 -26.64 31.91
CA GLU C 236 -17.08 -25.22 32.17
C GLU C 236 -18.50 -24.77 31.81
N ASN C 237 -19.27 -25.62 31.13
CA ASN C 237 -20.66 -25.30 30.77
C ASN C 237 -21.71 -26.03 31.61
N ALA C 238 -21.29 -26.68 32.68
CA ALA C 238 -22.22 -27.46 33.51
C ALA C 238 -23.32 -26.57 34.11
N LYS C 239 -22.92 -25.37 34.55
CA LYS C 239 -23.83 -24.49 35.23
C LYS C 239 -24.88 -23.95 34.28
N ILE C 240 -24.45 -23.58 33.08
CA ILE C 240 -25.35 -23.19 31.99
C ILE C 240 -26.26 -24.34 31.56
N PHE C 241 -25.76 -25.57 31.59
CA PHE C 241 -26.60 -26.70 31.21
C PHE C 241 -27.69 -26.92 32.29
N GLU C 242 -27.27 -26.90 33.56
CA GLU C 242 -28.18 -27.01 34.71
C GLU C 242 -29.30 -25.98 34.65
N LYS C 243 -28.93 -24.69 34.51
CA LYS C 243 -29.90 -23.61 34.34
C LYS C 243 -30.86 -23.83 33.19
N LYS C 244 -30.35 -24.26 32.04
CA LYS C 244 -31.20 -24.65 30.93
C LYS C 244 -32.23 -25.70 31.34
N ALA C 245 -31.80 -26.68 32.15
CA ALA C 245 -32.68 -27.77 32.57
C ALA C 245 -33.76 -27.29 33.58
N ARG C 246 -33.41 -26.32 34.43
CA ARG C 246 -34.37 -25.58 35.25
C ARG C 246 -35.45 -24.85 34.44
N ASP C 247 -35.03 -24.03 33.47
CA ASP C 247 -35.95 -23.34 32.55
C ASP C 247 -36.89 -24.28 31.81
N PHE C 248 -36.50 -25.54 31.65
CA PHE C 248 -37.36 -26.52 31.01
C PHE C 248 -38.29 -27.24 32.02
N GLY C 249 -38.05 -27.00 33.30
CA GLY C 249 -38.92 -27.46 34.37
C GLY C 249 -38.42 -28.66 35.17
N PHE C 250 -37.19 -29.09 34.96
CA PHE C 250 -36.67 -30.25 35.66
C PHE C 250 -36.14 -29.92 37.05
N LYS C 251 -36.37 -30.81 38.01
CA LYS C 251 -35.53 -30.89 39.20
C LYS C 251 -34.12 -31.20 38.70
N THR C 252 -33.12 -30.51 39.26
CA THR C 252 -31.74 -30.69 38.80
C THR C 252 -30.85 -30.95 40.00
N SER C 253 -29.72 -31.61 39.75
CA SER C 253 -28.70 -31.85 40.78
C SER C 253 -27.33 -31.98 40.14
N PHE C 254 -26.29 -31.82 40.93
CA PHE C 254 -24.94 -32.00 40.46
C PHE C 254 -24.42 -33.31 41.01
N PHE C 255 -23.80 -34.10 40.13
CA PHE C 255 -23.42 -35.48 40.42
C PHE C 255 -22.72 -35.70 41.78
N GLU C 256 -22.84 -36.94 42.24
CA GLU C 256 -22.88 -37.35 43.64
C GLU C 256 -24.38 -37.37 43.93
N ASN C 257 -24.99 -36.18 43.91
CA ASN C 257 -26.41 -35.97 44.19
C ASN C 257 -27.32 -36.41 43.03
N LEU C 258 -28.11 -37.44 43.28
CA LEU C 258 -28.92 -38.07 42.24
C LEU C 258 -30.39 -37.64 42.27
N GLU C 259 -30.69 -36.65 43.11
CA GLU C 259 -32.08 -36.24 43.36
C GLU C 259 -32.83 -35.61 42.19
N GLY C 260 -32.10 -35.01 41.26
CA GLY C 260 -32.72 -34.37 40.11
C GLY C 260 -33.31 -35.33 39.08
N ASP C 261 -34.12 -34.77 38.18
CA ASP C 261 -34.56 -35.46 36.96
C ASP C 261 -33.42 -35.40 35.94
N VAL C 262 -32.65 -34.30 36.02
CA VAL C 262 -31.45 -34.08 35.23
C VAL C 262 -30.28 -33.89 36.19
N ILE C 263 -29.35 -34.83 36.14
CA ILE C 263 -28.18 -34.83 36.99
C ILE C 263 -27.03 -34.31 36.15
N LEU C 264 -26.36 -33.26 36.62
CA LEU C 264 -25.20 -32.74 35.91
C LEU C 264 -23.90 -33.21 36.47
N VAL C 265 -22.97 -33.44 35.54
CA VAL C 265 -21.62 -33.87 35.82
C VAL C 265 -20.69 -32.73 35.40
N ASP C 266 -19.93 -32.22 36.37
CA ASP C 266 -19.01 -31.09 36.16
C ASP C 266 -17.55 -31.45 36.38
N ARG C 267 -17.30 -32.74 36.56
CA ARG C 267 -15.94 -33.29 36.62
C ARG C 267 -15.56 -33.95 35.30
N PHE C 268 -14.37 -33.65 34.78
CA PHE C 268 -13.79 -34.40 33.68
C PHE C 268 -13.23 -35.74 34.17
N GLY C 269 -13.31 -36.76 33.32
CA GLY C 269 -12.66 -38.04 33.59
C GLY C 269 -13.56 -39.09 34.23
N ILE C 270 -14.87 -38.88 34.17
CA ILE C 270 -15.81 -39.77 34.83
C ILE C 270 -16.75 -40.48 33.83
N LEU C 271 -17.00 -39.84 32.70
CA LEU C 271 -18.00 -40.27 31.72
C LEU C 271 -17.95 -41.75 31.30
N LYS C 272 -16.77 -42.30 31.05
CA LYS C 272 -16.70 -43.70 30.61
C LYS C 272 -17.04 -44.67 31.73
N GLU C 273 -16.72 -44.29 32.97
CA GLU C 273 -17.05 -45.09 34.16
C GLU C 273 -18.56 -45.01 34.44
N LEU C 274 -19.20 -44.01 33.85
CA LEU C 274 -20.56 -43.65 34.20
C LEU C 274 -21.59 -44.34 33.33
N TYR C 275 -21.21 -44.62 32.08
CA TYR C 275 -22.13 -45.27 31.12
C TYR C 275 -22.92 -46.51 31.60
N PRO C 276 -22.27 -47.48 32.30
CA PRO C 276 -22.89 -48.77 32.68
C PRO C 276 -24.13 -48.63 33.55
N VAL C 277 -24.38 -47.41 33.99
CA VAL C 277 -25.44 -47.06 34.90
C VAL C 277 -26.73 -46.84 34.09
N GLY C 278 -26.58 -46.55 32.80
CA GLY C 278 -27.74 -46.28 31.93
C GLY C 278 -28.24 -47.46 31.12
N LYS C 279 -29.51 -47.41 30.76
CA LYS C 279 -30.10 -48.37 29.84
C LYS C 279 -29.74 -47.97 28.42
N ILE C 280 -29.61 -46.65 28.20
CA ILE C 280 -29.27 -46.11 26.89
C ILE C 280 -28.27 -44.97 27.07
N ALA C 281 -27.39 -44.83 26.08
CA ALA C 281 -26.48 -43.71 26.02
C ALA C 281 -26.78 -42.85 24.79
N ILE C 282 -26.54 -41.55 24.93
CA ILE C 282 -26.52 -40.60 23.84
C ILE C 282 -25.14 -39.97 23.85
N VAL C 283 -24.49 -39.89 22.68
CA VAL C 283 -23.16 -39.31 22.62
C VAL C 283 -23.23 -38.08 21.72
N GLY C 284 -22.83 -36.94 22.29
CA GLY C 284 -22.88 -35.67 21.58
C GLY C 284 -21.75 -35.48 20.59
N GLY C 285 -21.47 -34.21 20.27
CA GLY C 285 -20.66 -33.89 19.11
C GLY C 285 -21.35 -34.25 17.81
N THR C 286 -22.61 -34.68 17.88
CA THR C 286 -23.23 -35.38 16.76
C THR C 286 -24.47 -34.71 16.20
N PHE C 287 -25.18 -33.93 17.02
CA PHE C 287 -26.34 -33.18 16.57
C PHE C 287 -25.96 -31.80 16.04
N VAL C 288 -24.72 -31.41 16.28
CA VAL C 288 -24.16 -30.22 15.66
C VAL C 288 -23.02 -30.69 14.80
N ASN C 289 -22.60 -29.87 13.84
CA ASN C 289 -21.57 -30.28 12.87
C ASN C 289 -20.14 -30.43 13.42
N ILE C 290 -19.98 -31.12 14.55
CA ILE C 290 -18.66 -31.39 15.14
C ILE C 290 -17.99 -32.64 14.53
N GLY C 291 -18.77 -33.69 14.29
CA GLY C 291 -18.27 -34.93 13.69
C GLY C 291 -18.24 -36.10 14.67
N GLY C 292 -18.51 -35.83 15.94
CA GLY C 292 -18.79 -36.90 16.87
C GLY C 292 -17.68 -37.23 17.84
N HIS C 293 -18.09 -37.71 19.01
CA HIS C 293 -17.14 -38.11 20.02
C HIS C 293 -17.15 -39.61 20.15
N ASN C 294 -16.66 -40.17 21.24
CA ASN C 294 -16.45 -41.61 21.34
C ASN C 294 -17.76 -42.43 21.46
N LEU C 295 -18.26 -42.94 20.35
CA LEU C 295 -19.49 -43.77 20.36
C LEU C 295 -19.29 -45.14 21.00
N LEU C 296 -18.05 -45.60 21.12
CA LEU C 296 -17.79 -46.95 21.52
C LEU C 296 -18.03 -47.19 23.01
N GLU C 297 -17.56 -46.28 23.85
CA GLU C 297 -17.63 -46.46 25.32
C GLU C 297 -18.94 -47.05 25.89
N PRO C 298 -20.10 -46.44 25.59
CA PRO C 298 -21.27 -47.08 26.21
C PRO C 298 -21.47 -48.50 25.69
N THR C 299 -21.26 -48.74 24.39
CA THR C 299 -21.60 -50.05 23.84
C THR C 299 -20.73 -51.16 24.43
N CYS C 300 -19.57 -50.78 24.96
CA CYS C 300 -18.71 -51.77 25.58
C CYS C 300 -19.34 -52.39 26.80
N TRP C 301 -20.29 -51.69 27.42
CA TRP C 301 -20.99 -52.21 28.59
C TRP C 301 -22.30 -52.91 28.22
N GLY C 302 -22.54 -53.12 26.92
CA GLY C 302 -23.76 -53.81 26.47
C GLY C 302 -24.98 -52.91 26.31
N ILE C 303 -24.74 -51.61 26.19
CA ILE C 303 -25.76 -50.56 26.20
C ILE C 303 -25.78 -49.86 24.85
N PRO C 304 -26.95 -49.71 24.23
CA PRO C 304 -27.11 -49.04 22.92
C PRO C 304 -26.80 -47.53 22.97
N VAL C 305 -26.33 -46.98 21.85
CA VAL C 305 -25.96 -45.57 21.76
C VAL C 305 -26.70 -44.91 20.60
N ILE C 306 -27.18 -43.70 20.88
CA ILE C 306 -27.85 -42.85 19.91
C ILE C 306 -26.97 -41.63 19.68
N TYR C 307 -27.01 -41.12 18.45
CA TYR C 307 -26.21 -39.97 18.05
C TYR C 307 -26.93 -39.29 16.90
N GLY C 308 -26.61 -38.02 16.67
CA GLY C 308 -27.18 -37.28 15.57
C GLY C 308 -26.44 -37.57 14.28
N PRO C 309 -26.73 -36.79 13.22
CA PRO C 309 -26.23 -37.11 11.88
C PRO C 309 -24.78 -36.76 11.61
N TYR C 310 -24.15 -35.99 12.50
CA TYR C 310 -22.82 -35.47 12.19
C TYR C 310 -21.75 -36.35 12.82
N THR C 311 -21.48 -37.47 12.16
CA THR C 311 -20.56 -38.48 12.66
C THR C 311 -19.38 -38.68 11.70
N HIS C 312 -19.09 -37.67 10.89
CA HIS C 312 -18.07 -37.82 9.83
C HIS C 312 -16.63 -38.00 10.34
N LYS C 313 -16.37 -37.68 11.61
CA LYS C 313 -15.04 -37.89 12.19
C LYS C 313 -14.89 -39.24 12.89
N VAL C 314 -16.00 -39.96 13.05
CA VAL C 314 -16.00 -41.28 13.64
C VAL C 314 -16.78 -42.26 12.74
N ASN C 315 -16.58 -42.13 11.43
CA ASN C 315 -17.37 -42.88 10.46
C ASN C 315 -17.23 -44.41 10.53
N ASP C 316 -15.99 -44.89 10.53
CA ASP C 316 -15.71 -46.31 10.62
C ASP C 316 -16.39 -46.84 11.85
N LEU C 317 -16.29 -46.07 12.94
CA LEU C 317 -16.86 -46.47 14.21
C LEU C 317 -18.38 -46.50 14.10
N LYS C 318 -18.98 -45.46 13.52
CA LYS C 318 -20.42 -45.40 13.34
C LYS C 318 -20.93 -46.61 12.55
N GLU C 319 -20.32 -46.87 11.40
CA GLU C 319 -20.70 -47.99 10.56
C GLU C 319 -20.56 -49.34 11.24
N PHE C 320 -19.45 -49.51 11.97
CA PHE C 320 -19.23 -50.68 12.83
C PHE C 320 -20.43 -50.93 13.76
N LEU C 321 -20.74 -49.96 14.61
CA LEU C 321 -21.85 -50.07 15.56
C LEU C 321 -23.23 -50.35 14.94
N GLU C 322 -23.53 -49.74 13.80
CA GLU C 322 -24.76 -50.09 13.05
C GLU C 322 -24.78 -51.57 12.66
N LYS C 323 -23.71 -52.05 12.02
CA LYS C 323 -23.58 -53.45 11.73
C LYS C 323 -23.82 -54.32 13.00
N GLU C 324 -23.39 -53.82 14.16
CA GLU C 324 -23.49 -54.60 15.41
C GLU C 324 -24.87 -54.48 16.08
N GLY C 325 -25.75 -53.65 15.50
CA GLY C 325 -27.04 -53.30 16.08
C GLY C 325 -26.96 -52.50 17.38
N ALA C 326 -25.84 -51.80 17.60
CA ALA C 326 -25.58 -51.06 18.86
C ALA C 326 -25.66 -49.53 18.74
N GLY C 327 -25.71 -49.02 17.51
CA GLY C 327 -25.63 -47.59 17.24
C GLY C 327 -26.81 -47.13 16.41
N PHE C 328 -27.40 -45.97 16.77
CA PHE C 328 -28.64 -45.52 16.14
C PHE C 328 -28.62 -44.03 15.85
N GLU C 329 -28.76 -43.72 14.57
CA GLU C 329 -28.68 -42.36 14.14
C GLU C 329 -30.07 -41.79 14.07
N VAL C 330 -30.25 -40.64 14.71
CA VAL C 330 -31.50 -39.91 14.68
C VAL C 330 -31.29 -38.52 14.07
N LYS C 331 -32.29 -37.98 13.40
CA LYS C 331 -32.12 -36.74 12.64
C LYS C 331 -32.50 -35.52 13.46
N ASN C 332 -33.41 -35.72 14.40
CA ASN C 332 -34.01 -34.64 15.16
C ASN C 332 -34.65 -35.09 16.49
N GLU C 333 -35.38 -34.17 17.11
CA GLU C 333 -36.05 -34.39 18.38
C GLU C 333 -37.09 -35.52 18.35
N THR C 334 -37.98 -35.51 17.34
CA THR C 334 -38.99 -36.56 17.16
C THR C 334 -38.33 -37.92 17.07
N GLU C 335 -37.35 -38.05 16.17
CA GLU C 335 -36.68 -39.32 15.96
C GLU C 335 -35.96 -39.78 17.23
N LEU C 336 -35.32 -38.85 17.95
CA LEU C 336 -34.67 -39.21 19.21
C LEU C 336 -35.73 -39.74 20.18
N VAL C 337 -36.84 -39.02 20.29
CA VAL C 337 -37.96 -39.46 21.12
C VAL C 337 -38.37 -40.86 20.70
N THR C 338 -38.71 -41.04 19.41
CA THR C 338 -39.08 -42.33 18.85
C THR C 338 -38.06 -43.41 19.25
N LYS C 339 -36.77 -43.15 19.02
CA LYS C 339 -35.75 -44.17 19.24
C LYS C 339 -35.54 -44.53 20.70
N LEU C 340 -35.66 -43.54 21.57
CA LEU C 340 -35.55 -43.76 23.00
C LEU C 340 -36.64 -44.70 23.52
N THR C 341 -37.90 -44.41 23.17
CA THR C 341 -39.03 -45.25 23.58
C THR C 341 -38.86 -46.71 23.09
N GLU C 342 -38.50 -46.86 21.81
CA GLU C 342 -38.22 -48.19 21.24
C GLU C 342 -37.22 -48.98 22.09
N LEU C 343 -36.14 -48.32 22.49
CA LEU C 343 -35.09 -48.96 23.26
C LEU C 343 -35.42 -49.13 24.75
N LEU C 344 -36.38 -48.36 25.24
CA LEU C 344 -36.78 -48.48 26.63
C LEU C 344 -37.82 -49.60 26.81
N SER C 345 -38.55 -49.92 25.76
CA SER C 345 -39.58 -50.94 25.85
C SER C 345 -39.11 -52.33 25.39
N VAL C 346 -38.13 -52.39 24.50
CA VAL C 346 -37.54 -53.66 24.10
C VAL C 346 -36.04 -53.57 24.34
N LYS C 347 -35.51 -54.37 25.28
CA LYS C 347 -34.09 -54.32 25.61
C LYS C 347 -33.20 -54.92 24.52
N LYS C 348 -32.42 -54.04 23.87
CA LYS C 348 -31.50 -54.43 22.78
C LYS C 348 -30.25 -55.12 23.24
N GLU C 349 -29.98 -56.28 22.62
CA GLU C 349 -28.78 -57.02 22.91
C GLU C 349 -27.65 -56.45 22.07
N ILE C 350 -26.51 -56.28 22.71
CA ILE C 350 -25.31 -55.69 22.12
C ILE C 350 -24.14 -56.62 22.45
N LYS C 351 -23.35 -56.96 21.44
CA LYS C 351 -22.26 -57.94 21.58
C LYS C 351 -20.93 -57.36 21.09
N VAL C 352 -20.74 -56.07 21.39
CA VAL C 352 -19.57 -55.31 21.02
C VAL C 352 -18.37 -55.78 21.81
N GLU C 353 -18.58 -56.02 23.10
CA GLU C 353 -17.51 -56.44 23.98
C GLU C 353 -16.94 -57.77 23.52
N GLU C 354 -17.82 -58.69 23.10
CA GLU C 354 -17.35 -60.00 22.73
C GLU C 354 -16.58 -59.93 21.41
N LYS C 355 -17.02 -59.06 20.51
CA LYS C 355 -16.30 -58.76 19.28
C LYS C 355 -14.91 -58.16 19.59
N SER C 356 -14.87 -57.19 20.48
CA SER C 356 -13.63 -56.69 21.08
C SER C 356 -12.66 -57.80 21.57
N ARG C 357 -13.12 -58.71 22.43
CA ARG C 357 -12.27 -59.82 22.92
C ARG C 357 -11.74 -60.71 21.77
N GLU C 358 -12.55 -60.81 20.72
CA GLU C 358 -12.22 -61.55 19.51
C GLU C 358 -11.17 -60.85 18.61
N ILE C 359 -11.25 -59.52 18.52
CA ILE C 359 -10.28 -58.73 17.76
C ILE C 359 -8.95 -58.73 18.48
N LYS C 360 -9.00 -58.50 19.78
CA LYS C 360 -7.81 -58.54 20.63
C LYS C 360 -7.12 -59.90 20.50
N GLY C 361 -7.89 -60.97 20.67
CA GLY C 361 -7.37 -62.32 20.67
C GLY C 361 -6.76 -62.68 19.34
N CYS C 362 -7.43 -62.31 18.26
CA CYS C 362 -6.91 -62.57 16.93
C CYS C 362 -5.55 -61.91 16.73
N TYR C 363 -5.41 -60.65 17.14
CA TYR C 363 -4.16 -59.92 17.01
C TYR C 363 -3.06 -60.52 17.88
N LEU C 364 -3.32 -60.71 19.17
CA LEU C 364 -2.34 -61.25 20.07
C LEU C 364 -1.74 -62.58 19.62
N GLU C 365 -2.60 -63.54 19.31
CA GLU C 365 -2.15 -64.86 18.87
C GLU C 365 -1.29 -64.86 17.60
N LYS C 366 -1.72 -64.17 16.54
CA LYS C 366 -0.90 -64.04 15.34
C LYS C 366 0.48 -63.46 15.67
N LEU C 367 0.50 -62.40 16.47
CA LEU C 367 1.75 -61.76 16.86
C LEU C 367 2.68 -62.63 17.72
N ARG C 368 2.10 -63.30 18.73
CA ARG C 368 2.82 -64.23 19.61
C ARG C 368 3.42 -65.39 18.82
N GLU C 369 2.62 -65.95 17.90
CA GLU C 369 3.05 -67.03 17.00
C GLU C 369 4.17 -66.55 16.10
N PHE C 370 3.94 -65.42 15.44
CA PHE C 370 4.99 -64.86 14.62
C PHE C 370 6.26 -64.68 15.45
N LEU C 371 6.16 -64.05 16.61
CA LEU C 371 7.37 -63.79 17.40
C LEU C 371 8.02 -65.05 18.03
N ARG C 372 7.24 -66.12 18.17
CA ARG C 372 7.76 -67.40 18.67
C ARG C 372 9.04 -67.78 17.89
N GLY C 373 9.00 -67.61 16.57
CA GLY C 373 10.21 -67.71 15.75
C GLY C 373 9.98 -67.40 14.27
N MET D 22 19.69 30.49 -7.50
CA MET D 22 19.39 29.29 -8.33
C MET D 22 20.62 28.77 -9.07
N GLN D 23 20.81 27.46 -9.01
CA GLN D 23 22.03 26.82 -9.51
C GLN D 23 21.90 26.32 -10.95
N PHE D 24 22.72 26.87 -11.84
CA PHE D 24 22.75 26.44 -13.22
C PHE D 24 23.58 25.19 -13.53
N GLU D 25 24.58 24.92 -12.68
CA GLU D 25 25.35 23.68 -12.71
C GLU D 25 26.10 23.48 -14.01
N VAL D 26 26.55 24.59 -14.57
CA VAL D 26 27.23 24.63 -15.84
C VAL D 26 28.50 23.77 -15.87
N LEU D 27 29.33 23.89 -14.85
CA LEU D 27 30.58 23.13 -14.81
C LEU D 27 30.34 21.63 -14.87
N LYS D 28 29.39 21.13 -14.07
CA LYS D 28 28.98 19.74 -14.08
C LYS D 28 28.32 19.32 -15.45
N ARG D 29 27.55 20.20 -16.05
CA ARG D 29 26.96 19.86 -17.38
C ARG D 29 28.09 19.76 -18.42
N PHE D 30 29.07 20.67 -18.35
CA PHE D 30 30.27 20.69 -19.21
C PHE D 30 31.21 19.46 -19.00
N PHE D 31 31.43 19.14 -17.73
CA PHE D 31 32.38 18.14 -17.31
C PHE D 31 31.73 17.35 -16.18
N PRO D 32 30.89 16.35 -16.55
CA PRO D 32 30.12 15.51 -15.61
C PRO D 32 30.93 14.97 -14.43
N LYS D 33 30.28 14.86 -13.27
CA LYS D 33 30.93 14.56 -12.00
C LYS D 33 31.63 13.20 -12.00
N GLU D 34 32.85 13.17 -11.48
CA GLU D 34 33.60 11.91 -11.39
C GLU D 34 32.79 10.82 -10.67
N SER D 35 31.93 11.21 -9.75
CA SER D 35 31.17 10.22 -8.97
C SER D 35 30.07 9.48 -9.74
N LEU D 36 29.76 9.91 -10.97
CA LEU D 36 28.80 9.16 -11.81
C LEU D 36 29.26 7.72 -11.95
N LYS D 37 30.54 7.50 -11.72
CA LYS D 37 31.10 6.17 -11.87
C LYS D 37 30.64 5.19 -10.78
N ASN D 38 30.01 5.70 -9.71
CA ASN D 38 29.45 4.81 -8.69
C ASN D 38 28.07 4.38 -9.08
N CYS D 39 27.58 4.88 -10.20
CA CYS D 39 26.21 4.63 -10.62
C CYS D 39 26.16 3.80 -11.90
N LYS D 40 27.21 2.98 -12.03
CA LYS D 40 27.41 2.15 -13.19
C LYS D 40 26.24 1.21 -13.41
N GLY D 41 25.84 1.08 -14.68
CA GLY D 41 24.84 0.09 -15.06
C GLY D 41 23.39 0.49 -14.87
N ALA D 42 23.14 1.72 -14.41
CA ALA D 42 21.77 2.20 -14.11
C ALA D 42 20.94 2.40 -15.35
N LEU D 43 19.63 2.47 -15.12
CA LEU D 43 18.68 2.95 -16.08
C LEU D 43 18.68 4.49 -15.99
N TRP D 44 19.14 5.12 -17.05
CA TRP D 44 19.17 6.57 -17.19
C TRP D 44 17.78 7.05 -17.66
N VAL D 45 17.18 7.92 -16.87
CA VAL D 45 15.89 8.52 -17.20
C VAL D 45 16.08 10.01 -17.32
N HIS D 46 15.65 10.57 -18.45
CA HIS D 46 15.82 12.01 -18.61
C HIS D 46 14.50 12.69 -18.60
N THR D 47 14.32 13.64 -17.67
CA THR D 47 13.07 14.40 -17.61
C THR D 47 13.44 15.86 -17.59
N ALA D 48 13.12 16.56 -18.67
CA ALA D 48 13.62 17.94 -18.86
C ALA D 48 13.41 18.76 -17.61
N SER D 49 12.17 18.65 -17.07
CA SER D 49 11.70 19.50 -16.00
C SER D 49 10.57 18.87 -15.17
N ILE D 50 9.92 19.69 -14.34
CA ILE D 50 8.99 19.21 -13.32
C ILE D 50 7.83 18.48 -13.98
N GLY D 51 7.26 19.10 -15.02
CA GLY D 51 6.21 18.48 -15.82
C GLY D 51 6.54 17.07 -16.30
N GLU D 52 7.66 16.91 -17.02
CA GLU D 52 8.02 15.60 -17.56
C GLU D 52 8.23 14.62 -16.42
N PHE D 53 8.85 15.05 -15.34
CA PHE D 53 9.02 14.16 -14.23
C PHE D 53 7.66 13.69 -13.67
N ASN D 54 6.76 14.64 -13.38
CA ASN D 54 5.45 14.24 -12.87
C ASN D 54 4.69 13.38 -13.89
N THR D 55 4.83 13.70 -15.19
CA THR D 55 4.20 12.88 -16.21
C THR D 55 4.66 11.41 -16.13
N PHE D 56 5.95 11.18 -15.91
CA PHE D 56 6.53 9.84 -16.01
C PHE D 56 6.57 9.09 -14.67
N LEU D 57 6.41 9.84 -13.58
CA LEU D 57 6.45 9.29 -12.23
C LEU D 57 5.66 7.98 -12.07
N PRO D 58 4.42 7.89 -12.63
CA PRO D 58 3.65 6.64 -12.51
C PRO D 58 4.43 5.43 -13.04
N ILE D 59 5.22 5.65 -14.09
CA ILE D 59 6.06 4.62 -14.68
C ILE D 59 7.37 4.46 -13.92
N LEU D 60 8.03 5.57 -13.64
CA LEU D 60 9.27 5.55 -12.85
C LEU D 60 9.09 4.83 -11.51
N LYS D 61 7.97 5.08 -10.82
CA LYS D 61 7.66 4.37 -9.57
C LYS D 61 7.87 2.86 -9.65
N GLU D 62 7.50 2.26 -10.78
CA GLU D 62 7.62 0.82 -10.94
C GLU D 62 9.02 0.40 -11.39
N LEU D 63 9.67 1.21 -12.24
CA LEU D 63 10.95 0.83 -12.80
C LEU D 63 12.02 0.93 -11.74
N LYS D 64 11.85 1.87 -10.81
CA LYS D 64 12.75 2.03 -9.67
C LYS D 64 12.88 0.76 -8.82
N ARG D 65 11.88 -0.10 -8.92
CA ARG D 65 11.83 -1.35 -8.17
C ARG D 65 12.61 -2.49 -8.87
N GLU D 66 12.95 -2.30 -10.13
CA GLU D 66 13.67 -3.34 -10.89
C GLU D 66 15.01 -2.88 -11.49
N HIS D 67 15.43 -1.66 -11.19
CA HIS D 67 16.64 -1.08 -11.80
C HIS D 67 17.19 -0.03 -10.85
N ARG D 68 18.49 0.19 -10.90
CA ARG D 68 19.01 1.40 -10.30
C ARG D 68 18.72 2.56 -11.25
N ILE D 69 18.51 3.74 -10.68
CA ILE D 69 18.06 4.87 -11.48
C ILE D 69 19.08 6.04 -11.46
N LEU D 70 19.49 6.43 -12.67
CA LEU D 70 20.21 7.67 -12.88
C LEU D 70 19.25 8.64 -13.54
N LEU D 71 18.92 9.68 -12.79
CA LEU D 71 17.92 10.66 -13.22
C LEU D 71 18.59 11.96 -13.61
N THR D 72 18.29 12.44 -14.83
CA THR D 72 18.83 13.75 -15.25
C THR D 72 17.72 14.68 -15.60
N TYR D 73 18.05 15.97 -15.68
CA TYR D 73 17.10 17.05 -15.89
C TYR D 73 17.78 18.17 -16.66
N PHE D 74 16.98 19.00 -17.32
CA PHE D 74 17.55 20.11 -18.07
C PHE D 74 17.33 21.40 -17.32
N SER D 75 16.11 21.62 -16.86
CA SER D 75 15.81 22.92 -16.27
C SER D 75 16.41 23.03 -14.87
N PRO D 76 17.13 24.13 -14.61
CA PRO D 76 17.68 24.41 -13.28
C PRO D 76 16.57 24.50 -12.26
N ARG D 77 15.39 24.95 -12.71
CA ARG D 77 14.15 24.97 -11.91
C ARG D 77 13.80 23.61 -11.28
N ALA D 78 14.24 22.52 -11.90
CA ALA D 78 13.85 21.18 -11.47
C ALA D 78 14.71 20.67 -10.32
N ARG D 79 15.88 21.29 -10.11
CA ARG D 79 16.83 20.74 -9.13
C ARG D 79 16.21 20.60 -7.75
N GLU D 80 15.70 21.71 -7.20
CA GLU D 80 15.16 21.66 -5.83
C GLU D 80 14.02 20.64 -5.71
N TYR D 81 13.01 20.78 -6.57
CA TYR D 81 11.92 19.82 -6.59
C TYR D 81 12.41 18.37 -6.66
N LEU D 82 13.33 18.07 -7.59
CA LEU D 82 13.81 16.70 -7.74
C LEU D 82 14.55 16.17 -6.54
N LYS D 83 15.24 17.04 -5.80
CA LYS D 83 15.88 16.62 -4.54
C LYS D 83 14.89 15.99 -3.56
N THR D 84 13.71 16.60 -3.43
CA THR D 84 12.63 16.06 -2.62
C THR D 84 12.01 14.75 -3.19
N LYS D 85 12.48 14.29 -4.35
CA LYS D 85 11.94 13.07 -4.94
C LYS D 85 12.95 11.93 -4.91
N SER D 86 13.95 12.06 -4.02
CA SER D 86 15.03 11.07 -3.87
C SER D 86 14.53 9.64 -3.67
N ASP D 87 13.28 9.49 -3.27
CA ASP D 87 12.67 8.18 -3.13
C ASP D 87 12.67 7.42 -4.45
N PHE D 88 12.64 8.15 -5.55
CA PHE D 88 12.39 7.57 -6.87
C PHE D 88 13.59 7.48 -7.82
N TYR D 89 14.78 7.78 -7.30
CA TYR D 89 16.00 7.61 -8.06
C TYR D 89 17.18 7.33 -7.10
N ASP D 90 18.29 6.86 -7.67
CA ASP D 90 19.51 6.59 -6.95
C ASP D 90 20.56 7.67 -7.21
N CYS D 91 20.60 8.18 -8.43
CA CYS D 91 21.54 9.23 -8.82
C CYS D 91 20.81 10.37 -9.49
N LEU D 92 21.26 11.58 -9.20
CA LEU D 92 20.72 12.76 -9.81
C LEU D 92 21.84 13.71 -10.30
N HIS D 93 21.70 14.15 -11.54
CA HIS D 93 22.76 14.87 -12.20
C HIS D 93 22.16 15.60 -13.36
N PRO D 94 22.64 16.81 -13.62
CA PRO D 94 22.02 17.49 -14.78
C PRO D 94 22.54 16.93 -16.08
N LEU D 95 21.69 17.08 -17.12
CA LEU D 95 22.00 16.70 -18.45
C LEU D 95 23.31 17.36 -18.80
N PRO D 96 24.22 16.59 -19.37
CA PRO D 96 25.41 17.16 -19.95
C PRO D 96 25.11 18.18 -21.06
N LEU D 97 25.99 19.18 -21.22
CA LEU D 97 25.84 20.12 -22.31
C LEU D 97 25.87 19.40 -23.64
N ASP D 98 25.33 19.99 -24.68
CA ASP D 98 25.18 19.26 -25.93
C ASP D 98 26.44 19.43 -26.79
N ASN D 99 27.53 18.83 -26.36
CA ASN D 99 28.72 18.70 -27.17
C ASN D 99 29.29 17.31 -26.99
N PRO D 100 29.89 16.78 -28.05
CA PRO D 100 30.28 15.36 -28.04
C PRO D 100 31.06 14.96 -26.79
N PHE D 101 31.92 15.83 -26.30
CA PHE D 101 32.80 15.41 -25.19
C PHE D 101 32.09 15.42 -23.87
N SER D 102 31.22 16.40 -23.63
CA SER D 102 30.47 16.39 -22.38
C SER D 102 29.53 15.15 -22.36
N VAL D 103 28.85 14.92 -23.47
CA VAL D 103 27.91 13.82 -23.61
C VAL D 103 28.64 12.47 -23.44
N LYS D 104 29.79 12.33 -24.09
CA LYS D 104 30.55 11.08 -23.99
C LYS D 104 31.23 10.86 -22.60
N ARG D 105 31.68 11.92 -21.95
CA ARG D 105 32.20 11.73 -20.61
C ARG D 105 31.07 11.23 -19.69
N PHE D 106 29.89 11.82 -19.81
CA PHE D 106 28.76 11.39 -18.98
C PHE D 106 28.52 9.88 -19.12
N GLU D 107 28.44 9.41 -20.37
CA GLU D 107 28.25 8.00 -20.70
C GLU D 107 29.40 7.07 -20.26
N GLU D 108 30.62 7.54 -20.45
CA GLU D 108 31.82 6.82 -20.17
C GLU D 108 31.88 6.54 -18.66
N LEU D 109 31.46 7.51 -17.86
CA LEU D 109 31.48 7.40 -16.42
C LEU D 109 30.41 6.45 -15.88
N SER D 110 29.16 6.68 -16.29
CA SER D 110 28.00 6.02 -15.70
C SER D 110 27.62 4.69 -16.40
N LYS D 111 28.15 4.43 -17.60
CA LYS D 111 27.82 3.20 -18.33
C LYS D 111 26.35 2.75 -18.17
N PRO D 112 25.43 3.54 -18.72
CA PRO D 112 24.03 3.14 -18.46
C PRO D 112 23.62 1.96 -19.32
N LYS D 113 22.58 1.25 -18.91
CA LYS D 113 22.11 0.14 -19.75
C LYS D 113 21.15 0.62 -20.84
N ALA D 114 20.47 1.74 -20.58
CA ALA D 114 19.59 2.37 -21.53
C ALA D 114 19.26 3.75 -21.00
N LEU D 115 18.61 4.54 -21.86
CA LEU D 115 18.24 5.92 -21.58
C LEU D 115 16.81 6.10 -22.07
N ILE D 116 15.94 6.46 -21.13
CA ILE D 116 14.56 6.78 -21.47
C ILE D 116 14.44 8.29 -21.55
N VAL D 117 14.12 8.80 -22.73
CA VAL D 117 13.86 10.26 -22.89
C VAL D 117 12.38 10.55 -22.76
N VAL D 118 12.03 11.41 -21.83
CA VAL D 118 10.63 11.65 -21.57
C VAL D 118 10.12 12.78 -22.47
N GLU D 119 9.25 12.40 -23.39
CA GLU D 119 8.44 13.29 -24.20
C GLU D 119 9.12 13.72 -25.48
N ARG D 120 10.34 14.23 -25.43
CA ARG D 120 10.92 14.72 -26.68
C ARG D 120 12.40 15.01 -26.56
N GLU D 121 12.73 16.22 -26.15
CA GLU D 121 14.09 16.50 -25.79
C GLU D 121 15.07 16.05 -26.88
N PHE D 122 14.80 16.45 -28.13
CA PHE D 122 15.75 16.18 -29.19
C PHE D 122 17.05 16.97 -29.06
N TRP D 123 17.88 16.66 -28.05
CA TRP D 123 19.26 17.14 -27.98
C TRP D 123 20.14 16.38 -29.00
N PRO D 124 20.63 17.05 -30.06
CA PRO D 124 21.36 16.26 -31.07
C PRO D 124 22.72 15.64 -30.68
N SER D 125 23.61 16.35 -29.99
CA SER D 125 24.86 15.68 -29.55
C SER D 125 24.60 14.50 -28.61
N LEU D 126 23.60 14.64 -27.75
CA LEU D 126 23.24 13.56 -26.86
C LEU D 126 22.80 12.34 -27.67
N ILE D 127 21.91 12.54 -28.64
CA ILE D 127 21.36 11.41 -29.38
C ILE D 127 22.39 10.78 -30.29
N ILE D 128 23.06 11.61 -31.07
CA ILE D 128 24.02 11.17 -32.09
C ILE D 128 25.29 10.56 -31.46
N PHE D 129 25.67 11.03 -30.29
CA PHE D 129 27.00 10.65 -29.74
C PHE D 129 27.06 9.56 -28.70
N THR D 130 25.93 9.21 -28.11
CA THR D 130 25.93 8.15 -27.10
C THR D 130 25.66 6.80 -27.78
N LYS D 131 26.28 5.75 -27.27
CA LYS D 131 26.08 4.38 -27.76
C LYS D 131 24.88 3.75 -27.05
N VAL D 132 24.58 4.23 -25.86
CA VAL D 132 23.53 3.68 -25.00
C VAL D 132 22.22 3.43 -25.76
N PRO D 133 21.56 2.27 -25.54
CA PRO D 133 20.27 2.18 -26.26
C PRO D 133 19.32 3.24 -25.76
N LYS D 134 18.55 3.79 -26.69
CA LYS D 134 17.74 4.97 -26.39
C LYS D 134 16.29 4.67 -26.64
N ILE D 135 15.48 5.06 -25.65
CA ILE D 135 14.03 4.89 -25.68
C ILE D 135 13.37 6.25 -25.52
N LEU D 136 12.46 6.59 -26.44
CA LEU D 136 11.64 7.82 -26.37
C LEU D 136 10.22 7.46 -25.89
N VAL D 137 9.65 8.21 -24.94
CA VAL D 137 8.30 7.88 -24.43
C VAL D 137 7.36 9.08 -24.45
N ASN D 138 6.10 8.83 -24.79
CA ASN D 138 5.06 9.88 -24.90
C ASN D 138 5.33 10.91 -25.98
N ALA D 139 5.93 10.50 -27.07
CA ALA D 139 6.22 11.43 -28.16
C ALA D 139 4.99 11.63 -29.04
N TYR D 140 5.01 12.73 -29.78
CA TYR D 140 4.05 13.04 -30.83
C TYR D 140 4.89 13.49 -32.04
N ALA D 141 4.27 13.50 -33.22
CA ALA D 141 4.95 13.94 -34.41
C ALA D 141 4.68 15.42 -34.66
N LYS D 142 5.74 16.17 -34.95
CA LYS D 142 5.53 17.51 -35.49
C LYS D 142 5.76 17.61 -36.98
N GLY D 143 6.57 16.70 -37.55
CA GLY D 143 6.85 16.69 -38.99
C GLY D 143 8.21 17.30 -39.38
N SER D 144 8.87 17.95 -38.45
CA SER D 144 10.10 18.68 -38.75
C SER D 144 11.33 17.83 -39.11
N LEU D 145 12.26 18.45 -39.82
CA LEU D 145 13.43 17.73 -40.33
C LEU D 145 14.30 17.15 -39.18
N ILE D 146 14.37 17.84 -38.02
CA ILE D 146 15.12 17.27 -36.91
C ILE D 146 14.53 15.95 -36.43
N GLU D 147 13.20 15.85 -36.48
CA GLU D 147 12.50 14.58 -36.19
C GLU D 147 12.88 13.51 -37.18
N LYS D 148 12.81 13.81 -38.47
CA LYS D 148 13.19 12.84 -39.50
C LYS D 148 14.61 12.35 -39.25
N ILE D 149 15.53 13.28 -38.99
CA ILE D 149 16.94 12.95 -38.70
C ILE D 149 17.13 12.13 -37.44
N LEU D 150 16.57 12.58 -36.32
CA LEU D 150 16.99 12.04 -35.02
C LEU D 150 16.08 10.92 -34.50
N SER D 151 14.88 10.78 -35.05
CA SER D 151 13.96 9.75 -34.58
C SER D 151 14.45 8.33 -34.88
N LYS D 152 15.11 8.12 -36.01
CA LYS D 152 15.68 6.80 -36.35
C LYS D 152 16.80 6.35 -35.41
N LYS D 153 17.22 7.21 -34.49
CA LYS D 153 18.33 6.88 -33.60
C LYS D 153 17.85 6.33 -32.27
N PHE D 154 16.54 6.33 -32.10
CA PHE D 154 15.94 5.67 -30.96
C PHE D 154 15.67 4.22 -31.30
N ASP D 155 16.03 3.36 -30.36
CA ASP D 155 15.81 1.92 -30.56
C ASP D 155 14.36 1.52 -30.27
N LEU D 156 13.70 2.26 -29.38
CA LEU D 156 12.30 2.08 -29.08
C LEU D 156 11.62 3.46 -28.90
N ILE D 157 10.53 3.66 -29.63
CA ILE D 157 9.71 4.86 -29.55
C ILE D 157 8.23 4.59 -29.20
N ILE D 158 7.79 5.09 -28.05
CA ILE D 158 6.42 4.93 -27.59
C ILE D 158 5.68 6.23 -27.67
N MET D 159 4.66 6.27 -28.53
CA MET D 159 3.91 7.49 -28.82
C MET D 159 2.51 7.52 -28.20
N ARG D 160 1.84 8.67 -28.43
CA ARG D 160 0.55 8.97 -27.85
C ARG D 160 -0.60 8.40 -28.65
N THR D 161 -0.53 8.52 -29.97
CA THR D 161 -1.59 8.03 -30.83
C THR D 161 -0.99 7.19 -31.92
N GLN D 162 -1.85 6.41 -32.58
CA GLN D 162 -1.48 5.61 -33.74
C GLN D 162 -1.16 6.50 -34.95
N GLU D 163 -1.79 7.66 -35.02
CA GLU D 163 -1.46 8.64 -36.06
C GLU D 163 0.02 9.04 -36.05
N ASP D 164 0.51 9.48 -34.88
CA ASP D 164 1.93 9.78 -34.65
C ASP D 164 2.87 8.65 -35.03
N VAL D 165 2.50 7.43 -34.71
CA VAL D 165 3.27 6.28 -35.11
C VAL D 165 3.45 6.25 -36.64
N GLU D 166 2.36 6.41 -37.41
CA GLU D 166 2.46 6.31 -38.87
C GLU D 166 3.64 7.15 -39.33
N LYS D 167 3.61 8.42 -38.92
CA LYS D 167 4.60 9.38 -39.36
C LYS D 167 6.03 9.00 -38.96
N PHE D 168 6.17 8.34 -37.82
CA PHE D 168 7.51 7.91 -37.39
C PHE D 168 7.96 6.60 -38.06
N LYS D 169 7.01 5.88 -38.65
CA LYS D 169 7.34 4.70 -39.44
C LYS D 169 7.96 5.15 -40.76
N THR D 170 7.27 6.07 -41.44
CA THR D 170 7.77 6.72 -42.66
C THR D 170 9.08 7.56 -42.45
N PHE D 171 9.78 7.33 -41.34
CA PHE D 171 11.10 7.91 -41.11
C PHE D 171 12.08 6.79 -40.81
N GLY D 172 11.61 5.55 -40.98
CA GLY D 172 12.40 4.38 -40.65
C GLY D 172 12.92 4.35 -39.21
N ALA D 173 12.05 4.72 -38.26
CA ALA D 173 12.23 4.29 -36.87
C ALA D 173 11.67 2.89 -36.88
N LYS D 174 12.38 1.99 -36.21
CA LYS D 174 12.01 0.59 -36.34
C LYS D 174 11.03 0.16 -35.28
N ARG D 175 11.42 0.14 -34.02
CA ARG D 175 10.49 -0.14 -32.95
C ARG D 175 9.70 1.12 -32.56
N VAL D 176 8.47 1.23 -33.09
CA VAL D 176 7.59 2.34 -32.77
C VAL D 176 6.13 1.93 -32.53
N PHE D 177 5.71 1.99 -31.27
CA PHE D 177 4.35 1.69 -30.85
C PHE D 177 3.61 2.88 -30.20
N SER D 178 2.28 2.84 -30.29
CA SER D 178 1.38 3.76 -29.61
C SER D 178 0.82 3.20 -28.28
N CYS D 179 1.17 3.80 -27.13
CA CYS D 179 0.55 3.39 -25.84
C CYS D 179 -0.41 4.41 -25.21
N GLY D 180 -0.72 5.48 -25.93
CA GLY D 180 -1.59 6.51 -25.40
C GLY D 180 -0.79 7.53 -24.63
N ASN D 181 -1.45 8.64 -24.27
CA ASN D 181 -0.80 9.74 -23.58
C ASN D 181 -0.58 9.50 -22.08
N LEU D 182 0.65 9.60 -21.61
CA LEU D 182 0.96 9.42 -20.18
C LEU D 182 0.29 10.44 -19.29
N LYS D 183 -0.05 11.59 -19.85
CA LYS D 183 -0.60 12.68 -19.07
C LYS D 183 -2.04 12.38 -18.63
N PHE D 184 -2.55 11.20 -18.96
CA PHE D 184 -3.92 10.83 -18.65
C PHE D 184 -3.91 9.72 -17.64
N ILE D 185 -2.74 9.40 -17.12
CA ILE D 185 -2.69 8.49 -16.02
C ILE D 185 -3.23 9.21 -14.79
N CYS D 186 -4.17 8.53 -14.14
CA CYS D 186 -4.82 8.99 -12.92
C CYS D 186 -3.96 8.67 -11.73
N GLN D 187 -3.88 9.59 -10.79
CA GLN D 187 -3.28 9.32 -9.48
C GLN D 187 -4.30 9.87 -8.50
N LYS D 188 -5.28 9.05 -8.13
CA LYS D 188 -6.51 9.51 -7.44
C LYS D 188 -6.31 9.82 -5.96
N GLY D 189 -5.46 9.04 -5.29
CA GLY D 189 -5.33 9.20 -3.86
C GLY D 189 -6.56 8.71 -3.14
N LYS D 190 -6.70 9.12 -1.88
CA LYS D 190 -7.70 8.52 -0.99
C LYS D 190 -9.17 8.79 -1.34
N GLY D 191 -9.60 10.04 -1.22
CA GLY D 191 -11.00 10.38 -1.44
C GLY D 191 -11.70 10.77 -0.14
N ILE D 192 -12.42 11.89 -0.17
CA ILE D 192 -13.19 12.28 0.98
C ILE D 192 -14.63 11.83 0.76
N LYS D 193 -15.22 11.24 1.81
CA LYS D 193 -16.63 10.85 1.82
C LYS D 193 -17.37 11.78 2.77
N LEU D 194 -18.51 12.30 2.32
CA LEU D 194 -19.30 13.17 3.17
C LEU D 194 -20.77 12.85 2.98
N LYS D 195 -21.55 13.04 4.06
CA LYS D 195 -23.01 12.95 3.98
C LYS D 195 -23.54 14.12 3.17
N GLY D 196 -24.29 13.83 2.11
CA GLY D 196 -24.99 14.85 1.34
C GLY D 196 -25.02 14.62 -0.17
N GLU D 197 -25.49 15.63 -0.89
CA GLU D 197 -25.60 15.63 -2.34
C GLU D 197 -24.92 16.91 -2.84
N PHE D 198 -23.90 16.75 -3.68
CA PHE D 198 -22.95 17.83 -4.00
C PHE D 198 -22.64 18.05 -5.48
N ILE D 199 -22.33 19.31 -5.81
CA ILE D 199 -21.56 19.65 -6.99
C ILE D 199 -20.22 20.22 -6.51
N VAL D 200 -19.13 19.88 -7.20
CA VAL D 200 -17.80 20.43 -6.88
C VAL D 200 -17.27 21.33 -7.99
N ALA D 201 -17.24 22.63 -7.65
CA ALA D 201 -16.69 23.68 -8.45
C ALA D 201 -15.26 23.95 -7.99
N GLY D 202 -14.30 23.53 -8.82
CA GLY D 202 -12.87 23.59 -8.47
C GLY D 202 -11.99 24.50 -9.31
N SER D 203 -11.04 25.16 -8.63
CA SER D 203 -10.11 26.11 -9.23
C SER D 203 -10.84 27.28 -9.97
N ILE D 204 -11.75 27.92 -9.26
CA ILE D 204 -12.65 28.92 -9.83
C ILE D 204 -12.00 30.28 -9.64
N HIS D 205 -12.07 31.08 -10.69
CA HIS D 205 -11.50 32.40 -10.60
C HIS D 205 -12.59 33.39 -10.24
N THR D 206 -12.14 34.56 -9.81
CA THR D 206 -12.99 35.64 -9.37
C THR D 206 -14.03 35.95 -10.45
N GLY D 207 -13.61 35.98 -11.70
CA GLY D 207 -14.52 36.36 -12.80
C GLY D 207 -15.33 35.17 -13.31
N GLU D 208 -15.24 34.05 -12.61
CA GLU D 208 -16.01 32.87 -12.98
C GLU D 208 -17.13 32.65 -11.98
N VAL D 209 -17.02 33.31 -10.83
CA VAL D 209 -17.81 32.95 -9.66
C VAL D 209 -19.26 33.34 -9.84
N GLU D 210 -19.49 34.36 -10.66
CA GLU D 210 -20.83 34.91 -10.91
C GLU D 210 -21.66 33.91 -11.69
N ILE D 211 -21.14 33.49 -12.83
CA ILE D 211 -21.83 32.58 -13.73
C ILE D 211 -22.22 31.30 -13.02
N ILE D 212 -21.30 30.77 -12.20
CA ILE D 212 -21.52 29.55 -11.46
C ILE D 212 -22.60 29.71 -10.41
N LEU D 213 -22.53 30.78 -9.63
CA LEU D 213 -23.52 30.98 -8.56
C LEU D 213 -24.93 31.17 -9.12
N LYS D 214 -25.02 31.89 -10.24
CA LYS D 214 -26.27 32.12 -10.99
C LYS D 214 -26.89 30.83 -11.55
N ALA D 215 -26.04 29.94 -12.04
CA ALA D 215 -26.52 28.65 -12.53
C ALA D 215 -26.97 27.77 -11.37
N PHE D 216 -26.18 27.77 -10.28
CA PHE D 216 -26.53 27.01 -9.09
C PHE D 216 -27.89 27.36 -8.51
N LYS D 217 -28.08 28.65 -8.23
CA LYS D 217 -29.35 29.16 -7.71
C LYS D 217 -30.54 28.71 -8.55
N GLU D 218 -30.38 28.79 -9.86
CA GLU D 218 -31.36 28.34 -10.82
C GLU D 218 -31.58 26.80 -10.78
N ILE D 219 -30.51 26.04 -10.55
CA ILE D 219 -30.58 24.59 -10.37
C ILE D 219 -31.32 24.26 -9.08
N LYS D 220 -31.03 25.02 -8.03
CA LYS D 220 -31.56 24.77 -6.72
C LYS D 220 -33.06 25.02 -6.60
N LYS D 221 -33.67 25.56 -7.65
CA LYS D 221 -35.12 25.64 -7.72
C LYS D 221 -35.75 24.25 -7.85
N THR D 222 -34.98 23.30 -8.43
CA THR D 222 -35.43 21.93 -8.65
C THR D 222 -34.83 20.93 -7.65
N TYR D 223 -33.58 21.13 -7.28
CA TYR D 223 -32.90 20.20 -6.38
C TYR D 223 -32.54 20.96 -5.12
N SER D 224 -33.52 21.06 -4.22
CA SER D 224 -33.41 21.90 -3.01
C SER D 224 -32.46 21.29 -1.99
N SER D 225 -32.07 20.04 -2.28
CA SER D 225 -31.14 19.30 -1.46
C SER D 225 -29.69 19.62 -1.85
N LEU D 226 -29.48 20.01 -3.10
CA LEU D 226 -28.13 20.14 -3.68
C LEU D 226 -27.26 21.15 -2.96
N LYS D 227 -26.00 20.81 -2.76
CA LYS D 227 -25.04 21.75 -2.20
C LYS D 227 -23.93 21.98 -3.20
N LEU D 228 -23.41 23.20 -3.29
CA LEU D 228 -22.24 23.50 -4.15
C LEU D 228 -21.01 23.68 -3.28
N ILE D 229 -19.96 22.91 -3.58
CA ILE D 229 -18.67 23.13 -2.94
C ILE D 229 -17.85 24.01 -3.87
N LEU D 230 -17.43 25.15 -3.35
CA LEU D 230 -16.79 26.15 -4.15
C LEU D 230 -15.35 26.27 -3.67
N VAL D 231 -14.43 25.94 -4.58
CA VAL D 231 -13.00 25.96 -4.34
C VAL D 231 -12.33 26.98 -5.28
N PRO D 232 -11.91 28.13 -4.71
CA PRO D 232 -11.29 29.18 -5.53
C PRO D 232 -9.94 28.75 -5.99
N ARG D 233 -9.51 29.21 -7.18
CA ARG D 233 -8.12 29.03 -7.61
C ARG D 233 -7.25 29.38 -6.41
N HIS D 234 -7.41 30.60 -5.90
CA HIS D 234 -6.56 31.10 -4.82
C HIS D 234 -7.36 31.28 -3.53
N ILE D 235 -6.91 30.59 -2.49
CA ILE D 235 -7.65 30.56 -1.22
C ILE D 235 -7.88 31.95 -0.56
N GLU D 236 -6.96 32.89 -0.81
CA GLU D 236 -7.09 34.29 -0.38
C GLU D 236 -8.38 34.92 -0.88
N ASN D 237 -9.03 34.29 -1.87
CA ASN D 237 -10.31 34.74 -2.40
C ASN D 237 -11.54 34.14 -1.71
N ALA D 238 -11.34 33.29 -0.70
CA ALA D 238 -12.45 32.53 -0.10
C ALA D 238 -13.52 33.41 0.55
N LYS D 239 -13.08 34.46 1.23
CA LYS D 239 -13.99 35.30 1.97
C LYS D 239 -14.83 36.18 1.04
N ILE D 240 -14.21 36.68 -0.02
CA ILE D 240 -14.90 37.41 -1.09
C ILE D 240 -15.93 36.53 -1.82
N PHE D 241 -15.58 35.27 -2.06
CA PHE D 241 -16.48 34.30 -2.71
C PHE D 241 -17.69 34.02 -1.78
N GLU D 242 -17.41 33.87 -0.48
CA GLU D 242 -18.45 33.58 0.49
C GLU D 242 -19.49 34.68 0.47
N LYS D 243 -18.99 35.92 0.44
CA LYS D 243 -19.85 37.10 0.45
C LYS D 243 -20.67 37.19 -0.83
N LYS D 244 -20.06 36.87 -1.98
CA LYS D 244 -20.82 36.84 -3.24
C LYS D 244 -21.99 35.86 -3.12
N ALA D 245 -21.76 34.74 -2.46
CA ALA D 245 -22.78 33.70 -2.33
C ALA D 245 -23.95 34.22 -1.48
N ARG D 246 -23.62 34.84 -0.34
CA ARG D 246 -24.59 35.56 0.48
C ARG D 246 -25.37 36.63 -0.28
N ASP D 247 -24.68 37.44 -1.08
CA ASP D 247 -25.37 38.48 -1.87
C ASP D 247 -26.37 37.87 -2.84
N PHE D 248 -26.22 36.56 -3.07
CA PHE D 248 -27.14 35.81 -3.90
C PHE D 248 -28.23 35.17 -3.04
N GLY D 249 -28.05 35.20 -1.73
CA GLY D 249 -29.03 34.63 -0.81
C GLY D 249 -28.87 33.14 -0.52
N PHE D 250 -27.64 32.65 -0.54
CA PHE D 250 -27.38 31.29 -0.07
C PHE D 250 -26.97 31.29 1.39
N LYS D 251 -27.34 30.24 2.12
CA LYS D 251 -26.68 29.94 3.39
C LYS D 251 -25.24 29.58 3.04
N THR D 252 -24.27 30.14 3.76
CA THR D 252 -22.86 29.81 3.52
C THR D 252 -22.20 29.06 4.68
N SER D 253 -21.08 28.41 4.38
CA SER D 253 -20.20 27.84 5.39
C SER D 253 -18.82 27.56 4.79
N PHE D 254 -17.83 27.42 5.68
CA PHE D 254 -16.47 27.08 5.26
C PHE D 254 -16.25 25.63 5.60
N PHE D 255 -15.50 24.96 4.73
CA PHE D 255 -15.44 23.51 4.73
C PHE D 255 -14.98 22.91 6.05
N GLU D 256 -15.33 21.63 6.20
CA GLU D 256 -15.52 20.92 7.44
C GLU D 256 -17.01 21.11 7.75
N ASN D 257 -17.43 22.35 7.95
CA ASN D 257 -18.81 22.73 8.22
C ASN D 257 -19.65 22.67 6.94
N LEU D 258 -20.62 21.77 6.91
CA LEU D 258 -21.36 21.48 5.67
C LEU D 258 -22.73 22.14 5.59
N GLU D 259 -23.03 23.05 6.52
CA GLU D 259 -24.40 23.58 6.70
C GLU D 259 -24.93 24.46 5.54
N GLY D 260 -24.03 25.12 4.82
CA GLY D 260 -24.43 26.02 3.73
C GLY D 260 -24.95 25.36 2.45
N ASP D 261 -25.70 26.14 1.68
CA ASP D 261 -26.05 25.80 0.30
C ASP D 261 -24.83 25.91 -0.62
N VAL D 262 -24.02 26.94 -0.38
CA VAL D 262 -22.67 27.06 -0.93
C VAL D 262 -21.66 26.84 0.20
N ILE D 263 -20.71 25.93 -0.04
CA ILE D 263 -19.69 25.56 0.95
C ILE D 263 -18.35 25.97 0.37
N LEU D 264 -17.63 26.80 1.12
CA LEU D 264 -16.33 27.27 0.66
C LEU D 264 -15.19 26.49 1.27
N VAL D 265 -14.14 26.30 0.47
CA VAL D 265 -12.93 25.63 0.87
C VAL D 265 -11.77 26.62 0.81
N ASP D 266 -11.24 26.97 1.99
CA ASP D 266 -10.14 27.93 2.07
C ASP D 266 -8.78 27.29 2.36
N ARG D 267 -8.73 25.96 2.36
CA ARG D 267 -7.47 25.21 2.46
C ARG D 267 -7.02 24.64 1.12
N PHE D 268 -5.74 24.81 0.80
CA PHE D 268 -5.15 24.26 -0.40
C PHE D 268 -4.73 22.79 -0.18
N GLY D 269 -4.91 21.97 -1.22
CA GLY D 269 -4.42 20.58 -1.23
C GLY D 269 -5.47 19.53 -0.93
N ILE D 270 -6.72 19.91 -1.15
CA ILE D 270 -7.87 19.13 -0.72
C ILE D 270 -8.80 18.89 -1.92
N LEU D 271 -8.67 19.74 -2.93
CA LEU D 271 -9.58 19.73 -4.08
C LEU D 271 -9.60 18.39 -4.80
N LYS D 272 -8.44 17.79 -5.05
CA LYS D 272 -8.43 16.49 -5.76
C LYS D 272 -9.08 15.34 -4.97
N GLU D 273 -8.98 15.39 -3.64
CA GLU D 273 -9.60 14.38 -2.75
C GLU D 273 -11.11 14.56 -2.69
N LEU D 274 -11.56 15.76 -3.04
CA LEU D 274 -12.91 16.23 -2.72
C LEU D 274 -13.92 15.94 -3.82
N TYR D 275 -13.46 15.92 -5.07
CA TYR D 275 -14.32 15.63 -6.22
C TYR D 275 -15.24 14.39 -6.18
N PRO D 276 -14.79 13.25 -5.59
CA PRO D 276 -15.69 12.05 -5.60
C PRO D 276 -17.00 12.21 -4.79
N VAL D 277 -16.96 13.18 -3.86
CA VAL D 277 -18.08 13.57 -3.04
C VAL D 277 -19.29 14.07 -3.89
N GLY D 278 -19.00 14.59 -5.08
CA GLY D 278 -20.03 15.19 -5.92
C GLY D 278 -20.49 14.39 -7.12
N LYS D 279 -21.70 14.71 -7.55
CA LYS D 279 -22.31 14.05 -8.69
C LYS D 279 -21.77 14.67 -9.95
N ILE D 280 -21.37 15.94 -9.88
CA ILE D 280 -20.86 16.65 -11.05
C ILE D 280 -19.75 17.55 -10.62
N ALA D 281 -18.83 17.80 -11.54
CA ALA D 281 -17.72 18.69 -11.29
C ALA D 281 -17.73 19.82 -12.30
N ILE D 282 -17.40 21.01 -11.81
CA ILE D 282 -17.03 22.14 -12.67
C ILE D 282 -15.60 22.56 -12.38
N VAL D 283 -14.77 22.67 -13.41
CA VAL D 283 -13.43 23.16 -13.19
C VAL D 283 -13.22 24.47 -13.91
N GLY D 284 -12.65 25.40 -13.15
CA GLY D 284 -12.49 26.79 -13.55
C GLY D 284 -11.23 27.01 -14.35
N GLY D 285 -10.82 28.28 -14.45
CA GLY D 285 -9.76 28.67 -15.36
C GLY D 285 -10.31 28.60 -16.77
N THR D 286 -11.63 28.46 -16.88
CA THR D 286 -12.22 28.07 -18.17
C THR D 286 -13.30 29.02 -18.66
N PHE D 287 -13.90 29.76 -17.73
CA PHE D 287 -14.96 30.70 -18.09
C PHE D 287 -14.40 32.08 -18.34
N VAL D 288 -13.21 32.31 -17.76
CA VAL D 288 -12.37 33.47 -18.02
C VAL D 288 -11.22 32.97 -18.92
N ASN D 289 -10.46 33.90 -19.50
CA ASN D 289 -9.46 33.54 -20.52
C ASN D 289 -8.13 33.02 -19.94
N ILE D 290 -8.21 32.09 -18.99
CA ILE D 290 -7.00 31.52 -18.38
C ILE D 290 -6.45 30.32 -19.16
N GLY D 291 -7.30 29.62 -19.92
CA GLY D 291 -6.85 28.45 -20.69
C GLY D 291 -7.11 27.08 -20.07
N GLY D 292 -7.57 27.06 -18.81
CA GLY D 292 -8.04 25.84 -18.16
C GLY D 292 -7.13 25.18 -17.14
N HIS D 293 -7.76 24.65 -16.07
CA HIS D 293 -7.07 23.94 -14.98
C HIS D 293 -7.30 22.44 -15.06
N ASN D 294 -6.90 21.69 -14.03
CA ASN D 294 -6.83 20.24 -14.21
C ASN D 294 -8.17 19.50 -14.44
N LEU D 295 -8.65 19.48 -15.68
CA LEU D 295 -9.94 18.83 -16.02
C LEU D 295 -10.02 17.33 -15.64
N LEU D 296 -8.89 16.64 -15.68
CA LEU D 296 -8.82 15.18 -15.41
C LEU D 296 -9.27 14.73 -14.02
N GLU D 297 -8.93 15.49 -12.99
CA GLU D 297 -9.12 15.04 -11.60
C GLU D 297 -10.54 14.49 -11.25
N PRO D 298 -11.62 15.25 -11.52
CA PRO D 298 -12.93 14.66 -11.25
C PRO D 298 -13.18 13.35 -12.03
N THR D 299 -12.84 13.33 -13.31
CA THR D 299 -13.21 12.22 -14.20
C THR D 299 -12.54 10.88 -13.79
N CYS D 300 -11.42 10.97 -13.09
CA CYS D 300 -10.75 9.77 -12.58
C CYS D 300 -11.63 9.02 -11.58
N TRP D 301 -12.66 9.70 -11.07
CA TRP D 301 -13.57 9.12 -10.09
C TRP D 301 -14.90 8.74 -10.74
N GLY D 302 -14.94 8.78 -12.06
CA GLY D 302 -16.12 8.41 -12.80
C GLY D 302 -17.13 9.53 -12.84
N ILE D 303 -16.69 10.75 -12.52
CA ILE D 303 -17.58 11.90 -12.41
C ILE D 303 -17.40 12.81 -13.61
N PRO D 304 -18.52 13.22 -14.26
CA PRO D 304 -18.43 14.15 -15.40
C PRO D 304 -18.02 15.56 -14.97
N VAL D 305 -17.27 16.25 -15.83
CA VAL D 305 -16.79 17.59 -15.56
C VAL D 305 -17.32 18.55 -16.62
N ILE D 306 -17.72 19.74 -16.16
CA ILE D 306 -18.13 20.83 -17.02
C ILE D 306 -17.10 21.95 -16.91
N TYR D 307 -16.88 22.62 -18.03
CA TYR D 307 -15.94 23.72 -18.14
C TYR D 307 -16.39 24.76 -19.16
N GLY D 308 -15.75 25.93 -19.18
CA GLY D 308 -16.04 26.98 -20.15
C GLY D 308 -15.26 26.86 -21.45
N PRO D 309 -15.35 27.89 -22.32
CA PRO D 309 -14.71 27.79 -23.65
C PRO D 309 -13.17 28.00 -23.66
N TYR D 310 -12.60 28.46 -22.56
CA TYR D 310 -11.17 28.82 -22.59
C TYR D 310 -10.31 27.69 -22.06
N THR D 311 -10.16 26.68 -22.91
CA THR D 311 -9.42 25.49 -22.55
C THR D 311 -8.16 25.34 -23.41
N HIS D 312 -7.76 26.42 -24.07
CA HIS D 312 -6.60 26.37 -24.97
C HIS D 312 -5.32 25.76 -24.36
N LYS D 313 -5.12 25.93 -23.05
CA LYS D 313 -3.89 25.44 -22.38
C LYS D 313 -3.98 24.00 -21.89
N VAL D 314 -5.08 23.34 -22.26
CA VAL D 314 -5.40 22.06 -21.67
C VAL D 314 -6.16 21.22 -22.70
N ASN D 315 -5.87 21.50 -23.96
CA ASN D 315 -6.72 21.12 -25.08
C ASN D 315 -6.67 19.66 -25.41
N ASP D 316 -5.48 19.05 -25.38
CA ASP D 316 -5.40 17.59 -25.53
C ASP D 316 -6.33 16.95 -24.51
N LEU D 317 -6.24 17.40 -23.26
CA LEU D 317 -7.02 16.83 -22.21
C LEU D 317 -8.53 16.93 -22.48
N LYS D 318 -8.98 18.12 -22.84
CA LYS D 318 -10.37 18.39 -23.23
C LYS D 318 -10.85 17.45 -24.32
N GLU D 319 -10.09 17.38 -25.42
CA GLU D 319 -10.47 16.55 -26.58
C GLU D 319 -10.57 15.07 -26.19
N PHE D 320 -9.67 14.63 -25.33
CA PHE D 320 -9.72 13.31 -24.76
C PHE D 320 -10.98 13.08 -23.94
N LEU D 321 -11.25 13.97 -23.01
CA LEU D 321 -12.41 13.81 -22.14
C LEU D 321 -13.73 13.88 -22.91
N GLU D 322 -13.77 14.72 -23.94
CA GLU D 322 -14.96 14.84 -24.80
C GLU D 322 -15.21 13.55 -25.60
N LYS D 323 -14.13 12.96 -26.08
CA LYS D 323 -14.22 11.66 -26.72
C LYS D 323 -14.75 10.63 -25.72
N GLU D 324 -14.28 10.70 -24.49
CA GLU D 324 -14.67 9.73 -23.47
C GLU D 324 -16.10 9.99 -22.91
N GLY D 325 -16.77 11.04 -23.37
CA GLY D 325 -18.08 11.43 -22.82
C GLY D 325 -18.05 11.91 -21.37
N ALA D 326 -16.89 12.40 -20.91
CA ALA D 326 -16.66 12.82 -19.51
C ALA D 326 -16.57 14.33 -19.31
N GLY D 327 -16.48 15.06 -20.42
CA GLY D 327 -16.20 16.47 -20.37
C GLY D 327 -17.18 17.26 -21.21
N PHE D 328 -17.68 18.35 -20.64
CA PHE D 328 -18.72 19.12 -21.30
C PHE D 328 -18.47 20.59 -21.39
N GLU D 329 -18.38 21.08 -22.62
CA GLU D 329 -18.15 22.49 -22.87
C GLU D 329 -19.47 23.24 -22.80
N VAL D 330 -19.41 24.41 -22.16
CA VAL D 330 -20.56 25.21 -21.84
C VAL D 330 -20.13 26.64 -22.11
N LYS D 331 -20.94 27.38 -22.87
CA LYS D 331 -20.51 28.71 -23.33
C LYS D 331 -20.91 29.86 -22.43
N ASN D 332 -21.94 29.64 -21.59
CA ASN D 332 -22.51 30.67 -20.73
C ASN D 332 -23.33 30.06 -19.59
N GLU D 333 -24.04 30.92 -18.87
CA GLU D 333 -24.86 30.52 -17.72
C GLU D 333 -26.04 29.64 -18.13
N THR D 334 -26.73 30.02 -19.20
CA THR D 334 -27.85 29.23 -19.72
C THR D 334 -27.42 27.79 -20.03
N GLU D 335 -26.43 27.64 -20.88
CA GLU D 335 -25.89 26.33 -21.25
C GLU D 335 -25.40 25.53 -20.02
N LEU D 336 -24.76 26.20 -19.06
CA LEU D 336 -24.37 25.59 -17.79
C LEU D 336 -25.56 24.98 -17.05
N VAL D 337 -26.62 25.78 -16.85
CA VAL D 337 -27.84 25.29 -16.23
C VAL D 337 -28.41 24.08 -17.01
N THR D 338 -28.44 24.17 -18.34
CA THR D 338 -28.98 23.10 -19.18
C THR D 338 -28.22 21.80 -18.91
N LYS D 339 -26.90 21.91 -18.89
CA LYS D 339 -26.00 20.77 -18.78
C LYS D 339 -26.00 20.17 -17.37
N LEU D 340 -26.15 21.01 -16.34
CA LEU D 340 -26.19 20.51 -14.97
C LEU D 340 -27.46 19.71 -14.73
N THR D 341 -28.58 20.18 -15.27
CA THR D 341 -29.85 19.47 -15.12
C THR D 341 -29.81 18.08 -15.78
N GLU D 342 -29.35 18.04 -17.03
CA GLU D 342 -29.10 16.77 -17.72
C GLU D 342 -28.30 15.80 -16.89
N LEU D 343 -27.18 16.28 -16.34
CA LEU D 343 -26.21 15.45 -15.66
C LEU D 343 -26.63 15.11 -14.24
N LEU D 344 -27.60 15.83 -13.70
CA LEU D 344 -28.22 15.40 -12.47
C LEU D 344 -29.28 14.28 -12.71
N SER D 345 -29.78 14.21 -13.94
CA SER D 345 -30.87 13.30 -14.28
C SER D 345 -30.45 12.04 -15.07
N VAL D 346 -29.17 11.93 -15.41
CA VAL D 346 -28.62 10.86 -16.23
C VAL D 346 -27.26 10.51 -15.67
N LYS D 347 -26.98 9.25 -15.43
CA LYS D 347 -25.70 8.85 -14.86
C LYS D 347 -24.70 8.30 -15.90
N LYS D 348 -23.70 9.12 -16.20
CA LYS D 348 -22.70 8.89 -17.21
C LYS D 348 -21.80 7.69 -16.85
N GLU D 349 -21.41 6.94 -17.87
CA GLU D 349 -20.47 5.85 -17.73
C GLU D 349 -19.08 6.34 -18.18
N ILE D 350 -18.30 6.81 -17.22
CA ILE D 350 -17.01 7.41 -17.48
C ILE D 350 -15.90 6.37 -17.30
N LYS D 351 -15.09 6.21 -18.34
CA LYS D 351 -14.17 5.08 -18.49
C LYS D 351 -12.71 5.54 -18.38
N VAL D 352 -12.51 6.71 -17.80
CA VAL D 352 -11.20 7.36 -17.77
C VAL D 352 -10.23 6.58 -16.91
N GLU D 353 -10.68 6.12 -15.75
CA GLU D 353 -9.77 5.39 -14.86
C GLU D 353 -9.25 4.09 -15.50
N GLU D 354 -10.12 3.46 -16.28
CA GLU D 354 -9.81 2.22 -16.92
C GLU D 354 -8.83 2.47 -18.08
N LYS D 355 -9.04 3.55 -18.81
CA LYS D 355 -8.12 3.95 -19.87
C LYS D 355 -6.76 4.21 -19.24
N SER D 356 -6.79 4.78 -18.04
CA SER D 356 -5.58 5.10 -17.34
C SER D 356 -4.78 3.83 -17.04
N ARG D 357 -5.41 2.84 -16.40
CA ARG D 357 -4.78 1.54 -16.10
C ARG D 357 -4.17 0.90 -17.36
N GLU D 358 -4.82 1.18 -18.48
CA GLU D 358 -4.48 0.59 -19.78
C GLU D 358 -3.26 1.28 -20.42
N ILE D 359 -3.21 2.61 -20.30
CA ILE D 359 -2.08 3.37 -20.77
C ILE D 359 -0.82 2.98 -19.99
N LYS D 360 -0.94 2.95 -18.66
CA LYS D 360 0.16 2.58 -17.78
C LYS D 360 0.65 1.16 -18.05
N GLY D 361 -0.30 0.22 -18.14
CA GLY D 361 0.05 -1.16 -18.40
C GLY D 361 0.81 -1.31 -19.70
N CYS D 362 0.47 -0.50 -20.70
CA CYS D 362 1.05 -0.61 -22.03
C CYS D 362 2.47 -0.07 -22.08
N TYR D 363 2.71 1.08 -21.44
CA TYR D 363 4.06 1.62 -21.27
C TYR D 363 4.93 0.63 -20.48
N LEU D 364 4.49 0.22 -19.30
CA LEU D 364 5.33 -0.68 -18.50
C LEU D 364 5.67 -1.97 -19.24
N GLU D 365 4.74 -2.43 -20.07
CA GLU D 365 4.93 -3.66 -20.81
C GLU D 365 5.92 -3.54 -21.98
N LYS D 366 5.87 -2.44 -22.74
CA LYS D 366 6.83 -2.25 -23.83
C LYS D 366 8.23 -1.99 -23.27
N LEU D 367 8.31 -1.23 -22.18
CA LEU D 367 9.57 -0.91 -21.53
C LEU D 367 10.23 -2.12 -20.88
N ARG D 368 9.43 -2.97 -20.21
CA ARG D 368 9.98 -4.12 -19.45
C ARG D 368 10.55 -5.17 -20.37
N GLU D 369 9.89 -5.27 -21.52
CA GLU D 369 10.24 -6.21 -22.57
C GLU D 369 11.56 -5.79 -23.19
N PHE D 370 11.67 -4.50 -23.49
CA PHE D 370 12.89 -3.93 -24.02
C PHE D 370 14.05 -4.00 -23.01
N LEU D 371 13.79 -3.71 -21.75
CA LEU D 371 14.81 -3.80 -20.69
C LEU D 371 15.14 -5.27 -20.27
N ARG D 372 14.34 -6.24 -20.73
CA ARG D 372 14.62 -7.68 -20.49
C ARG D 372 15.95 -8.10 -21.12
N GLY D 373 16.17 -7.62 -22.35
CA GLY D 373 17.47 -7.83 -23.02
C GLY D 373 17.42 -7.42 -24.48
O3P C5P E . -9.58 -17.15 15.93
P C5P E . -8.83 -18.12 15.05
O1P C5P E . -7.31 -17.72 14.96
O2P C5P E . -8.92 -19.48 15.65
O5' C5P E . -9.42 -18.08 13.68
C5' C5P E . -10.80 -18.12 13.45
C4' C5P E . -11.13 -17.31 12.19
O4' C5P E . -12.59 -17.43 11.94
C3' C5P E . -10.91 -15.82 12.40
O3' C5P E . -10.65 -15.23 11.12
C2' C5P E . -12.25 -15.26 12.92
O2' C5P E . -12.51 -13.98 12.34
C1' C5P E . -13.28 -16.15 12.22
N1 C5P E . -14.65 -16.34 12.84
C2 C5P E . -15.81 -15.92 12.15
N3 C5P E . -17.06 -16.12 12.70
C4 C5P E . -17.13 -16.72 13.94
C5 C5P E . -16.03 -17.11 14.69
C6 C5P E . -14.77 -16.93 14.11
O2 C5P E . -15.75 -15.39 11.05
N4 C5P E . -18.38 -16.83 14.36
OH2 1PE F . 0.70 -44.19 2.20
C12 1PE F . 0.96 -43.34 3.37
C22 1PE F . 1.65 -44.05 4.56
OH3 1PE F . 2.25 -43.20 5.62
C13 1PE F . 4.28 -41.80 6.01
C23 1PE F . 3.69 -43.11 5.53
OH4 1PE F . 4.96 -41.15 4.94
C14 1PE F . 4.79 -38.89 4.18
C24 1PE F . 4.04 -40.14 4.53
OH5 1PE F . 4.00 -37.85 4.76
C15 1PE F . 3.36 -36.59 6.70
C25 1PE F . 4.36 -37.57 6.12
OH6 1PE F . 3.20 -36.65 8.13
C16 1PE F . 1.22 -36.99 9.24
C26 1PE F . 2.30 -37.68 8.50
OH7 1PE F . 0.13 -37.91 9.16
OH2 1PE G . 5.48 -30.52 12.85
C12 1PE G . 6.25 -31.27 11.91
C22 1PE G . 5.97 -32.77 12.10
OH3 1PE G . 7.19 -33.31 11.55
C13 1PE G . 9.20 -34.54 12.09
C23 1PE G . 7.80 -34.23 12.48
OH4 1PE G . 10.17 -33.62 12.65
C14 1PE G . 12.17 -33.29 11.25
C24 1PE G . 11.50 -34.11 12.34
OH5 1PE G . 11.76 -31.95 11.57
C15 1PE G . 11.34 -29.70 11.13
C25 1PE G . 11.98 -30.97 10.53
OH6 1PE G . 12.29 -28.74 11.64
C16 1PE G . 13.59 -27.96 13.63
C26 1PE G . 12.23 -28.46 13.08
OH7 1PE G . 14.35 -28.57 14.75
C1 CIT H . -19.72 -25.95 22.36
O1 CIT H . -19.46 -26.34 21.19
O2 CIT H . -19.84 -26.77 23.31
C2 CIT H . -19.89 -24.48 22.61
C3 CIT H . -18.58 -23.78 22.99
O7 CIT H . -17.53 -24.05 22.05
C4 CIT H . -18.82 -22.28 23.05
C5 CIT H . -18.78 -21.58 21.69
O3 CIT H . -19.45 -20.56 21.41
O4 CIT H . -18.04 -22.06 20.81
C6 CIT H . -18.11 -24.31 24.32
O5 CIT H . -18.92 -24.68 25.19
O6 CIT H . -16.89 -24.39 24.59
C1 CIT I . -2.73 -41.37 -3.88
O1 CIT I . -3.16 -41.51 -5.04
O2 CIT I . -3.43 -41.80 -2.91
C2 CIT I . -1.35 -40.75 -3.69
C3 CIT I . -0.58 -41.49 -2.55
O7 CIT I . -1.01 -40.60 -1.45
C4 CIT I . -1.07 -42.90 -2.21
C5 CIT I . -1.56 -43.16 -0.80
O3 CIT I . -1.77 -44.38 -0.54
O4 CIT I . -1.74 -42.26 0.09
C6 CIT I . 0.95 -41.75 -2.92
O5 CIT I . 1.60 -42.62 -2.23
O6 CIT I . 1.61 -41.16 -3.90
O3P C5P J . 4.02 44.30 -12.66
P C5P J . 4.67 43.42 -13.73
O1P C5P J . 6.16 43.66 -13.77
O2P C5P J . 4.37 41.93 -13.36
O5' C5P J . 4.13 43.73 -15.08
C5' C5P J . 3.07 44.65 -15.22
C4' C5P J . 3.12 45.47 -16.54
O4' C5P J . 1.81 45.53 -17.15
C3' C5P J . 3.42 46.92 -16.21
O3' C5P J . 3.94 47.57 -17.38
C2' C5P J . 2.05 47.51 -15.82
O2' C5P J . 1.95 48.91 -16.13
C1' C5P J . 1.13 46.79 -16.76
N1 C5P J . -0.31 46.57 -16.36
C2 C5P J . -1.31 47.26 -17.05
N3 C5P J . -2.65 47.08 -16.74
C4 C5P J . -2.99 46.18 -15.71
C5 C5P J . -2.02 45.49 -15.00
C6 C5P J . -0.67 45.69 -15.33
O2 C5P J . -1.00 48.04 -17.95
N4 C5P J . -4.30 46.03 -15.41
OH2 1PE K . 17.20 28.27 -18.58
C12 1PE K . 18.50 27.71 -18.76
C22 1PE K . 18.34 26.21 -18.53
OH3 1PE K . 19.52 25.51 -18.88
C13 1PE K . 21.76 25.20 -18.35
C23 1PE K . 20.65 26.21 -18.43
OH4 1PE K . 22.97 25.85 -17.90
C14 1PE K . 23.34 27.95 -18.70
C24 1PE K . 23.63 26.53 -18.98
OH5 1PE K . 24.30 28.68 -19.43
C15 1PE K . 23.50 30.61 -18.06
C25 1PE K . 23.87 30.04 -19.43
OH6 1PE K . 24.47 30.14 -17.15
C16 1PE K . 25.56 30.09 -15.05
C26 1PE K . 24.79 31.01 -16.01
OH7 1PE K . 26.14 30.53 -13.79
C1 CIT L . 10.51 24.49 -36.78
O1 CIT L . 10.32 25.70 -37.02
O2 CIT L . 9.54 23.69 -36.85
C2 CIT L . 11.91 24.06 -36.39
C3 CIT L . 11.86 23.20 -35.15
O7 CIT L . 11.37 24.08 -34.10
C4 CIT L . 10.74 22.19 -35.36
C5 CIT L . 10.43 21.50 -34.08
O3 CIT L . 10.40 20.24 -34.15
O4 CIT L . 10.22 22.16 -33.03
C6 CIT L . 13.23 22.47 -34.87
O5 CIT L . 13.52 22.02 -33.71
O6 CIT L . 14.09 22.33 -35.79
C1 BME M . 29.20 22.14 -38.44
C2 BME M . 27.96 22.40 -37.61
O1 BME M . 29.55 23.30 -39.17
S2 BME M . 27.08 20.85 -37.35
CL CL N . 33.78 18.64 -30.77
O3P C5P O . -14.86 -38.68 22.94
P C5P O . -13.31 -38.63 22.83
O1P C5P O . -12.82 -39.83 22.02
O2P C5P O . -12.91 -37.38 22.14
O5' C5P O . -12.68 -38.70 24.16
C5' C5P O . -13.08 -38.00 25.27
C4' C5P O . -12.68 -38.83 26.49
O4' C5P O . -12.92 -38.04 27.72
C3' C5P O . -13.59 -40.04 26.62
O3' C5P O . -12.92 -40.99 27.46
C2' C5P O . -14.83 -39.49 27.35
O2' C5P O . -15.43 -40.52 28.13
C1' C5P O . -14.18 -38.52 28.36
N1 C5P O . -14.96 -37.33 28.88
C2 C5P O . -15.10 -37.13 30.29
N3 C5P O . -15.79 -36.04 30.77
C4 C5P O . -16.35 -35.15 29.87
C5 C5P O . -16.23 -35.32 28.50
C6 C5P O . -15.52 -36.41 27.99
O2 C5P O . -14.60 -37.93 31.08
N4 C5P O . -17.02 -34.11 30.38
C1 CIT P . 15.04 -28.54 18.48
O1 CIT P . 13.87 -28.92 18.20
O2 CIT P . 15.64 -27.66 17.83
C2 CIT P . 15.81 -29.06 19.65
C3 CIT P . 15.66 -30.55 19.80
O7 CIT P . 14.35 -31.04 19.38
C4 CIT P . 16.81 -31.23 19.06
C5 CIT P . 16.83 -31.26 17.55
O3 CIT P . 15.84 -31.01 16.79
O4 CIT P . 17.92 -31.62 17.05
C6 CIT P . 15.84 -30.87 21.27
O5 CIT P . 15.67 -32.06 21.65
O6 CIT P . 16.18 -29.97 22.09
C1 BME Q . 25.63 -42.75 9.38
C2 BME Q . 24.32 -42.21 9.92
O1 BME Q . 26.23 -43.55 10.38
S2 BME Q . 24.13 -40.47 9.54
C1 BME R . 28.60 -48.60 9.67
C2 BME R . 27.38 -49.36 10.22
O1 BME R . 29.78 -49.37 9.95
S2 BME R . 25.89 -48.37 9.88
O3P C5P S . -5.37 22.61 -11.85
P C5P S . -3.80 22.49 -11.97
O1P C5P S . -3.42 21.41 -12.96
O2P C5P S . -3.23 23.82 -12.52
O5' C5P S . -3.21 22.13 -10.63
C5' C5P S . -3.62 22.64 -9.42
C4' C5P S . -3.51 21.54 -8.35
O4' C5P S . -3.77 22.15 -7.02
C3' C5P S . -4.59 20.45 -8.50
O3' C5P S . -4.14 19.25 -7.88
C2' C5P S . -5.76 21.01 -7.69
O2' C5P S . -6.56 19.94 -7.17
C1' C5P S . -5.03 21.64 -6.50
N1 C5P S . -5.79 22.75 -5.86
C2 C5P S . -6.04 22.69 -4.47
N3 C5P S . -6.74 23.74 -3.85
C4 C5P S . -7.23 24.83 -4.60
C5 C5P S . -6.97 24.88 -5.97
C6 C5P S . -6.26 23.86 -6.60
O2 C5P S . -5.62 21.73 -3.83
N4 C5P S . -7.91 25.83 -4.02
OH2 1PE T . 13.42 24.40 -23.22
C12 1PE T . 14.45 24.02 -24.14
C22 1PE T . 15.35 25.24 -24.29
OH3 1PE T . 15.77 25.42 -25.67
C13 1PE T . 16.52 24.11 -27.57
C23 1PE T . 16.65 24.37 -26.10
OH4 1PE T . 16.08 22.77 -27.66
C14 1PE T . 16.63 20.53 -27.21
C24 1PE T . 17.15 21.83 -27.78
OH5 1PE T . 15.24 20.45 -27.58
C15 1PE T . 13.15 19.29 -27.32
C25 1PE T . 14.61 19.38 -26.91
OH6 1PE T . 12.99 19.81 -28.62
C16 1PE T . 12.36 19.93 -30.78
C26 1PE T . 12.46 18.94 -29.60
OH7 1PE T . 11.82 19.46 -32.03
C1 CIT U . 28.40 25.72 -12.01
O1 CIT U . 29.53 26.22 -11.93
O2 CIT U . 28.37 24.44 -12.03
C2 CIT U . 27.18 26.62 -12.06
C3 CIT U . 26.54 27.01 -10.68
O7 CIT U . 25.36 26.21 -10.38
C4 CIT U . 27.49 26.95 -9.47
C5 CIT U . 26.93 26.33 -8.18
O3 CIT U . 27.36 26.65 -7.04
O4 CIT U . 26.03 25.44 -8.24
C6 CIT U . 26.04 28.45 -10.85
O5 CIT U . 24.81 28.63 -10.91
O6 CIT U . 26.83 29.42 -10.94
C1 BME V . 35.54 16.07 -20.71
C2 BME V . 34.79 17.02 -21.63
O1 BME V . 36.25 15.04 -21.37
S2 BME V . 35.29 18.77 -21.43
#